data_5K7E
# 
_entry.id   5K7E 
# 
_audit_conform.dict_name       mmcif_pdbx.dic 
_audit_conform.dict_version    5.379 
_audit_conform.dict_location   http://mmcif.pdb.org/dictionaries/ascii/mmcif_pdbx.dic 
# 
loop_
_database_2.database_id 
_database_2.database_code 
_database_2.pdbx_database_accession 
_database_2.pdbx_DOI 
PDB   5K7E         pdb_00005k7e 10.2210/pdb5k7e/pdb 
WWPDB D_1000221854 ?            ?                   
# 
loop_
_pdbx_database_related.content_type 
_pdbx_database_related.db_id 
_pdbx_database_related.db_name 
_pdbx_database_related.details 
unspecified 5K7C PDB . 
unspecified 5K7D PDB . 
# 
_pdbx_database_status.status_code                     REL 
_pdbx_database_status.status_code_sf                  REL 
_pdbx_database_status.status_code_mr                  ? 
_pdbx_database_status.entry_id                        5K7E 
_pdbx_database_status.recvd_initial_deposition_date   2016-05-26 
_pdbx_database_status.SG_entry                        N 
_pdbx_database_status.deposit_site                    RCSB 
_pdbx_database_status.process_site                    RCSB 
_pdbx_database_status.status_code_cs                  ? 
_pdbx_database_status.methods_development_category    ? 
_pdbx_database_status.pdb_format_compatible           Y 
_pdbx_database_status.status_code_nmr_data            ? 
# 
loop_
_audit_author.name 
_audit_author.pdbx_ordinal 
'Ren, A.'   1 
'Patel, D.' 2 
# 
_citation.abstract                  ? 
_citation.abstract_id_CAS           ? 
_citation.book_id_ISBN              ? 
_citation.book_publisher            ? 
_citation.book_publisher_city       ? 
_citation.book_title                ? 
_citation.coordinate_linkage        ? 
_citation.country                   US 
_citation.database_id_Medline       ? 
_citation.details                   ? 
_citation.id                        primary 
_citation.journal_abbrev            Nat.Chem.Biol. 
_citation.journal_id_ASTM           ? 
_citation.journal_id_CSD            ? 
_citation.journal_id_ISSN           1552-4469 
_citation.journal_full              ? 
_citation.journal_issue             ? 
_citation.journal_volume            12 
_citation.language                  ? 
_citation.page_first                702 
_citation.page_last                 708 
_citation.title                     'Pistol ribozyme adopts a pseudoknot fold facilitating site-specific in-line cleavage.' 
_citation.year                      2016 
_citation.database_id_CSD           ? 
_citation.pdbx_database_id_DOI      10.1038/nchembio.2125 
_citation.pdbx_database_id_PubMed   27398999 
_citation.unpublished_flag          ? 
# 
loop_
_citation_author.citation_id 
_citation_author.name 
_citation_author.ordinal 
_citation_author.identifier_ORCID 
primary 'Ren, A.'          1 ? 
primary 'Vusurovic, N.'    2 ? 
primary 'Gebetsberger, J.' 3 ? 
primary 'Gao, P.'          4 ? 
primary 'Juen, M.'         5 ? 
primary 'Kreutz, C.'       6 ? 
primary 'Micura, R.'       7 ? 
primary 'Patel, D.J.'      8 ? 
# 
_cell.angle_alpha                  90.00 
_cell.angle_alpha_esd              ? 
_cell.angle_beta                   90.00 
_cell.angle_beta_esd               ? 
_cell.angle_gamma                  120.00 
_cell.angle_gamma_esd              ? 
_cell.entry_id                     5K7E 
_cell.details                      ? 
_cell.formula_units_Z              ? 
_cell.length_a                     55.986 
_cell.length_a_esd                 ? 
_cell.length_b                     55.986 
_cell.length_b_esd                 ? 
_cell.length_c                     89.460 
_cell.length_c_esd                 ? 
_cell.volume                       ? 
_cell.volume_esd                   ? 
_cell.Z_PDB                        6 
_cell.reciprocal_angle_alpha       ? 
_cell.reciprocal_angle_beta        ? 
_cell.reciprocal_angle_gamma       ? 
_cell.reciprocal_angle_alpha_esd   ? 
_cell.reciprocal_angle_beta_esd    ? 
_cell.reciprocal_angle_gamma_esd   ? 
_cell.reciprocal_length_a          ? 
_cell.reciprocal_length_b          ? 
_cell.reciprocal_length_c          ? 
_cell.reciprocal_length_a_esd      ? 
_cell.reciprocal_length_b_esd      ? 
_cell.reciprocal_length_c_esd      ? 
_cell.pdbx_unique_axis             ? 
# 
_symmetry.entry_id                         5K7E 
_symmetry.cell_setting                     ? 
_symmetry.Int_Tables_number                154 
_symmetry.space_group_name_Hall            ? 
_symmetry.space_group_name_H-M             'P 32 2 1' 
_symmetry.pdbx_full_space_group_name_H-M   ? 
# 
loop_
_entity.id 
_entity.type 
_entity.src_method 
_entity.pdbx_description 
_entity.formula_weight 
_entity.pdbx_number_of_molecules 
_entity.pdbx_ec 
_entity.pdbx_mutation 
_entity.pdbx_fragment 
_entity.details 
1 polymer     syn 'RNA 47-MER'         15096.936 1 ? ? ? ? 
2 polymer     syn 'DNA/RNA 11-MER'     3514.178  1 ? ? ? ? 
3 non-polymer syn 'MANGANESE (II) ION' 54.938    2 ? ? ? ? 
4 water       nat water                18.015    2 ? ? ? ? 
# 
loop_
_entity_poly.entity_id 
_entity_poly.type 
_entity_poly.nstd_linkage 
_entity_poly.nstd_monomer 
_entity_poly.pdbx_seq_one_letter_code 
_entity_poly.pdbx_seq_one_letter_code_can 
_entity_poly.pdbx_strand_id 
_entity_poly.pdbx_target_identifier 
1 'polydeoxyribonucleotide/polyribonucleotide hybrid' no no CGUGGUUAGGGCCACGUUAAAUAGUUGCUUAAGCCCUAAGCGUUGAU 
CGUGGUUAGGGCCACGUUAAAUAGUUGCUUAAGCCCUAAGCGUUGAU A ? 
2 'polydeoxyribonucleotide/polyribonucleotide hybrid' no no 'AUCAG(DG)UGCAA'                                AUCAGGUGCAA B ? 
# 
loop_
_entity_poly_seq.entity_id 
_entity_poly_seq.num 
_entity_poly_seq.mon_id 
_entity_poly_seq.hetero 
1 1  C  n 
1 2  G  n 
1 3  U  n 
1 4  G  n 
1 5  G  n 
1 6  U  n 
1 7  U  n 
1 8  A  n 
1 9  G  n 
1 10 G  n 
1 11 G  n 
1 12 C  n 
1 13 C  n 
1 14 A  n 
1 15 C  n 
1 16 G  n 
1 17 U  n 
1 18 U  n 
1 19 A  n 
1 20 A  n 
1 21 A  n 
1 22 U  n 
1 23 A  n 
1 24 G  n 
1 25 U  n 
1 26 U  n 
1 27 G  n 
1 28 C  n 
1 29 U  n 
1 30 U  n 
1 31 A  n 
1 32 A  n 
1 33 G  n 
1 34 C  n 
1 35 C  n 
1 36 C  n 
1 37 U  n 
1 38 A  n 
1 39 A  n 
1 40 G  n 
1 41 C  n 
1 42 G  n 
1 43 U  n 
1 44 U  n 
1 45 G  n 
1 46 A  n 
1 47 U  n 
2 1  A  n 
2 2  U  n 
2 3  C  n 
2 4  A  n 
2 5  G  n 
2 6  DG n 
2 7  U  n 
2 8  G  n 
2 9  C  n 
2 10 A  n 
2 11 A  n 
# 
loop_
_pdbx_entity_src_syn.entity_id 
_pdbx_entity_src_syn.pdbx_src_id 
_pdbx_entity_src_syn.pdbx_alt_source_flag 
_pdbx_entity_src_syn.pdbx_beg_seq_num 
_pdbx_entity_src_syn.pdbx_end_seq_num 
_pdbx_entity_src_syn.organism_scientific 
_pdbx_entity_src_syn.organism_common_name 
_pdbx_entity_src_syn.ncbi_taxonomy_id 
_pdbx_entity_src_syn.details 
1 1 sample 1 47 'synthetic construct' ? 32630 ? 
2 1 sample 1 11 'synthetic construct' ? 32630 ? 
# 
loop_
_struct_ref.id 
_struct_ref.db_name 
_struct_ref.db_code 
_struct_ref.pdbx_db_accession 
_struct_ref.pdbx_db_isoform 
_struct_ref.entity_id 
_struct_ref.pdbx_seq_one_letter_code 
_struct_ref.pdbx_align_begin 
1 PDB 5K7E 5K7E ? 1 ? 1 
2 PDB 5K7E 5K7E ? 2 ? 1 
# 
loop_
_struct_ref_seq.align_id 
_struct_ref_seq.ref_id 
_struct_ref_seq.pdbx_PDB_id_code 
_struct_ref_seq.pdbx_strand_id 
_struct_ref_seq.seq_align_beg 
_struct_ref_seq.pdbx_seq_align_beg_ins_code 
_struct_ref_seq.seq_align_end 
_struct_ref_seq.pdbx_seq_align_end_ins_code 
_struct_ref_seq.pdbx_db_accession 
_struct_ref_seq.db_align_beg 
_struct_ref_seq.pdbx_db_align_beg_ins_code 
_struct_ref_seq.db_align_end 
_struct_ref_seq.pdbx_db_align_end_ins_code 
_struct_ref_seq.pdbx_auth_seq_align_beg 
_struct_ref_seq.pdbx_auth_seq_align_end 
1 1 5K7E A 1 ? 47 ? 5K7E 1  ? 47 ? 1  47 
2 2 5K7E B 1 ? 11 ? 5K7E 48 ? 58 ? 48 58 
# 
loop_
_chem_comp.id 
_chem_comp.type 
_chem_comp.mon_nstd_flag 
_chem_comp.name 
_chem_comp.pdbx_synonyms 
_chem_comp.formula 
_chem_comp.formula_weight 
A   'RNA linking' y "ADENOSINE-5'-MONOPHOSPHATE"         ? 'C10 H14 N5 O7 P' 347.221 
C   'RNA linking' y "CYTIDINE-5'-MONOPHOSPHATE"          ? 'C9 H14 N3 O8 P'  323.197 
DG  'DNA linking' y "2'-DEOXYGUANOSINE-5'-MONOPHOSPHATE" ? 'C10 H14 N5 O7 P' 347.221 
G   'RNA linking' y "GUANOSINE-5'-MONOPHOSPHATE"         ? 'C10 H14 N5 O8 P' 363.221 
HOH non-polymer   . WATER                                ? 'H2 O'            18.015  
MN  non-polymer   . 'MANGANESE (II) ION'                 ? 'Mn 2'            54.938  
U   'RNA linking' y "URIDINE-5'-MONOPHOSPHATE"           ? 'C9 H13 N2 O9 P'  324.181 
# 
_exptl.absorpt_coefficient_mu     ? 
_exptl.absorpt_correction_T_max   ? 
_exptl.absorpt_correction_T_min   ? 
_exptl.absorpt_correction_type    ? 
_exptl.absorpt_process_details    ? 
_exptl.entry_id                   5K7E 
_exptl.crystals_number            1 
_exptl.details                    ? 
_exptl.method                     'X-RAY DIFFRACTION' 
_exptl.method_details             ? 
# 
_exptl_crystal.colour                      ? 
_exptl_crystal.density_diffrn              ? 
_exptl_crystal.density_Matthews            2.17 
_exptl_crystal.density_method              ? 
_exptl_crystal.density_percent_sol         43.25 
_exptl_crystal.description                 ? 
_exptl_crystal.F_000                       ? 
_exptl_crystal.id                          1 
_exptl_crystal.preparation                 ? 
_exptl_crystal.size_max                    ? 
_exptl_crystal.size_mid                    ? 
_exptl_crystal.size_min                    ? 
_exptl_crystal.size_rad                    ? 
_exptl_crystal.colour_lustre               ? 
_exptl_crystal.colour_modifier             ? 
_exptl_crystal.colour_primary              ? 
_exptl_crystal.density_meas                ? 
_exptl_crystal.density_meas_esd            ? 
_exptl_crystal.density_meas_gt             ? 
_exptl_crystal.density_meas_lt             ? 
_exptl_crystal.density_meas_temp           ? 
_exptl_crystal.density_meas_temp_esd       ? 
_exptl_crystal.density_meas_temp_gt        ? 
_exptl_crystal.density_meas_temp_lt        ? 
_exptl_crystal.pdbx_crystal_image_url      ? 
_exptl_crystal.pdbx_crystal_image_format   ? 
_exptl_crystal.pdbx_mosaicity              ? 
_exptl_crystal.pdbx_mosaicity_esd          ? 
# 
_exptl_crystal_grow.apparatus       ? 
_exptl_crystal_grow.atmosphere      ? 
_exptl_crystal_grow.crystal_id      1 
_exptl_crystal_grow.details         ? 
_exptl_crystal_grow.method          'VAPOR DIFFUSION, SITTING DROP' 
_exptl_crystal_grow.method_ref      ? 
_exptl_crystal_grow.pH              ? 
_exptl_crystal_grow.pressure        ? 
_exptl_crystal_grow.pressure_esd    ? 
_exptl_crystal_grow.seeding         ? 
_exptl_crystal_grow.seeding_ref     ? 
_exptl_crystal_grow.temp            277 
_exptl_crystal_grow.temp_details    ? 
_exptl_crystal_grow.temp_esd        ? 
_exptl_crystal_grow.time            ? 
_exptl_crystal_grow.pdbx_details    
'containing  0.1 M Na-cacodylate, pH 6.5, 0.05 M Mg(OAc)2 and 32% MPD and supplemented with 150 mM MnCl2' 
_exptl_crystal_grow.pdbx_pH_range   ? 
# 
_diffrn.ambient_environment    ? 
_diffrn.ambient_temp           100 
_diffrn.ambient_temp_details   ? 
_diffrn.ambient_temp_esd       ? 
_diffrn.crystal_id             1 
_diffrn.crystal_support        ? 
_diffrn.crystal_treatment      ? 
_diffrn.details                ? 
_diffrn.id                     1 
_diffrn.ambient_pressure       ? 
_diffrn.ambient_pressure_esd   ? 
_diffrn.ambient_pressure_gt    ? 
_diffrn.ambient_pressure_lt    ? 
_diffrn.ambient_temp_gt        ? 
_diffrn.ambient_temp_lt        ? 
# 
_diffrn_detector.details                      ? 
_diffrn_detector.detector                     PIXEL 
_diffrn_detector.diffrn_id                    1 
_diffrn_detector.type                         'DECTRIS PILATUS 6M-F' 
_diffrn_detector.area_resol_mean              ? 
_diffrn_detector.dtime                        ? 
_diffrn_detector.pdbx_frames_total            ? 
_diffrn_detector.pdbx_collection_time_total   ? 
_diffrn_detector.pdbx_collection_date         2016-03-22 
# 
_diffrn_radiation.collimation                      ? 
_diffrn_radiation.diffrn_id                        1 
_diffrn_radiation.filter_edge                      ? 
_diffrn_radiation.inhomogeneity                    ? 
_diffrn_radiation.monochromator                    ? 
_diffrn_radiation.polarisn_norm                    ? 
_diffrn_radiation.polarisn_ratio                   ? 
_diffrn_radiation.probe                            ? 
_diffrn_radiation.type                             ? 
_diffrn_radiation.xray_symbol                      ? 
_diffrn_radiation.wavelength_id                    1 
_diffrn_radiation.pdbx_monochromatic_or_laue_m_l   M 
_diffrn_radiation.pdbx_wavelength_list             ? 
_diffrn_radiation.pdbx_wavelength                  ? 
_diffrn_radiation.pdbx_diffrn_protocol             'SINGLE WAVELENGTH' 
_diffrn_radiation.pdbx_analyzer                    ? 
_diffrn_radiation.pdbx_scattering_type             x-ray 
# 
_diffrn_radiation_wavelength.id           1 
_diffrn_radiation_wavelength.wavelength   1.7712 
_diffrn_radiation_wavelength.wt           1.0 
# 
_diffrn_source.current                     ? 
_diffrn_source.details                     ? 
_diffrn_source.diffrn_id                   1 
_diffrn_source.power                       ? 
_diffrn_source.size                        ? 
_diffrn_source.source                      SYNCHROTRON 
_diffrn_source.target                      ? 
_diffrn_source.type                        'APS BEAMLINE 24-ID-C' 
_diffrn_source.voltage                     ? 
_diffrn_source.take-off_angle              ? 
_diffrn_source.pdbx_wavelength_list        1.7712 
_diffrn_source.pdbx_wavelength             ? 
_diffrn_source.pdbx_synchrotron_beamline   24-ID-C 
_diffrn_source.pdbx_synchrotron_site       APS 
# 
_reflns.B_iso_Wilson_estimate            ? 
_reflns.entry_id                         5K7E 
_reflns.data_reduction_details           ? 
_reflns.data_reduction_method            ? 
_reflns.d_resolution_high                3.27 
_reflns.d_resolution_low                 89.5 
_reflns.details                          ? 
_reflns.limit_h_max                      ? 
_reflns.limit_h_min                      ? 
_reflns.limit_k_max                      ? 
_reflns.limit_k_min                      ? 
_reflns.limit_l_max                      ? 
_reflns.limit_l_min                      ? 
_reflns.number_all                       ? 
_reflns.number_obs                       3743 
_reflns.observed_criterion               ? 
_reflns.observed_criterion_F_max         ? 
_reflns.observed_criterion_F_min         ? 
_reflns.observed_criterion_I_max         ? 
_reflns.observed_criterion_I_min         ? 
_reflns.observed_criterion_sigma_F       ? 
_reflns.observed_criterion_sigma_I       ? 
_reflns.percent_possible_obs             95.7 
_reflns.R_free_details                   ? 
_reflns.Rmerge_F_all                     ? 
_reflns.Rmerge_F_obs                     ? 
_reflns.Friedel_coverage                 ? 
_reflns.number_gt                        ? 
_reflns.threshold_expression             ? 
_reflns.pdbx_redundancy                  3.1 
_reflns.pdbx_Rmerge_I_obs                ? 
_reflns.pdbx_Rmerge_I_all                ? 
_reflns.pdbx_Rsym_value                  ? 
_reflns.pdbx_netI_over_av_sigmaI         ? 
_reflns.pdbx_netI_over_sigmaI            9.4 
_reflns.pdbx_res_netI_over_av_sigmaI_2   ? 
_reflns.pdbx_res_netI_over_sigmaI_2      ? 
_reflns.pdbx_chi_squared                 ? 
_reflns.pdbx_scaling_rejects             ? 
_reflns.pdbx_d_res_high_opt              ? 
_reflns.pdbx_d_res_low_opt               ? 
_reflns.pdbx_d_res_opt_method            ? 
_reflns.phase_calculation_details        ? 
_reflns.pdbx_Rrim_I_all                  ? 
_reflns.pdbx_Rpim_I_all                  ? 
_reflns.pdbx_d_opt                       ? 
_reflns.pdbx_number_measured_all         ? 
_reflns.pdbx_diffrn_id                   1 
_reflns.pdbx_ordinal                     1 
_reflns.pdbx_CC_half                     ? 
_reflns.pdbx_R_split                     ? 
# 
_reflns_shell.d_res_high                  3.27 
_reflns_shell.d_res_low                   3.53 
_reflns_shell.meanI_over_sigI_all         ? 
_reflns_shell.meanI_over_sigI_obs         1.1 
_reflns_shell.number_measured_all         ? 
_reflns_shell.number_measured_obs         ? 
_reflns_shell.number_possible             ? 
_reflns_shell.number_unique_all           ? 
_reflns_shell.number_unique_obs           ? 
_reflns_shell.percent_possible_all        ? 
_reflns_shell.percent_possible_obs        98.5 
_reflns_shell.Rmerge_F_all                ? 
_reflns_shell.Rmerge_F_obs                ? 
_reflns_shell.Rmerge_I_all                ? 
_reflns_shell.Rmerge_I_obs                ? 
_reflns_shell.meanI_over_sigI_gt          ? 
_reflns_shell.meanI_over_uI_all           ? 
_reflns_shell.meanI_over_uI_gt            ? 
_reflns_shell.number_measured_gt          ? 
_reflns_shell.number_unique_gt            ? 
_reflns_shell.percent_possible_gt         ? 
_reflns_shell.Rmerge_F_gt                 ? 
_reflns_shell.Rmerge_I_gt                 ? 
_reflns_shell.pdbx_redundancy             3.2 
_reflns_shell.pdbx_Rsym_value             ? 
_reflns_shell.pdbx_chi_squared            ? 
_reflns_shell.pdbx_netI_over_sigmaI_all   ? 
_reflns_shell.pdbx_netI_over_sigmaI_obs   ? 
_reflns_shell.pdbx_Rrim_I_all             ? 
_reflns_shell.pdbx_Rpim_I_all             0.589 
_reflns_shell.pdbx_rejects                ? 
_reflns_shell.pdbx_ordinal                1 
_reflns_shell.pdbx_diffrn_id              1 
_reflns_shell.pdbx_CC_half                ? 
_reflns_shell.pdbx_R_split                ? 
# 
_refine.aniso_B[1][1]                            ? 
_refine.aniso_B[1][2]                            ? 
_refine.aniso_B[1][3]                            ? 
_refine.aniso_B[2][2]                            ? 
_refine.aniso_B[2][3]                            ? 
_refine.aniso_B[3][3]                            ? 
_refine.B_iso_max                                ? 
_refine.B_iso_mean                               ? 
_refine.B_iso_min                                ? 
_refine.correlation_coeff_Fo_to_Fc               ? 
_refine.correlation_coeff_Fo_to_Fc_free          ? 
_refine.details                                  ? 
_refine.diff_density_max                         ? 
_refine.diff_density_max_esd                     ? 
_refine.diff_density_min                         ? 
_refine.diff_density_min_esd                     ? 
_refine.diff_density_rms                         ? 
_refine.diff_density_rms_esd                     ? 
_refine.entry_id                                 5K7E 
_refine.pdbx_refine_id                           'X-RAY DIFFRACTION' 
_refine.ls_abs_structure_details                 ? 
_refine.ls_abs_structure_Flack                   ? 
_refine.ls_abs_structure_Flack_esd               ? 
_refine.ls_abs_structure_Rogers                  ? 
_refine.ls_abs_structure_Rogers_esd              ? 
_refine.ls_d_res_high                            3.27 
_refine.ls_d_res_low                             48.5 
_refine.ls_extinction_coef                       ? 
_refine.ls_extinction_coef_esd                   ? 
_refine.ls_extinction_expression                 ? 
_refine.ls_extinction_method                     ? 
_refine.ls_goodness_of_fit_all                   ? 
_refine.ls_goodness_of_fit_all_esd               ? 
_refine.ls_goodness_of_fit_obs                   ? 
_refine.ls_goodness_of_fit_obs_esd               ? 
_refine.ls_hydrogen_treatment                    ? 
_refine.ls_matrix_type                           ? 
_refine.ls_number_constraints                    ? 
_refine.ls_number_parameters                     ? 
_refine.ls_number_reflns_all                     ? 
_refine.ls_number_reflns_obs                     3743 
_refine.ls_number_reflns_R_free                  194 
_refine.ls_number_reflns_R_work                  ? 
_refine.ls_number_restraints                     ? 
_refine.ls_percent_reflns_obs                    95.7 
_refine.ls_percent_reflns_R_free                 ? 
_refine.ls_R_factor_all                          ? 
_refine.ls_R_factor_obs                          ? 
_refine.ls_R_factor_R_free                       0.29 
_refine.ls_R_factor_R_free_error                 ? 
_refine.ls_R_factor_R_free_error_details         ? 
_refine.ls_R_factor_R_work                       0.24 
_refine.ls_R_Fsqd_factor_obs                     ? 
_refine.ls_R_I_factor_obs                        ? 
_refine.ls_redundancy_reflns_all                 ? 
_refine.ls_redundancy_reflns_obs                 ? 
_refine.ls_restrained_S_all                      ? 
_refine.ls_restrained_S_obs                      ? 
_refine.ls_shift_over_esd_max                    ? 
_refine.ls_shift_over_esd_mean                   ? 
_refine.ls_structure_factor_coef                 ? 
_refine.ls_weighting_details                     ? 
_refine.ls_weighting_scheme                      ? 
_refine.ls_wR_factor_all                         ? 
_refine.ls_wR_factor_obs                         ? 
_refine.ls_wR_factor_R_free                      ? 
_refine.ls_wR_factor_R_work                      ? 
_refine.occupancy_max                            ? 
_refine.occupancy_min                            ? 
_refine.solvent_model_details                    ? 
_refine.solvent_model_param_bsol                 ? 
_refine.solvent_model_param_ksol                 ? 
_refine.ls_R_factor_gt                           ? 
_refine.ls_goodness_of_fit_gt                    ? 
_refine.ls_goodness_of_fit_ref                   ? 
_refine.ls_shift_over_su_max                     ? 
_refine.ls_shift_over_su_max_lt                  ? 
_refine.ls_shift_over_su_mean                    ? 
_refine.ls_shift_over_su_mean_lt                 ? 
_refine.pdbx_ls_sigma_I                          ? 
_refine.pdbx_ls_sigma_F                          ? 
_refine.pdbx_ls_sigma_Fsqd                       ? 
_refine.pdbx_data_cutoff_high_absF               ? 
_refine.pdbx_data_cutoff_high_rms_absF           ? 
_refine.pdbx_data_cutoff_low_absF                ? 
_refine.pdbx_isotropic_thermal_model             ? 
_refine.pdbx_ls_cross_valid_method               'FREE R-VALUE' 
_refine.pdbx_method_to_determine_struct          'MOLECULAR REPLACEMENT' 
_refine.pdbx_starting_model                      5K7D 
_refine.pdbx_stereochemistry_target_values       ? 
_refine.pdbx_R_Free_selection_details            ? 
_refine.pdbx_stereochem_target_val_spec_case     ? 
_refine.pdbx_overall_ESU_R                       ? 
_refine.pdbx_overall_ESU_R_Free                  ? 
_refine.pdbx_solvent_vdw_probe_radii             ? 
_refine.pdbx_solvent_ion_probe_radii             ? 
_refine.pdbx_solvent_shrinkage_radii             ? 
_refine.pdbx_real_space_R                        ? 
_refine.pdbx_density_correlation                 ? 
_refine.pdbx_pd_number_of_powder_patterns        ? 
_refine.pdbx_pd_number_of_points                 ? 
_refine.pdbx_pd_meas_number_of_points            ? 
_refine.pdbx_pd_proc_ls_prof_R_factor            ? 
_refine.pdbx_pd_proc_ls_prof_wR_factor           ? 
_refine.pdbx_pd_Marquardt_correlation_coeff      ? 
_refine.pdbx_pd_Fsqrd_R_factor                   ? 
_refine.pdbx_pd_ls_matrix_band_width             ? 
_refine.pdbx_overall_phase_error                 ? 
_refine.pdbx_overall_SU_R_free_Cruickshank_DPI   ? 
_refine.pdbx_overall_SU_R_free_Blow_DPI          ? 
_refine.pdbx_overall_SU_R_Blow_DPI               ? 
_refine.pdbx_TLS_residual_ADP_flag               ? 
_refine.pdbx_diffrn_id                           1 
_refine.overall_SU_B                             ? 
_refine.overall_SU_ML                            ? 
_refine.overall_SU_R_Cruickshank_DPI             ? 
_refine.overall_SU_R_free                        ? 
_refine.overall_FOM_free_R_set                   ? 
_refine.overall_FOM_work_R_set                   ? 
_refine.pdbx_average_fsc_overall                 ? 
_refine.pdbx_average_fsc_work                    ? 
_refine.pdbx_average_fsc_free                    ? 
# 
_refine_hist.pdbx_refine_id                   'X-RAY DIFFRACTION' 
_refine_hist.cycle_id                         LAST 
_refine_hist.pdbx_number_atoms_protein        0 
_refine_hist.pdbx_number_atoms_nucleic_acid   1237 
_refine_hist.pdbx_number_atoms_ligand         2 
_refine_hist.number_atoms_solvent             2 
_refine_hist.number_atoms_total               1241 
_refine_hist.d_res_high                       3.27 
_refine_hist.d_res_low                        48.5 
# 
_struct.entry_id                     5K7E 
_struct.title                        'The structure of pistol ribozyme, soaked with Mn2+' 
_struct.pdbx_model_details           ? 
_struct.pdbx_formula_weight          ? 
_struct.pdbx_formula_weight_method   ? 
_struct.pdbx_model_type_details      ? 
_struct.pdbx_CASP_flag               N 
# 
_struct_keywords.entry_id        5K7E 
_struct_keywords.text            'ribozyme, RNA structure, pistol, RNA-DNA complex' 
_struct_keywords.pdbx_keywords   RNA/DNA 
# 
loop_
_struct_asym.id 
_struct_asym.pdbx_blank_PDB_chainid_flag 
_struct_asym.pdbx_modified 
_struct_asym.entity_id 
_struct_asym.details 
A N N 1 ? 
B N N 2 ? 
C N N 3 ? 
D N N 3 ? 
E N N 4 ? 
F N N 4 ? 
# 
loop_
_struct_conn.id 
_struct_conn.conn_type_id 
_struct_conn.pdbx_leaving_atom_flag 
_struct_conn.pdbx_PDB_id 
_struct_conn.ptnr1_label_asym_id 
_struct_conn.ptnr1_label_comp_id 
_struct_conn.ptnr1_label_seq_id 
_struct_conn.ptnr1_label_atom_id 
_struct_conn.pdbx_ptnr1_label_alt_id 
_struct_conn.pdbx_ptnr1_PDB_ins_code 
_struct_conn.pdbx_ptnr1_standard_comp_id 
_struct_conn.ptnr1_symmetry 
_struct_conn.ptnr2_label_asym_id 
_struct_conn.ptnr2_label_comp_id 
_struct_conn.ptnr2_label_seq_id 
_struct_conn.ptnr2_label_atom_id 
_struct_conn.pdbx_ptnr2_label_alt_id 
_struct_conn.pdbx_ptnr2_PDB_ins_code 
_struct_conn.ptnr1_auth_asym_id 
_struct_conn.ptnr1_auth_comp_id 
_struct_conn.ptnr1_auth_seq_id 
_struct_conn.ptnr2_auth_asym_id 
_struct_conn.ptnr2_auth_comp_id 
_struct_conn.ptnr2_auth_seq_id 
_struct_conn.ptnr2_symmetry 
_struct_conn.pdbx_ptnr3_label_atom_id 
_struct_conn.pdbx_ptnr3_label_seq_id 
_struct_conn.pdbx_ptnr3_label_comp_id 
_struct_conn.pdbx_ptnr3_label_asym_id 
_struct_conn.pdbx_ptnr3_label_alt_id 
_struct_conn.pdbx_ptnr3_PDB_ins_code 
_struct_conn.details 
_struct_conn.pdbx_dist_value 
_struct_conn.pdbx_value_order 
_struct_conn.pdbx_role 
metalc1  metalc ? ? A G 33 N7  ? ? ? 1_555 C MN .  MN ? ? A G 33 A MN 101 1_555 ? ? ? ? ? ? ?              2.326 ? ? 
metalc2  metalc ? ? A C 41 OP2 ? ? ? 1_555 D MN .  MN ? ? A C 41 A MN 102 1_555 ? ? ? ? ? ? ?              2.270 ? ? 
metalc3  metalc ? ? A G 42 OP2 ? ? ? 1_555 D MN .  MN ? ? A G 42 A MN 102 1_555 ? ? ? ? ? ? ?              2.412 ? ? 
hydrog1  hydrog ? ? A C 1  N3  ? ? ? 1_555 A G  16 N1 ? ? A C 1  A G  16  1_555 ? ? ? ? ? ? WATSON-CRICK   ?     ? ? 
hydrog2  hydrog ? ? A C 1  N4  ? ? ? 1_555 A G  16 O6 ? ? A C 1  A G  16  1_555 ? ? ? ? ? ? WATSON-CRICK   ?     ? ? 
hydrog3  hydrog ? ? A C 1  O2  ? ? ? 1_555 A G  16 N2 ? ? A C 1  A G  16  1_555 ? ? ? ? ? ? WATSON-CRICK   ?     ? ? 
hydrog4  hydrog ? ? A G 2  N1  ? ? ? 1_555 A C  15 N3 ? ? A G 2  A C  15  1_555 ? ? ? ? ? ? WATSON-CRICK   ?     ? ? 
hydrog5  hydrog ? ? A G 2  N2  ? ? ? 1_555 A C  15 O2 ? ? A G 2  A C  15  1_555 ? ? ? ? ? ? WATSON-CRICK   ?     ? ? 
hydrog6  hydrog ? ? A G 2  O6  ? ? ? 1_555 A C  15 N4 ? ? A G 2  A C  15  1_555 ? ? ? ? ? ? WATSON-CRICK   ?     ? ? 
hydrog7  hydrog ? ? A G 2  N2  ? ? ? 1_555 A U  17 O2 ? ? A G 2  A U  17  1_555 ? ? ? ? ? ? 'G-U MISPAIR'  ?     ? ? 
hydrog8  hydrog ? ? A U 3  N3  ? ? ? 1_555 A A  14 N1 ? ? A U 3  A A  14  1_555 ? ? ? ? ? ? WATSON-CRICK   ?     ? ? 
hydrog9  hydrog ? ? A U 3  O4  ? ? ? 1_555 A A  14 N6 ? ? A U 3  A A  14  1_555 ? ? ? ? ? ? WATSON-CRICK   ?     ? ? 
hydrog10 hydrog ? ? A G 4  N1  ? ? ? 1_555 A C  13 N3 ? ? A G 4  A C  13  1_555 ? ? ? ? ? ? WATSON-CRICK   ?     ? ? 
hydrog11 hydrog ? ? A G 4  N2  ? ? ? 1_555 A C  13 O2 ? ? A G 4  A C  13  1_555 ? ? ? ? ? ? WATSON-CRICK   ?     ? ? 
hydrog12 hydrog ? ? A G 4  O6  ? ? ? 1_555 A C  13 N4 ? ? A G 4  A C  13  1_555 ? ? ? ? ? ? WATSON-CRICK   ?     ? ? 
hydrog13 hydrog ? ? A G 4  N2  ? ? ? 1_555 A A  21 N1 ? ? A G 4  A A  21  1_555 ? ? ? ? ? ? TYPE_10_PAIR   ?     ? ? 
hydrog14 hydrog ? ? A G 4  N3  ? ? ? 1_555 A A  21 N6 ? ? A G 4  A A  21  1_555 ? ? ? ? ? ? TYPE_10_PAIR   ?     ? ? 
hydrog15 hydrog ? ? A G 5  N1  ? ? ? 1_555 A C  12 N3 ? ? A G 5  A C  12  1_555 ? ? ? ? ? ? WATSON-CRICK   ?     ? ? 
hydrog16 hydrog ? ? A G 5  N2  ? ? ? 1_555 A C  12 O2 ? ? A G 5  A C  12  1_555 ? ? ? ? ? ? WATSON-CRICK   ?     ? ? 
hydrog17 hydrog ? ? A G 5  O6  ? ? ? 1_555 A C  12 N4 ? ? A G 5  A C  12  1_555 ? ? ? ? ? ? WATSON-CRICK   ?     ? ? 
hydrog18 hydrog ? ? A G 5  N2  ? ? ? 1_555 A G  24 N3 ? ? A G 5  A G  24  1_555 ? ? ? ? ? ? TYPE_4_PAIR    ?     ? ? 
hydrog19 hydrog ? ? A G 5  N3  ? ? ? 1_555 A G  24 N2 ? ? A G 5  A G  24  1_555 ? ? ? ? ? ? TYPE_4_PAIR    ?     ? ? 
hydrog20 hydrog ? ? A U 6  N3  ? ? ? 1_555 A A  39 N1 ? ? A U 6  A A  39  1_555 ? ? ? ? ? ? WATSON-CRICK   ?     ? ? 
hydrog21 hydrog ? ? A U 6  O4  ? ? ? 1_555 A A  39 N6 ? ? A U 6  A A  39  1_555 ? ? ? ? ? ? WATSON-CRICK   ?     ? ? 
hydrog22 hydrog ? ? A U 7  N3  ? ? ? 1_555 A A  38 N1 ? ? A U 7  A A  38  1_555 ? ? ? ? ? ? WATSON-CRICK   ?     ? ? 
hydrog23 hydrog ? ? A U 7  O4  ? ? ? 1_555 A A  38 N6 ? ? A U 7  A A  38  1_555 ? ? ? ? ? ? WATSON-CRICK   ?     ? ? 
hydrog24 hydrog ? ? A A 8  N1  ? ? ? 1_555 A U  37 N3 ? ? A A 8  A U  37  1_555 ? ? ? ? ? ? WATSON-CRICK   ?     ? ? 
hydrog25 hydrog ? ? A A 8  N6  ? ? ? 1_555 A U  37 O4 ? ? A A 8  A U  37  1_555 ? ? ? ? ? ? WATSON-CRICK   ?     ? ? 
hydrog26 hydrog ? ? A G 9  N1  ? ? ? 1_555 A C  36 N3 ? ? A G 9  A C  36  1_555 ? ? ? ? ? ? WATSON-CRICK   ?     ? ? 
hydrog27 hydrog ? ? A G 9  N2  ? ? ? 1_555 A C  36 O2 ? ? A G 9  A C  36  1_555 ? ? ? ? ? ? WATSON-CRICK   ?     ? ? 
hydrog28 hydrog ? ? A G 9  O6  ? ? ? 1_555 A C  36 N4 ? ? A G 9  A C  36  1_555 ? ? ? ? ? ? WATSON-CRICK   ?     ? ? 
hydrog29 hydrog ? ? A G 10 N1  ? ? ? 1_555 A C  35 N3 ? ? A G 10 A C  35  1_555 ? ? ? ? ? ? WATSON-CRICK   ?     ? ? 
hydrog30 hydrog ? ? A G 10 N2  ? ? ? 1_555 A C  35 O2 ? ? A G 10 A C  35  1_555 ? ? ? ? ? ? WATSON-CRICK   ?     ? ? 
hydrog31 hydrog ? ? A G 10 O6  ? ? ? 1_555 A C  35 N4 ? ? A G 10 A C  35  1_555 ? ? ? ? ? ? WATSON-CRICK   ?     ? ? 
hydrog32 hydrog ? ? A G 11 N1  ? ? ? 1_555 A C  34 N3 ? ? A G 11 A C  34  1_555 ? ? ? ? ? ? WATSON-CRICK   ?     ? ? 
hydrog33 hydrog ? ? A G 11 N2  ? ? ? 1_555 A C  34 O2 ? ? A G 11 A C  34  1_555 ? ? ? ? ? ? WATSON-CRICK   ?     ? ? 
hydrog34 hydrog ? ? A G 11 O6  ? ? ? 1_555 A C  34 N4 ? ? A G 11 A C  34  1_555 ? ? ? ? ? ? WATSON-CRICK   ?     ? ? 
hydrog35 hydrog ? ? A A 14 N3  ? ? ? 1_555 A A  20 N6 ? ? A A 14 A A  20  1_555 ? ? ? ? ? ? 'A-A MISPAIR'  ?     ? ? 
hydrog36 hydrog ? ? A C 15 O2  ? ? ? 1_555 A A  19 N6 ? ? A C 15 A A  19  1_555 ? ? ? ? ? ? 'C-A MISPAIR'  ?     ? ? 
hydrog37 hydrog ? ? A U 25 N3  ? ? ? 1_555 B A  11 N1 ? ? A U 25 B A  58  1_555 ? ? ? ? ? ? WATSON-CRICK   ?     ? ? 
hydrog38 hydrog ? ? A U 25 O4  ? ? ? 1_555 B A  11 N6 ? ? A U 25 B A  58  1_555 ? ? ? ? ? ? WATSON-CRICK   ?     ? ? 
hydrog39 hydrog ? ? A U 26 N3  ? ? ? 1_555 B A  11 N1 ? ? A U 26 B A  58  1_555 ? ? ? ? ? ? 'U-A PAIR'     ?     ? ? 
hydrog40 hydrog ? ? A G 27 N1  ? ? ? 1_555 B C  9  N3 ? ? A G 27 B C  56  1_555 ? ? ? ? ? ? WATSON-CRICK   ?     ? ? 
hydrog41 hydrog ? ? A G 27 N2  ? ? ? 1_555 B C  9  O2 ? ? A G 27 B C  56  1_555 ? ? ? ? ? ? WATSON-CRICK   ?     ? ? 
hydrog42 hydrog ? ? A G 27 O6  ? ? ? 1_555 B C  9  N4 ? ? A G 27 B C  56  1_555 ? ? ? ? ? ? WATSON-CRICK   ?     ? ? 
hydrog43 hydrog ? ? A C 28 N3  ? ? ? 1_555 B G  8  N1 ? ? A C 28 B G  55  1_555 ? ? ? ? ? ? WATSON-CRICK   ?     ? ? 
hydrog44 hydrog ? ? A C 28 N4  ? ? ? 1_555 B G  8  O6 ? ? A C 28 B G  55  1_555 ? ? ? ? ? ? WATSON-CRICK   ?     ? ? 
hydrog45 hydrog ? ? A C 28 O2  ? ? ? 1_555 B G  8  N2 ? ? A C 28 B G  55  1_555 ? ? ? ? ? ? WATSON-CRICK   ?     ? ? 
hydrog46 hydrog ? ? A U 29 N3  ? ? ? 1_555 B U  7  O4 ? ? A U 29 B U  54  1_555 ? ? ? ? ? ? TYPE_16_PAIR   ?     ? ? 
hydrog47 hydrog ? ? A U 29 O2  ? ? ? 1_555 B U  7  N3 ? ? A U 29 B U  54  1_555 ? ? ? ? ? ? TYPE_16_PAIR   ?     ? ? 
hydrog48 hydrog ? ? A G 33 O6  ? ? ? 1_555 A G  40 N2 ? ? A G 33 A G  40  1_555 ? ? ? ? ? ? 'G-G MISPAIR'  ?     ? ? 
hydrog49 hydrog ? ? A G 33 N1  ? ? ? 1_555 A C  41 N3 ? ? A G 33 A C  41  1_555 ? ? ? ? ? ? WATSON-CRICK   ?     ? ? 
hydrog50 hydrog ? ? A G 33 N2  ? ? ? 1_555 A C  41 O2 ? ? A G 33 A C  41  1_555 ? ? ? ? ? ? WATSON-CRICK   ?     ? ? 
hydrog51 hydrog ? ? A G 33 O6  ? ? ? 1_555 A C  41 N4 ? ? A G 33 A C  41  1_555 ? ? ? ? ? ? WATSON-CRICK   ?     ? ? 
hydrog52 hydrog ? ? A A 39 N1  ? ? ? 1_555 A C  41 N4 ? ? A A 39 A C  41  1_555 ? ? ? ? ? ? 'A-C MISPAIR'  ?     ? ? 
hydrog53 hydrog ? ? A G 40 N2  ? ? ? 1_555 A G  42 O6 ? ? A G 40 A G  42  1_555 ? ? ? ? ? ? 'G-G MISPAIR'  ?     ? ? 
hydrog54 hydrog ? ? A G 42 O6  ? ? ? 1_555 B DG 6  N2 ? ? A G 42 B DG 53  1_555 ? ? ? ? ? ? 'G-DG MISPAIR' ?     ? ? 
hydrog55 hydrog ? ? A U 43 O4  ? ? ? 1_555 B G  5  N2 ? ? A U 43 B G  52  1_555 ? ? ? ? ? ? 'U-G MISPAIR'  ?     ? ? 
hydrog56 hydrog ? ? A U 43 O4  ? ? ? 1_555 B DG 6  N2 ? ? A U 43 B DG 53  1_555 ? ? ? ? ? ? 'U-DG MISPAIR' ?     ? ? 
hydrog57 hydrog ? ? A U 44 N3  ? ? ? 1_555 B A  4  N1 ? ? A U 44 B A  51  1_555 ? ? ? ? ? ? 'U-A PAIR'     ?     ? ? 
hydrog58 hydrog ? ? A U 44 O4  ? ? ? 1_555 B G  5  N2 ? ? A U 44 B G  52  1_555 ? ? ? ? ? ? 'U-G MISPAIR'  ?     ? ? 
hydrog59 hydrog ? ? A G 45 N1  ? ? ? 1_555 B C  3  N3 ? ? A G 45 B C  50  1_555 ? ? ? ? ? ? 'G-C PAIR'     ?     ? ? 
hydrog60 hydrog ? ? A A 46 N1  ? ? ? 1_555 B U  2  N3 ? ? A A 46 B U  49  1_555 ? ? ? ? ? ? 'A-U PAIR'     ?     ? ? 
# 
loop_
_struct_conn_type.id 
_struct_conn_type.criteria 
_struct_conn_type.reference 
metalc ? ? 
hydrog ? ? 
# 
loop_
_struct_site.id 
_struct_site.pdbx_evidence_code 
_struct_site.pdbx_auth_asym_id 
_struct_site.pdbx_auth_comp_id 
_struct_site.pdbx_auth_seq_id 
_struct_site.pdbx_auth_ins_code 
_struct_site.pdbx_num_residues 
_struct_site.details 
AC1 Software A MN 101 ? 2 'binding site for residue MN A 101' 
AC2 Software A MN 102 ? 2 'binding site for residue MN A 102' 
# 
loop_
_struct_site_gen.id 
_struct_site_gen.site_id 
_struct_site_gen.pdbx_num_res 
_struct_site_gen.label_comp_id 
_struct_site_gen.label_asym_id 
_struct_site_gen.label_seq_id 
_struct_site_gen.pdbx_auth_ins_code 
_struct_site_gen.auth_comp_id 
_struct_site_gen.auth_asym_id 
_struct_site_gen.auth_seq_id 
_struct_site_gen.label_atom_id 
_struct_site_gen.label_alt_id 
_struct_site_gen.symmetry 
_struct_site_gen.details 
1 AC1 2 G A 33 ? G A 33 . ? 1_555 ? 
2 AC1 2 U B 7  ? U B 54 . ? 1_555 ? 
3 AC2 2 C A 41 ? C A 41 . ? 1_555 ? 
4 AC2 2 G A 42 ? G A 42 . ? 1_555 ? 
# 
_atom_sites.entry_id                    5K7E 
_atom_sites.fract_transf_matrix[1][1]   0.01029173 
_atom_sites.fract_transf_matrix[1][2]   -0.00440546 
_atom_sites.fract_transf_matrix[1][3]   -0.01732225 
_atom_sites.fract_transf_matrix[2][1]   0.01999462 
_atom_sites.fract_transf_matrix[2][2]   0.00479456 
_atom_sites.fract_transf_matrix[2][3]   -0.00161803 
_atom_sites.fract_transf_matrix[3][1]   0.00273624 
_atom_sites.fract_transf_matrix[3][2]   -0.01000365 
_atom_sites.fract_transf_matrix[3][3]   0.00416986 
_atom_sites.fract_transf_vector[1]      0.161379 
_atom_sites.fract_transf_vector[2]      0.799153 
_atom_sites.fract_transf_vector[3]      1.025876 
# 
loop_
_atom_type.symbol 
C  
MN 
N  
O  
P  
# 
loop_
_atom_site.group_PDB 
_atom_site.id 
_atom_site.type_symbol 
_atom_site.label_atom_id 
_atom_site.label_alt_id 
_atom_site.label_comp_id 
_atom_site.label_asym_id 
_atom_site.label_entity_id 
_atom_site.label_seq_id 
_atom_site.pdbx_PDB_ins_code 
_atom_site.Cartn_x 
_atom_site.Cartn_y 
_atom_site.Cartn_z 
_atom_site.occupancy 
_atom_site.B_iso_or_equiv 
_atom_site.pdbx_formal_charge 
_atom_site.auth_seq_id 
_atom_site.auth_comp_id 
_atom_site.auth_asym_id 
_atom_site.auth_atom_id 
_atom_site.pdbx_PDB_model_num 
ATOM   1    P  P     . C   A 1 1  ? -1.200  -22.077 -10.083 1.00 184.82 ? 1   C   A P     1 
ATOM   2    O  OP1   . C   A 1 1  ? 0.243   -21.829 -9.828  1.00 198.71 ? 1   C   A OP1   1 
ATOM   3    O  OP2   . C   A 1 1  ? -2.082  -22.511 -8.973  1.00 169.40 ? 1   C   A OP2   1 
ATOM   4    O  "O5'" . C   A 1 1  ? -1.341  -23.145 -11.260 1.00 184.35 ? 1   C   A "O5'" 1 
ATOM   5    C  "C5'" . C   A 1 1  ? -0.714  -22.922 -12.514 1.00 174.46 ? 1   C   A "C5'" 1 
ATOM   6    C  "C4'" . C   A 1 1  ? -1.694  -22.406 -13.539 1.00 172.64 ? 1   C   A "C4'" 1 
ATOM   7    O  "O4'" . C   A 1 1  ? -3.030  -22.933 -13.317 1.00 172.51 ? 1   C   A "O4'" 1 
ATOM   8    C  "C3'" . C   A 1 1  ? -1.882  -20.898 -13.569 1.00 176.01 ? 1   C   A "C3'" 1 
ATOM   9    O  "O3'" . C   A 1 1  ? -0.845  -20.242 -14.273 1.00 181.78 ? 1   C   A "O3'" 1 
ATOM   10   C  "C2'" . C   A 1 1  ? -3.248  -20.750 -14.221 1.00 169.14 ? 1   C   A "C2'" 1 
ATOM   11   O  "O2'" . C   A 1 1  ? -3.161  -20.947 -15.625 1.00 149.65 ? 1   C   A "O2'" 1 
ATOM   12   C  "C1'" . C   A 1 1  ? -3.991  -21.941 -13.616 1.00 168.32 ? 1   C   A "C1'" 1 
ATOM   13   N  N1    . C   A 1 1  ? -4.761  -21.617 -12.393 1.00 154.45 ? 1   C   A N1    1 
ATOM   14   C  C2    . C   A 1 1  ? -5.885  -20.781 -12.467 1.00 149.00 ? 1   C   A C2    1 
ATOM   15   O  O2    . C   A 1 1  ? -6.216  -20.291 -13.559 1.00 144.55 ? 1   C   A O2    1 
ATOM   16   N  N3    . C   A 1 1  ? -6.585  -20.519 -11.335 1.00 146.54 ? 1   C   A N3    1 
ATOM   17   C  C4    . C   A 1 1  ? -6.214  -21.056 -10.171 1.00 147.36 ? 1   C   A C4    1 
ATOM   18   N  N4    . C   A 1 1  ? -6.928  -20.777 -9.078  1.00 135.29 ? 1   C   A N4    1 
ATOM   19   C  C5    . C   A 1 1  ? -5.086  -21.919 -10.071 1.00 152.05 ? 1   C   A C5    1 
ATOM   20   C  C6    . C   A 1 1  ? -4.406  -22.172 -11.195 1.00 153.53 ? 1   C   A C6    1 
ATOM   21   P  P     . G   A 1 2  ? -0.164  -18.921 -13.667 1.00 183.34 ? 2   G   A P     1 
ATOM   22   O  OP1   . G   A 1 2  ? 1.129   -18.709 -14.392 1.00 171.90 ? 2   G   A OP1   1 
ATOM   23   O  OP2   . G   A 1 2  ? -0.182  -19.013 -12.180 1.00 167.79 ? 2   G   A OP2   1 
ATOM   24   O  "O5'" . G   A 1 2  ? -1.133  -17.749 -14.136 1.00 161.31 ? 2   G   A "O5'" 1 
ATOM   25   C  "C5'" . G   A 1 2  ? -1.560  -17.666 -15.482 1.00 159.96 ? 2   G   A "C5'" 1 
ATOM   26   C  "C4'" . G   A 1 2  ? -2.765  -16.774 -15.623 1.00 158.78 ? 2   G   A "C4'" 1 
ATOM   27   O  "O4'" . G   A 1 2  ? -3.925  -17.429 -15.041 1.00 159.87 ? 2   G   A "O4'" 1 
ATOM   28   C  "C3'" . G   A 1 2  ? -2.700  -15.435 -14.901 1.00 153.36 ? 2   G   A "C3'" 1 
ATOM   29   O  "O3'" . G   A 1 2  ? -1.976  -14.459 -15.629 1.00 154.63 ? 2   G   A "O3'" 1 
ATOM   30   C  "C2'" . G   A 1 2  ? -4.165  -15.086 -14.725 1.00 149.09 ? 2   G   A "C2'" 1 
ATOM   31   O  "O2'" . G   A 1 2  ? -4.724  -14.623 -15.944 1.00 146.76 ? 2   G   A "O2'" 1 
ATOM   32   C  "C1'" . G   A 1 2  ? -4.750  -16.462 -14.423 1.00 148.36 ? 2   G   A "C1'" 1 
ATOM   33   N  N9    . G   A 1 2  ? -4.902  -16.758 -12.982 1.00 147.59 ? 2   G   A N9    1 
ATOM   34   C  C8    . G   A 1 2  ? -4.235  -17.647 -12.169 1.00 150.93 ? 2   G   A C8    1 
ATOM   35   N  N7    . G   A 1 2  ? -4.700  -17.664 -10.940 1.00 148.07 ? 2   G   A N7    1 
ATOM   36   C  C5    . G   A 1 2  ? -5.751  -16.752 -10.947 1.00 141.03 ? 2   G   A C5    1 
ATOM   37   C  C6    . G   A 1 2  ? -6.647  -16.322 -9.931  1.00 129.98 ? 2   G   A C6    1 
ATOM   38   O  O6    . G   A 1 2  ? -6.708  -16.674 -8.749  1.00 119.64 ? 2   G   A O6    1 
ATOM   39   N  N1    . G   A 1 2  ? -7.557  -15.374 -10.406 1.00 138.54 ? 2   G   A N1    1 
ATOM   40   C  C2    . G   A 1 2  ? -7.602  -14.895 -11.693 1.00 146.66 ? 2   G   A C2    1 
ATOM   41   N  N2    . G   A 1 2  ? -8.538  -13.981 -11.999 1.00 138.61 ? 2   G   A N2    1 
ATOM   42   N  N3    . G   A 1 2  ? -6.774  -15.289 -12.641 1.00 149.04 ? 2   G   A N3    1 
ATOM   43   C  C4    . G   A 1 2  ? -5.890  -16.208 -12.204 1.00 148.14 ? 2   G   A C4    1 
ATOM   44   P  P     . U   A 1 3  ? -1.045  -13.422 -14.839 1.00 156.70 ? 3   U   A P     1 
ATOM   45   O  OP1   . U   A 1 3  ? -0.013  -12.959 -15.802 1.00 162.15 ? 3   U   A OP1   1 
ATOM   46   O  OP2   . U   A 1 3  ? -0.650  -14.069 -13.561 1.00 153.86 ? 3   U   A OP2   1 
ATOM   47   O  "O5'" . U   A 1 3  ? -1.993  -12.181 -14.513 1.00 156.85 ? 3   U   A "O5'" 1 
ATOM   48   C  "C5'" . U   A 1 3  ? -2.894  -11.659 -15.482 1.00 151.56 ? 3   U   A "C5'" 1 
ATOM   49   C  "C4'" . U   A 1 3  ? -4.090  -10.980 -14.855 1.00 154.97 ? 3   U   A "C4'" 1 
ATOM   50   O  "O4'" . U   A 1 3  ? -4.988  -11.946 -14.244 1.00 154.20 ? 3   U   A "O4'" 1 
ATOM   51   C  "C3'" . U   A 1 3  ? -3.793  -10.008 -13.725 1.00 148.69 ? 3   U   A "C3'" 1 
ATOM   52   O  "O3'" . U   A 1 3  ? -3.248  -8.771  -14.161 1.00 151.20 ? 3   U   A "O3'" 1 
ATOM   53   C  "C2'" . U   A 1 3  ? -5.148  -9.905  -13.043 1.00 139.65 ? 3   U   A "C2'" 1 
ATOM   54   O  "O2'" . U   A 1 3  ? -6.046  -9.136  -13.829 1.00 141.45 ? 3   U   A "O2'" 1 
ATOM   55   C  "C1'" . U   A 1 3  ? -5.592  -11.369 -13.097 1.00 135.75 ? 3   U   A "C1'" 1 
ATOM   56   N  N1    . U   A 1 3  ? -5.219  -12.158 -11.896 1.00 131.24 ? 3   U   A N1    1 
ATOM   57   C  C2    . U   A 1 3  ? -5.943  -11.984 -10.729 1.00 131.12 ? 3   U   A C2    1 
ATOM   58   O  O2    . U   A 1 3  ? -6.859  -11.183 -10.628 1.00 136.53 ? 3   U   A O2    1 
ATOM   59   N  N3    . U   A 1 3  ? -5.549  -12.774 -9.671  1.00 129.52 ? 3   U   A N3    1 
ATOM   60   C  C4    . U   A 1 3  ? -4.536  -13.712 -9.656  1.00 138.09 ? 3   U   A C4    1 
ATOM   61   O  O4    . U   A 1 3  ? -4.291  -14.353 -8.629  1.00 137.84 ? 3   U   A O4    1 
ATOM   62   C  C5    . U   A 1 3  ? -3.846  -13.843 -10.901 1.00 142.40 ? 3   U   A C5    1 
ATOM   63   C  C6    . U   A 1 3  ? -4.207  -13.087 -11.944 1.00 139.47 ? 3   U   A C6    1 
ATOM   64   P  P     . G   A 1 4  ? -2.060  -8.114  -13.301 1.00 155.96 ? 4   G   A P     1 
ATOM   65   O  OP1   . G   A 1 4  ? -1.391  -7.106  -14.163 1.00 168.33 ? 4   G   A OP1   1 
ATOM   66   O  OP2   . G   A 1 4  ? -1.251  -9.190  -12.670 1.00 133.75 ? 4   G   A OP2   1 
ATOM   67   O  "O5'" . G   A 1 4  ? -2.833  -7.351  -12.137 1.00 149.95 ? 4   G   A "O5'" 1 
ATOM   68   C  "C5'" . G   A 1 4  ? -3.969  -6.545  -12.421 1.00 142.32 ? 4   G   A "C5'" 1 
ATOM   69   C  "C4'" . G   A 1 4  ? -4.776  -6.262  -11.179 1.00 130.93 ? 4   G   A "C4'" 1 
ATOM   70   O  "O4'" . G   A 1 4  ? -5.421  -7.475  -10.722 1.00 133.02 ? 4   G   A "O4'" 1 
ATOM   71   C  "C3'" . G   A 1 4  ? -4.025  -5.759  -9.956  1.00 121.64 ? 4   G   A "C3'" 1 
ATOM   72   O  "O3'" . G   A 1 4  ? -3.734  -4.378  -10.014 1.00 113.83 ? 4   G   A "O3'" 1 
ATOM   73   C  "C2'" . G   A 1 4  ? -4.982  -6.109  -8.825  1.00 114.70 ? 4   G   A "C2'" 1 
ATOM   74   O  "O2'" . G   A 1 4  ? -6.039  -5.165  -8.748  1.00 113.79 ? 4   G   A "O2'" 1 
ATOM   75   C  "C1'" . G   A 1 4  ? -5.553  -7.441  -9.319  1.00 119.04 ? 4   G   A "C1'" 1 
ATOM   76   N  N9    . G   A 1 4  ? -4.875  -8.625  -8.767  1.00 108.14 ? 4   G   A N9    1 
ATOM   77   C  C8    . G   A 1 4  ? -4.027  -9.473  -9.436  1.00 122.10 ? 4   G   A C8    1 
ATOM   78   N  N7    . G   A 1 4  ? -3.610  -10.465 -8.698  1.00 121.96 ? 4   G   A N7    1 
ATOM   79   C  C5    . G   A 1 4  ? -4.240  -10.268 -7.476  1.00 111.89 ? 4   G   A C5    1 
ATOM   80   C  C6    . G   A 1 4  ? -4.182  -11.019 -6.275  1.00 107.31 ? 4   G   A C6    1 
ATOM   81   O  O6    . G   A 1 4  ? -3.542  -12.048 -6.035  1.00 109.42 ? 4   G   A O6    1 
ATOM   82   N  N1    . G   A 1 4  ? -4.982  -10.458 -5.285  1.00 105.59 ? 4   G   A N1    1 
ATOM   83   C  C2    . G   A 1 4  ? -5.740  -9.324  -5.429  1.00 105.47 ? 4   G   A C2    1 
ATOM   84   N  N2    . G   A 1 4  ? -6.451  -8.924  -4.370  1.00 104.83 ? 4   G   A N2    1 
ATOM   85   N  N3    . G   A 1 4  ? -5.803  -8.615  -6.541  1.00 107.21 ? 4   G   A N3    1 
ATOM   86   C  C4    . G   A 1 4  ? -5.038  -9.146  -7.513  1.00 107.97 ? 4   G   A C4    1 
ATOM   87   P  P     . G   A 1 5  ? -2.494  -3.771  -9.195  1.00 117.12 ? 5   G   A P     1 
ATOM   88   O  OP1   . G   A 1 5  ? -2.366  -2.330  -9.538  1.00 113.47 ? 5   G   A OP1   1 
ATOM   89   O  OP2   . G   A 1 5  ? -1.335  -4.684  -9.370  1.00 122.26 ? 5   G   A OP2   1 
ATOM   90   O  "O5'" . G   A 1 5  ? -2.996  -3.877  -7.685  1.00 98.81  ? 5   G   A "O5'" 1 
ATOM   91   C  "C5'" . G   A 1 5  ? -3.890  -2.915  -7.148  1.00 106.39 ? 5   G   A "C5'" 1 
ATOM   92   C  "C4'" . G   A 1 5  ? -4.132  -3.126  -5.674  1.00 107.91 ? 5   G   A "C4'" 1 
ATOM   93   O  "O4'" . G   A 1 5  ? -4.662  -4.460  -5.449  1.00 104.03 ? 5   G   A "O4'" 1 
ATOM   94   C  "C3'" . G   A 1 5  ? -2.911  -3.088  -4.777  1.00 101.19 ? 5   G   A "C3'" 1 
ATOM   95   O  "O3'" . G   A 1 5  ? -2.481  -1.768  -4.503  1.00 105.25 ? 5   G   A "O3'" 1 
ATOM   96   C  "C2'" . G   A 1 5  ? -3.413  -3.810  -3.537  1.00 93.67  ? 5   G   A "C2'" 1 
ATOM   97   O  "O2'" . G   A 1 5  ? -4.259  -2.964  -2.774  1.00 92.70  ? 5   G   A "O2'" 1 
ATOM   98   C  "C1'" . G   A 1 5  ? -4.277  -4.903  -4.160  1.00 97.80  ? 5   G   A "C1'" 1 
ATOM   99   N  N9    . G   A 1 5  ? -3.538  -6.172  -4.267  1.00 98.55  ? 5   G   A N9    1 
ATOM   100  C  C8    . G   A 1 5  ? -2.863  -6.676  -5.352  1.00 104.47 ? 5   G   A C8    1 
ATOM   101  N  N7    . G   A 1 5  ? -2.317  -7.837  -5.114  1.00 103.41 ? 5   G   A N7    1 
ATOM   102  C  C5    . G   A 1 5  ? -2.657  -8.115  -3.797  1.00 100.25 ? 5   G   A C5    1 
ATOM   103  C  C6    . G   A 1 5  ? -2.348  -9.235  -2.984  1.00 106.33 ? 5   G   A C6    1 
ATOM   104  O  O6    . G   A 1 5  ? -1.686  -10.234 -3.286  1.00 110.02 ? 5   G   A O6    1 
ATOM   105  N  N1    . G   A 1 5  ? -2.891  -9.111  -1.708  1.00 103.94 ? 5   G   A N1    1 
ATOM   106  C  C2    . G   A 1 5  ? -3.642  -8.048  -1.267  1.00 104.56 ? 5   G   A C2    1 
ATOM   107  N  N2    . G   A 1 5  ? -4.085  -8.100  -0.001  1.00 105.80 ? 5   G   A N2    1 
ATOM   108  N  N3    . G   A 1 5  ? -3.935  -6.998  -2.018  1.00 96.37  ? 5   G   A N3    1 
ATOM   109  C  C4    . G   A 1 5  ? -3.424  -7.104  -3.264  1.00 93.87  ? 5   G   A C4    1 
ATOM   110  P  P     . U   A 1 6  ? -0.925  -1.446  -4.277  1.00 99.60  ? 6   U   A P     1 
ATOM   111  O  OP1   . U   A 1 6  ? -0.376  -2.434  -3.312  1.00 87.28  ? 6   U   A OP1   1 
ATOM   112  O  OP2   . U   A 1 6  ? -0.820  0.007   -3.988  1.00 113.14 ? 6   U   A OP2   1 
ATOM   113  O  "O5'" . U   A 1 6  ? -0.255  -1.700  -5.698  1.00 102.39 ? 6   U   A "O5'" 1 
ATOM   114  C  "C5'" . U   A 1 6  ? -0.477  -0.799  -6.773  1.00 105.94 ? 6   U   A "C5'" 1 
ATOM   115  C  "C4'" . U   A 1 6  ? 0.825   -0.354  -7.392  1.00 106.36 ? 6   U   A "C4'" 1 
ATOM   116  O  "O4'" . U   A 1 6  ? 1.360   0.762   -6.630  1.00 104.43 ? 6   U   A "O4'" 1 
ATOM   117  C  "C3'" . U   A 1 6  ? 1.941   -1.388  -7.378  1.00 116.34 ? 6   U   A "C3'" 1 
ATOM   118  O  "O3'" . U   A 1 6  ? 1.864   -2.321  -8.448  1.00 113.88 ? 6   U   A "O3'" 1 
ATOM   119  C  "C2'" . U   A 1 6  ? 3.202   -0.535  -7.394  1.00 114.13 ? 6   U   A "C2'" 1 
ATOM   120  O  "O2'" . U   A 1 6  ? 3.500   -0.107  -8.714  1.00 107.68 ? 6   U   A "O2'" 1 
ATOM   121  C  "C1'" . U   A 1 6  ? 2.769   0.678   -6.568  1.00 108.43 ? 6   U   A "C1'" 1 
ATOM   122  N  N1    . U   A 1 6  ? 3.171   0.567   -5.143  1.00 105.94 ? 6   U   A N1    1 
ATOM   123  C  C2    . U   A 1 6  ? 4.515   0.604   -4.805  1.00 113.12 ? 6   U   A C2    1 
ATOM   124  O  O2    . U   A 1 6  ? 5.412   0.709   -5.624  1.00 124.87 ? 6   U   A O2    1 
ATOM   125  N  N3    . U   A 1 6  ? 4.795   0.496   -3.463  1.00 108.90 ? 6   U   A N3    1 
ATOM   126  C  C4    . U   A 1 6  ? 3.881   0.371   -2.435  1.00 108.63 ? 6   U   A C4    1 
ATOM   127  O  O4    . U   A 1 6  ? 4.269   0.286   -1.269  1.00 117.98 ? 6   U   A O4    1 
ATOM   128  C  C5    . U   A 1 6  ? 2.516   0.349   -2.860  1.00 106.03 ? 6   U   A C5    1 
ATOM   129  C  C6    . U   A 1 6  ? 2.220   0.450   -4.159  1.00 108.45 ? 6   U   A C6    1 
ATOM   130  P  P     . U   A 1 7  ? 2.656   -3.715  -8.336  1.00 120.67 ? 7   U   A P     1 
ATOM   131  O  OP1   . U   A 1 7  ? 2.302   -4.518  -9.537  1.00 105.13 ? 7   U   A OP1   1 
ATOM   132  O  OP2   . U   A 1 7  ? 2.412   -4.271  -6.980  1.00 115.02 ? 7   U   A OP2   1 
ATOM   133  O  "O5'" . U   A 1 7  ? 4.198   -3.310  -8.442  1.00 126.65 ? 7   U   A "O5'" 1 
ATOM   134  C  "C5'" . U   A 1 7  ? 4.789   -2.991  -9.696  1.00 117.44 ? 7   U   A "C5'" 1 
ATOM   135  C  "C4'" . U   A 1 7  ? 6.285   -3.210  -9.674  1.00 114.67 ? 7   U   A "C4'" 1 
ATOM   136  O  "O4'" . U   A 1 7  ? 6.895   -2.221  -8.810  1.00 109.18 ? 7   U   A "O4'" 1 
ATOM   137  C  "C3'" . U   A 1 7  ? 6.767   -4.552  -9.127  1.00 114.17 ? 7   U   A "C3'" 1 
ATOM   138  O  "O3'" . U   A 1 7  ? 6.773   -5.591  -10.093 1.00 112.02 ? 7   U   A "O3'" 1 
ATOM   139  C  "C2'" . U   A 1 7  ? 8.151   -4.223  -8.576  1.00 115.91 ? 7   U   A "C2'" 1 
ATOM   140  O  "O2'" . U   A 1 7  ? 9.118   -4.221  -9.618  1.00 120.17 ? 7   U   A "O2'" 1 
ATOM   141  C  "C1'" . U   A 1 7  ? 7.962   -2.789  -8.084  1.00 111.94 ? 7   U   A "C1'" 1 
ATOM   142  N  N1    . U   A 1 7  ? 7.616   -2.715  -6.646  1.00 106.30 ? 7   U   A N1    1 
ATOM   143  C  C2    . U   A 1 7  ? 8.604   -2.844  -5.687  1.00 107.37 ? 7   U   A C2    1 
ATOM   144  O  O2    . U   A 1 7  ? 9.776   -3.042  -5.959  1.00 107.03 ? 7   U   A O2    1 
ATOM   145  N  N3    . U   A 1 7  ? 8.159   -2.747  -4.387  1.00 106.53 ? 7   U   A N3    1 
ATOM   146  C  C4    . U   A 1 7  ? 6.865   -2.528  -3.954  1.00 102.49 ? 7   U   A C4    1 
ATOM   147  O  O4    . U   A 1 7  ? 6.606   -2.461  -2.751  1.00 105.15 ? 7   U   A O4    1 
ATOM   148  C  C5    . U   A 1 7  ? 5.911   -2.396  -5.006  1.00 104.02 ? 7   U   A C5    1 
ATOM   149  C  C6    . U   A 1 7  ? 6.312   -2.486  -6.274  1.00 105.78 ? 7   U   A C6    1 
ATOM   150  P  P     . A   A 1 8  ? 6.757   -7.133  -9.623  1.00 125.96 ? 8   A   A P     1 
ATOM   151  O  OP1   . A   A 1 8  ? 6.828   -7.990  -10.835 1.00 129.82 ? 8   A   A OP1   1 
ATOM   152  O  OP2   . A   A 1 8  ? 5.636   -7.295  -8.662  1.00 122.33 ? 8   A   A OP2   1 
ATOM   153  O  "O5'" . A   A 1 8  ? 8.109   -7.337  -8.800  1.00 107.07 ? 8   A   A "O5'" 1 
ATOM   154  C  "C5'" . A   A 1 8  ? 9.293   -7.831  -9.422  1.00 110.36 ? 8   A   A "C5'" 1 
ATOM   155  C  "C4'" . A   A 1 8  ? 10.314  -8.256  -8.390  1.00 112.95 ? 8   A   A "C4'" 1 
ATOM   156  O  "O4'" . A   A 1 8  ? 10.606  -7.140  -7.515  1.00 112.37 ? 8   A   A "O4'" 1 
ATOM   157  C  "C3'" . A   A 1 8  ? 9.877   -9.370  -7.444  1.00 112.91 ? 8   A   A "C3'" 1 
ATOM   158  O  "O3'" . A   A 1 8  ? 10.016  -10.674 -7.998  1.00 101.32 ? 8   A   A "O3'" 1 
ATOM   159  C  "C2'" . A   A 1 8  ? 10.744  -9.137  -6.212  1.00 103.49 ? 8   A   A "C2'" 1 
ATOM   160  O  "O2'" . A   A 1 8  ? 12.023  -9.734  -6.370  1.00 102.29 ? 8   A   A "O2'" 1 
ATOM   161  C  "C1'" . A   A 1 8  ? 10.908  -7.611  -6.221  1.00 108.59 ? 8   A   A "C1'" 1 
ATOM   162  N  N9    . A   A 1 8  ? 9.990   -6.929  -5.290  1.00 102.67 ? 8   A   A N9    1 
ATOM   163  C  C8    . A   A 1 8  ? 8.880   -6.218  -5.666  1.00 109.39 ? 8   A   A C8    1 
ATOM   164  N  N7    . A   A 1 8  ? 8.244   -5.661  -4.670  1.00 104.80 ? 8   A   A N7    1 
ATOM   165  C  C5    . A   A 1 8  ? 9.009   -6.002  -3.570  1.00 87.47  ? 8   A   A C5    1 
ATOM   166  C  C6    . A   A 1 8  ? 8.858   -5.707  -2.211  1.00 92.11  ? 8   A   A C6    1 
ATOM   167  N  N6    . A   A 1 8  ? 7.850   -4.979  -1.727  1.00 91.31  ? 8   A   A N6    1 
ATOM   168  N  N1    . A   A 1 8  ? 9.786   -6.191  -1.360  1.00 95.31  ? 8   A   A N1    1 
ATOM   169  C  C2    . A   A 1 8  ? 10.794  -6.921  -1.854  1.00 97.31  ? 8   A   A C2    1 
ATOM   170  N  N3    . A   A 1 8  ? 11.041  -7.264  -3.116  1.00 103.02 ? 8   A   A N3    1 
ATOM   171  C  C4    . A   A 1 8  ? 10.108  -6.753  -3.935  1.00 89.45  ? 8   A   A C4    1 
ATOM   172  P  P     . G   A 1 9  ? 8.963   -11.839 -7.638  1.00 114.33 ? 9   G   A P     1 
ATOM   173  O  OP1   . G   A 1 9  ? 9.173   -12.957 -8.596  1.00 114.30 ? 9   G   A OP1   1 
ATOM   174  O  OP2   . G   A 1 9  ? 7.628   -11.202 -7.532  1.00 117.49 ? 9   G   A OP2   1 
ATOM   175  O  "O5'" . G   A 1 9  ? 9.380   -12.365 -6.190  1.00 98.69  ? 9   G   A "O5'" 1 
ATOM   176  C  "C5'" . G   A 1 9  ? 10.681  -12.857 -5.914  1.00 108.67 ? 9   G   A "C5'" 1 
ATOM   177  C  "C4'" . G   A 1 9  ? 10.944  -12.905 -4.427  1.00 106.69 ? 9   G   A "C4'" 1 
ATOM   178  O  "O4'" . G   A 1 9  ? 11.106  -11.559 -3.902  1.00 103.40 ? 9   G   A "O4'" 1 
ATOM   179  C  "C3'" . G   A 1 9  ? 9.826   -13.478 -3.572  1.00 114.18 ? 9   G   A "C3'" 1 
ATOM   180  O  "O3'" . G   A 1 9  ? 9.708   -14.893 -3.651  1.00 122.81 ? 9   G   A "O3'" 1 
ATOM   181  C  "C2'" . G   A 1 9  ? 10.185  -12.939 -2.196  1.00 101.47 ? 9   G   A "C2'" 1 
ATOM   182  O  "O2'" . G   A 1 9  ? 11.293  -13.644 -1.659  1.00 95.60  ? 9   G   A "O2'" 1 
ATOM   183  C  "C1'" . G   A 1 9  ? 10.651  -11.524 -2.563  1.00 100.32 ? 9   G   A "C1'" 1 
ATOM   184  N  N9    . G   A 1 9  ? 9.577   -10.519 -2.458  1.00 94.56  ? 9   G   A N9    1 
ATOM   185  C  C8    . G   A 1 9  ? 8.899   -9.917  -3.490  1.00 98.25  ? 9   G   A C8    1 
ATOM   186  N  N7    . G   A 1 9  ? 8.022   -9.039  -3.094  1.00 91.48  ? 9   G   A N7    1 
ATOM   187  C  C5    . G   A 1 9  ? 8.135   -9.049  -1.711  1.00 89.75  ? 9   G   A C5    1 
ATOM   188  C  C6    . G   A 1 9  ? 7.436   -8.301  -0.728  1.00 93.00  ? 9   G   A C6    1 
ATOM   189  O  O6    . G   A 1 9  ? 6.546   -7.452  -0.888  1.00 99.58  ? 9   G   A O6    1 
ATOM   190  N  N1    . G   A 1 9  ? 7.868   -8.620  0.553   1.00 82.73  ? 9   G   A N1    1 
ATOM   191  C  C2    . G   A 1 9  ? 8.843   -9.539  0.850   1.00 90.01  ? 9   G   A C2    1 
ATOM   192  N  N2    . G   A 1 9  ? 9.132   -9.725  2.141   1.00 96.77  ? 9   G   A N2    1 
ATOM   193  N  N3    . G   A 1 9  ? 9.502   -10.242 -0.056  1.00 87.71  ? 9   G   A N3    1 
ATOM   194  C  C4    . G   A 1 9  ? 9.105   -9.940  -1.306  1.00 87.05  ? 9   G   A C4    1 
ATOM   195  P  P     . G   A 1 10 ? 8.260   -15.579 -3.848  1.00 125.09 ? 10  G   A P     1 
ATOM   196  O  OP1   . G   A 1 10 ? 8.508   -17.027 -4.057  1.00 109.47 ? 10  G   A OP1   1 
ATOM   197  O  OP2   . G   A 1 10 ? 7.504   -14.772 -4.836  1.00 134.55 ? 10  G   A OP2   1 
ATOM   198  O  "O5'" . G   A 1 10 ? 7.525   -15.487 -2.443  1.00 102.89 ? 10  G   A "O5'" 1 
ATOM   199  C  "C5'" . G   A 1 10 ? 8.027   -16.204 -1.344  1.00 110.71 ? 10  G   A "C5'" 1 
ATOM   200  C  "C4'" . G   A 1 10 ? 7.754   -15.524 -0.033  1.00 111.56 ? 10  G   A "C4'" 1 
ATOM   201  O  "O4'" . G   A 1 10 ? 8.049   -14.112 -0.130  1.00 89.85  ? 10  G   A "O4'" 1 
ATOM   202  C  "C3'" . G   A 1 10 ? 6.347   -15.537 0.538   1.00 120.24 ? 10  G   A "C3'" 1 
ATOM   203  O  "O3'" . G   A 1 10 ? 5.914   -16.792 1.030   1.00 123.77 ? 10  G   A "O3'" 1 
ATOM   204  C  "C2'" . G   A 1 10 ? 6.429   -14.443 1.584   1.00 113.89 ? 10  G   A "C2'" 1 
ATOM   205  O  "O2'" . G   A 1 10 ? 7.163   -14.898 2.710   1.00 99.25  ? 10  G   A "O2'" 1 
ATOM   206  C  "C1'" . G   A 1 10 ? 7.293   -13.415 0.846   1.00 101.47 ? 10  G   A "C1'" 1 
ATOM   207  N  N9    . G   A 1 10 ? 6.487   -12.376 0.179   1.00 93.04  ? 10  G   A N9    1 
ATOM   208  C  C8    . G   A 1 10 ? 6.337   -12.118 -1.166  1.00 95.41  ? 10  G   A C8    1 
ATOM   209  N  N7    . G   A 1 10 ? 5.545   -11.103 -1.410  1.00 96.23  ? 10  G   A N7    1 
ATOM   210  C  C5    . G   A 1 10 ? 5.152   -10.667 -0.147  1.00 99.01  ? 10  G   A C5    1 
ATOM   211  C  C6    . G   A 1 10 ? 4.301   -9.600  0.245   1.00 97.92  ? 10  G   A C6    1 
ATOM   212  O  O6    . G   A 1 10 ? 3.700   -8.800  -0.476  1.00 100.23 ? 10  G   A O6    1 
ATOM   213  N  N1    . G   A 1 10 ? 4.174   -9.510  1.632   1.00 94.68  ? 10  G   A N1    1 
ATOM   214  C  C2    . G   A 1 10 ? 4.790   -10.342 2.532   1.00 93.58  ? 10  G   A C2    1 
ATOM   215  N  N2    . G   A 1 10 ? 4.563   -10.116 3.835   1.00 92.97  ? 10  G   A N2    1 
ATOM   216  N  N3    . G   A 1 10 ? 5.587   -11.336 2.179   1.00 86.54  ? 10  G   A N3    1 
ATOM   217  C  C4    . G   A 1 10 ? 5.719   -11.444 0.838   1.00 92.88  ? 10  G   A C4    1 
ATOM   218  P  P     . G   A 1 11 ? 4.416   -17.273 0.722   1.00 143.55 ? 11  G   A P     1 
ATOM   219  O  OP1   . G   A 1 11 ? 4.309   -18.682 1.185   1.00 149.24 ? 11  G   A OP1   1 
ATOM   220  O  OP2   . G   A 1 11 ? 4.140   -16.927 -0.700  1.00 114.43 ? 11  G   A OP2   1 
ATOM   221  O  "O5'" . G   A 1 11 ? 3.505   -16.365 1.667   1.00 110.01 ? 11  G   A "O5'" 1 
ATOM   222  C  "C5'" . G   A 1 11 ? 3.643   -16.432 3.083   1.00 116.70 ? 11  G   A "C5'" 1 
ATOM   223  C  "C4'" . G   A 1 11 ? 2.931   -15.312 3.805   1.00 107.60 ? 11  G   A "C4'" 1 
ATOM   224  O  "O4'" . G   A 1 11 ? 3.369   -14.011 3.336   1.00 115.37 ? 11  G   A "O4'" 1 
ATOM   225  C  "C3'" . G   A 1 11 ? 1.421   -15.242 3.669   1.00 117.54 ? 11  G   A "C3'" 1 
ATOM   226  O  "O3'" . G   A 1 11 ? 0.749   -16.245 4.413   1.00 128.62 ? 11  G   A "O3'" 1 
ATOM   227  C  "C2'" . G   A 1 11 ? 1.141   -13.822 4.139   1.00 115.77 ? 11  G   A "C2'" 1 
ATOM   228  O  "O2'" . G   A 1 11 ? 1.288   -13.726 5.551   1.00 120.79 ? 11  G   A "O2'" 1 
ATOM   229  C  "C1'" . G   A 1 11 ? 2.316   -13.080 3.504   1.00 103.53 ? 11  G   A "C1'" 1 
ATOM   230  N  N9    . G   A 1 11 ? 2.027   -12.401 2.224   1.00 97.99  ? 11  G   A N9    1 
ATOM   231  C  C8    . G   A 1 11 ? 2.509   -12.683 0.964   1.00 100.63 ? 11  G   A C8    1 
ATOM   232  N  N7    . G   A 1 11 ? 2.108   -11.836 0.052   1.00 91.47  ? 11  G   A N7    1 
ATOM   233  C  C5    . G   A 1 11 ? 1.335   -10.922 0.756   1.00 99.64  ? 11  G   A C5    1 
ATOM   234  C  C6    . G   A 1 11 ? 0.628   -9.768  0.326   1.00 104.50 ? 11  G   A C6    1 
ATOM   235  O  O6    . G   A 1 11 ? 0.525   -9.285  -0.810  1.00 110.62 ? 11  G   A O6    1 
ATOM   236  N  N1    . G   A 1 11 ? -0.017  -9.144  1.389   1.00 103.44 ? 11  G   A N1    1 
ATOM   237  C  C2    . G   A 1 11 ? 0.008   -9.567  2.697   1.00 101.76 ? 11  G   A C2    1 
ATOM   238  N  N2    . G   A 1 11 ? -0.677  -8.836  3.589   1.00 97.75  ? 11  G   A N2    1 
ATOM   239  N  N3    . G   A 1 11 ? 0.663   -10.634 3.107   1.00 95.87  ? 11  G   A N3    1 
ATOM   240  C  C4    . G   A 1 11 ? 1.297   -11.252 2.094   1.00 95.41  ? 11  G   A C4    1 
ATOM   241  P  P     . C   A 1 12 ? -0.614  -16.880 3.848   1.00 129.62 ? 12  C   A P     1 
ATOM   242  O  OP1   . C   A 1 12 ? -0.970  -17.988 4.771   1.00 133.57 ? 12  C   A OP1   1 
ATOM   243  O  OP2   . C   A 1 12 ? -0.477  -17.151 2.393   1.00 116.79 ? 12  C   A OP2   1 
ATOM   244  O  "O5'" . C   A 1 12 ? -1.705  -15.734 4.021   1.00 117.71 ? 12  C   A "O5'" 1 
ATOM   245  C  "C5'" . C   A 1 12 ? -2.006  -15.187 5.296   1.00 119.89 ? 12  C   A "C5'" 1 
ATOM   246  C  "C4'" . C   A 1 12 ? -2.785  -13.902 5.170   1.00 130.97 ? 12  C   A "C4'" 1 
ATOM   247  O  "O4'" . C   A 1 12 ? -2.021  -12.890 4.463   1.00 128.63 ? 12  C   A "O4'" 1 
ATOM   248  C  "C3'" . C   A 1 12 ? -4.080  -13.998 4.380   1.00 134.74 ? 12  C   A "C3'" 1 
ATOM   249  O  "O3'" . C   A 1 12 ? -5.141  -14.584 5.111   1.00 142.95 ? 12  C   A "O3'" 1 
ATOM   250  C  "C2'" . C   A 1 12 ? -4.326  -12.546 4.001   1.00 126.89 ? 12  C   A "C2'" 1 
ATOM   251  O  "O2'" . C   A 1 12 ? -4.813  -11.816 5.118   1.00 129.53 ? 12  C   A "O2'" 1 
ATOM   252  C  "C1'" . C   A 1 12 ? -2.899  -12.078 3.705   1.00 120.14 ? 12  C   A "C1'" 1 
ATOM   253  N  N1    . C   A 1 12 ? -2.530  -12.202 2.277   1.00 115.46 ? 12  C   A N1    1 
ATOM   254  C  C2    . C   A 1 12 ? -2.867  -11.201 1.358   1.00 108.10 ? 12  C   A C2    1 
ATOM   255  O  O2    . C   A 1 12 ? -3.532  -10.224 1.735   1.00 109.92 ? 12  C   A O2    1 
ATOM   256  N  N3    . C   A 1 12 ? -2.488  -11.352 0.066   1.00 101.03 ? 12  C   A N3    1 
ATOM   257  C  C4    . C   A 1 12 ? -1.781  -12.421 -0.304  1.00 106.43 ? 12  C   A C4    1 
ATOM   258  N  N4    . C   A 1 12 ? -1.418  -12.538 -1.581  1.00 114.99 ? 12  C   A N4    1 
ATOM   259  C  C5    . C   A 1 12 ? -1.405  -13.437 0.614   1.00 109.28 ? 12  C   A C5    1 
ATOM   260  C  C6    . C   A 1 12 ? -1.789  -13.279 1.881   1.00 115.84 ? 12  C   A C6    1 
ATOM   261  P  P     . C   A 1 13 ? -6.437  -15.151 4.348   1.00 122.85 ? 13  C   A P     1 
ATOM   262  O  OP1   . C   A 1 13 ? -7.327  -15.777 5.359   1.00 120.08 ? 13  C   A OP1   1 
ATOM   263  O  OP2   . C   A 1 13 ? -5.970  -15.945 3.180   1.00 106.00 ? 13  C   A OP2   1 
ATOM   264  O  "O5'" . C   A 1 13 ? -7.161  -13.840 3.806   1.00 127.42 ? 13  C   A "O5'" 1 
ATOM   265  C  "C5'" . C   A 1 13 ? -7.965  -13.855 2.635   1.00 131.32 ? 13  C   A "C5'" 1 
ATOM   266  C  "C4'" . C   A 1 13 ? -8.105  -12.476 2.039   1.00 127.69 ? 13  C   A "C4'" 1 
ATOM   267  O  "O4'" . C   A 1 13 ? -6.785  -11.981 1.675   1.00 118.21 ? 13  C   A "O4'" 1 
ATOM   268  C  "C3'" . C   A 1 13 ? -8.897  -12.402 0.744   1.00 130.13 ? 13  C   A "C3'" 1 
ATOM   269  O  "O3'" . C   A 1 13 ? -10.292 -12.325 0.978   1.00 130.53 ? 13  C   A "O3'" 1 
ATOM   270  C  "C2'" . C   A 1 13 ? -8.316  -11.180 0.045   1.00 122.33 ? 13  C   A "C2'" 1 
ATOM   271  O  "O2'" . C   A 1 13 ? -8.878  -9.987  0.568   1.00 128.48 ? 13  C   A "O2'" 1 
ATOM   272  C  "C1'" . C   A 1 13 ? -6.849  -11.247 0.467   1.00 113.58 ? 13  C   A "C1'" 1 
ATOM   273  N  N1    . C   A 1 13 ? -6.035  -11.930 -0.572  1.00 103.12 ? 13  C   A N1    1 
ATOM   274  C  C2    . C   A 1 13 ? -5.890  -11.295 -1.815  1.00 106.29 ? 13  C   A C2    1 
ATOM   275  O  O2    . C   A 1 13 ? -6.401  -10.178 -1.968  1.00 113.78 ? 13  C   A O2    1 
ATOM   276  N  N3    . C   A 1 13 ? -5.171  -11.885 -2.794  1.00 99.73  ? 13  C   A N3    1 
ATOM   277  C  C4    . C   A 1 13 ? -4.622  -13.080 -2.593  1.00 98.86  ? 13  C   A C4    1 
ATOM   278  N  N4    . C   A 1 13 ? -3.925  -13.627 -3.594  1.00 98.47  ? 13  C   A N4    1 
ATOM   279  C  C5    . C   A 1 13 ? -4.766  -13.763 -1.351  1.00 112.63 ? 13  C   A C5    1 
ATOM   280  C  C6    . C   A 1 13 ? -5.477  -13.165 -0.382  1.00 116.47 ? 13  C   A C6    1 
ATOM   281  P  P     . A   A 1 14 ? -11.238 -13.450 0.329   1.00 152.35 ? 14  A   A P     1 
ATOM   282  O  OP1   . A   A 1 14 ? -12.178 -13.896 1.388   1.00 137.43 ? 14  A   A OP1   1 
ATOM   283  O  OP2   . A   A 1 14 ? -10.349 -14.442 -0.334  1.00 137.38 ? 14  A   A OP2   1 
ATOM   284  O  "O5'" . A   A 1 14 ? -12.078 -12.720 -0.813  1.00 141.25 ? 14  A   A "O5'" 1 
ATOM   285  C  "C5'" . A   A 1 14 ? -12.275 -11.313 -0.841  1.00 125.25 ? 14  A   A "C5'" 1 
ATOM   286  C  "C4'" . A   A 1 14 ? -11.989 -10.729 -2.204  1.00 121.40 ? 14  A   A "C4'" 1 
ATOM   287  O  "O4'" . A   A 1 14 ? -10.572 -10.717 -2.469  1.00 122.72 ? 14  A   A "O4'" 1 
ATOM   288  C  "C3'" . A   A 1 14 ? -12.558 -11.506 -3.377  1.00 135.17 ? 14  A   A "C3'" 1 
ATOM   289  O  "O3'" . A   A 1 14 ? -13.953 -11.322 -3.523  1.00 133.26 ? 14  A   A "O3'" 1 
ATOM   290  C  "C2'" . A   A 1 14 ? -11.725 -10.987 -4.545  1.00 129.90 ? 14  A   A "C2'" 1 
ATOM   291  O  "O2'" . A   A 1 14 ? -12.229 -9.744  -5.007  1.00 125.53 ? 14  A   A "O2'" 1 
ATOM   292  C  "C1'" . A   A 1 14 ? -10.366 -10.740 -3.866  1.00 125.11 ? 14  A   A "C1'" 1 
ATOM   293  N  N9    . A   A 1 14 ? -9.333  -11.746 -4.165  1.00 126.90 ? 14  A   A N9    1 
ATOM   294  C  C8    . A   A 1 14 ? -8.849  -12.726 -3.332  1.00 126.55 ? 14  A   A C8    1 
ATOM   295  N  N7    . A   A 1 14 ? -7.880  -13.432 -3.859  1.00 124.62 ? 14  A   A N7    1 
ATOM   296  C  C5    . A   A 1 14 ? -7.699  -12.857 -5.109  1.00 120.62 ? 14  A   A C5    1 
ATOM   297  C  C6    . A   A 1 14 ? -6.819  -13.143 -6.164  1.00 119.35 ? 14  A   A C6    1 
ATOM   298  N  N6    . A   A 1 14 ? -5.915  -14.124 -6.127  1.00 123.02 ? 14  A   A N6    1 
ATOM   299  N  N1    . A   A 1 14 ? -6.900  -12.377 -7.275  1.00 123.16 ? 14  A   A N1    1 
ATOM   300  C  C2    . A   A 1 14 ? -7.806  -11.391 -7.308  1.00 128.67 ? 14  A   A C2    1 
ATOM   301  N  N3    . A   A 1 14 ? -8.686  -11.024 -6.383  1.00 126.42 ? 14  A   A N3    1 
ATOM   302  C  C4    . A   A 1 14 ? -8.572  -11.803 -5.298  1.00 124.20 ? 14  A   A C4    1 
ATOM   303  P  P     . C   A 1 15 ? -14.875 -12.581 -3.889  1.00 126.45 ? 15  C   A P     1 
ATOM   304  O  OP1   . C   A 1 15 ? -16.280 -12.209 -3.582  1.00 131.21 ? 15  C   A OP1   1 
ATOM   305  O  OP2   . C   A 1 15 ? -14.262 -13.786 -3.277  1.00 122.75 ? 15  C   A OP2   1 
ATOM   306  O  "O5'" . C   A 1 15 ? -14.744 -12.765 -5.464  1.00 120.90 ? 15  C   A "O5'" 1 
ATOM   307  C  "C5'" . C   A 1 15 ? -15.401 -11.863 -6.337  1.00 129.52 ? 15  C   A "C5'" 1 
ATOM   308  C  "C4'" . C   A 1 15 ? -14.627 -11.591 -7.601  1.00 135.48 ? 15  C   A "C4'" 1 
ATOM   309  O  "O4'" . C   A 1 15 ? -13.210 -11.677 -7.353  1.00 128.29 ? 15  C   A "O4'" 1 
ATOM   310  C  "C3'" . C   A 1 15 ? -14.866 -12.594 -8.716  1.00 134.49 ? 15  C   A "C3'" 1 
ATOM   311  O  "O3'" . C   A 1 15 ? -16.072 -12.248 -9.384  1.00 151.06 ? 15  C   A "O3'" 1 
ATOM   312  C  "C2'" . C   A 1 15 ? -13.609 -12.443 -9.580  1.00 134.35 ? 15  C   A "C2'" 1 
ATOM   313  O  "O2'" . C   A 1 15 ? -13.768 -11.399 -10.523 1.00 143.98 ? 15  C   A "O2'" 1 
ATOM   314  C  "C1'" . C   A 1 15 ? -12.542 -12.024 -8.545  1.00 132.26 ? 15  C   A "C1'" 1 
ATOM   315  N  N1    . C   A 1 15 ? -11.558 -13.080 -8.208  1.00 133.64 ? 15  C   A N1    1 
ATOM   316  C  C2    . C   A 1 15 ? -10.477 -13.427 -9.037  1.00 134.92 ? 15  C   A C2    1 
ATOM   317  O  O2    . C   A 1 15 ? -10.317 -12.877 -10.137 1.00 129.80 ? 15  C   A O2    1 
ATOM   318  N  N3    . C   A 1 15 ? -9.619  -14.392 -8.602  1.00 142.92 ? 15  C   A N3    1 
ATOM   319  C  C4    . C   A 1 15 ? -9.795  -14.982 -7.419  1.00 142.72 ? 15  C   A C4    1 
ATOM   320  N  N4    . C   A 1 15 ? -8.939  -15.929 -7.020  1.00 137.36 ? 15  C   A N4    1 
ATOM   321  C  C5    . C   A 1 15 ? -10.871 -14.633 -6.562  1.00 137.78 ? 15  C   A C5    1 
ATOM   322  C  C6    . C   A 1 15 ? -11.707 -13.686 -6.990  1.00 133.41 ? 15  C   A C6    1 
ATOM   323  P  P     . G   A 1 16 ? -16.622 -12.978 -10.709 1.00 168.31 ? 16  G   A P     1 
ATOM   324  O  OP1   . G   A 1 16 ? -16.262 -12.119 -11.865 1.00 172.36 ? 16  G   A OP1   1 
ATOM   325  O  OP2   . G   A 1 16 ? -18.045 -13.325 -10.467 1.00 177.68 ? 16  G   A OP2   1 
ATOM   326  O  "O5'" . G   A 1 16 ? -15.826 -14.346 -10.845 1.00 154.02 ? 16  G   A "O5'" 1 
ATOM   327  C  "C5'" . G   A 1 16 ? -15.952 -15.105 -12.046 1.00 168.90 ? 16  G   A "C5'" 1 
ATOM   328  C  "C4'" . G   A 1 16 ? -14.790 -14.856 -12.973 1.00 165.27 ? 16  G   A "C4'" 1 
ATOM   329  O  "O4'" . G   A 1 16 ? -13.555 -14.940 -12.223 1.00 156.79 ? 16  G   A "O4'" 1 
ATOM   330  C  "C3'" . G   A 1 16 ? -14.665 -15.828 -14.148 1.00 162.77 ? 16  G   A "C3'" 1 
ATOM   331  O  "O3'" . G   A 1 16 ? -14.277 -15.097 -15.308 1.00 160.40 ? 16  G   A "O3'" 1 
ATOM   332  C  "C2'" . G   A 1 16 ? -13.514 -16.740 -13.723 1.00 162.07 ? 16  G   A "C2'" 1 
ATOM   333  O  "O2'" . G   A 1 16 ? -12.782 -17.288 -14.800 1.00 158.10 ? 16  G   A "O2'" 1 
ATOM   334  C  "C1'" . G   A 1 16 ? -12.656 -15.801 -12.878 1.00 154.48 ? 16  G   A "C1'" 1 
ATOM   335  N  N9    . G   A 1 16 ? -11.905 -16.476 -11.825 1.00 144.13 ? 16  G   A N9    1 
ATOM   336  C  C8    . G   A 1 16 ? -12.323 -16.566 -10.522 1.00 142.44 ? 16  G   A C8    1 
ATOM   337  N  N7    . G   A 1 16 ? -11.483 -17.194 -9.756  1.00 144.42 ? 16  G   A N7    1 
ATOM   338  C  C5    . G   A 1 16 ? -10.445 -17.529 -10.610 1.00 147.69 ? 16  G   A C5    1 
ATOM   339  C  C6    . G   A 1 16 ? -9.249  -18.229 -10.334 1.00 146.95 ? 16  G   A C6    1 
ATOM   340  O  O6    . G   A 1 16 ? -8.869  -18.694 -9.254  1.00 146.02 ? 16  G   A O6    1 
ATOM   341  N  N1    . G   A 1 16 ? -8.465  -18.359 -11.472 1.00 144.01 ? 16  G   A N1    1 
ATOM   342  C  C2    . G   A 1 16 ? -8.787  -17.880 -12.717 1.00 146.34 ? 16  G   A C2    1 
ATOM   343  N  N2    . G   A 1 16 ? -7.883  -18.118 -13.676 1.00 145.41 ? 16  G   A N2    1 
ATOM   344  N  N3    . G   A 1 16 ? -9.903  -17.224 -12.993 1.00 153.07 ? 16  G   A N3    1 
ATOM   345  C  C4    . G   A 1 16 ? -10.677 -17.082 -11.894 1.00 152.29 ? 16  G   A C4    1 
ATOM   346  P  P     . U   A 1 17 ? -15.349 -14.456 -16.321 1.00 192.02 ? 17  U   A P     1 
ATOM   347  O  OP1   . U   A 1 17 ? -16.398 -13.760 -15.538 1.00 185.06 ? 17  U   A OP1   1 
ATOM   348  O  OP2   . U   A 1 17 ? -15.728 -15.474 -17.333 1.00 195.94 ? 17  U   A OP2   1 
ATOM   349  O  "O5'" . U   A 1 17 ? -14.486 -13.318 -17.018 1.00 185.12 ? 17  U   A "O5'" 1 
ATOM   350  C  "C5'" . U   A 1 17 ? -13.697 -13.597 -18.166 1.00 179.28 ? 17  U   A "C5'" 1 
ATOM   351  C  "C4'" . U   A 1 17 ? -12.570 -12.606 -18.299 1.00 169.69 ? 17  U   A "C4'" 1 
ATOM   352  O  "O4'" . U   A 1 17 ? -11.559 -13.039 -17.333 1.00 170.88 ? 17  U   A "O4'" 1 
ATOM   353  C  "C3'" . U   A 1 17 ? -11.870 -12.637 -19.652 1.00 170.96 ? 17  U   A "C3'" 1 
ATOM   354  O  "O3'" . U   A 1 17 ? -11.340 -11.376 -20.090 1.00 170.91 ? 17  U   A "O3'" 1 
ATOM   355  C  "C2'" . U   A 1 17 ? -10.785 -13.682 -19.446 1.00 168.17 ? 17  U   A "C2'" 1 
ATOM   356  O  "O2'" . U   A 1 17 ? -9.696  -13.579 -20.340 1.00 177.09 ? 17  U   A "O2'" 1 
ATOM   357  C  "C1'" . U   A 1 17 ? -10.361 -13.391 -18.014 1.00 167.65 ? 17  U   A "C1'" 1 
ATOM   358  N  N1    . U   A 1 17 ? -9.807  -14.611 -17.386 1.00 174.13 ? 17  U   A N1    1 
ATOM   359  C  C2    . U   A 1 17 ? -9.494  -14.717 -16.036 1.00 171.58 ? 17  U   A C2    1 
ATOM   360  O  O2    . U   A 1 17 ? -9.662  -13.836 -15.222 1.00 172.78 ? 17  U   A O2    1 
ATOM   361  N  N3    . U   A 1 17 ? -8.981  -15.932 -15.639 1.00 161.82 ? 17  U   A N3    1 
ATOM   362  C  C4    . U   A 1 17 ? -8.729  -17.039 -16.424 1.00 167.67 ? 17  U   A C4    1 
ATOM   363  O  O4    . U   A 1 17 ? -8.258  -18.055 -15.913 1.00 164.34 ? 17  U   A O4    1 
ATOM   364  C  C5    . U   A 1 17 ? -9.060  -16.864 -17.800 1.00 172.56 ? 17  U   A C5    1 
ATOM   365  C  C6    . U   A 1 17 ? -9.563  -15.696 -18.203 1.00 174.08 ? 17  U   A C6    1 
ATOM   366  P  P     . U   A 1 18 ? -12.286 -10.073 -20.278 1.00 178.97 ? 18  U   A P     1 
ATOM   367  O  OP1   . U   A 1 18 ? -13.663 -10.597 -20.495 1.00 179.90 ? 18  U   A OP1   1 
ATOM   368  O  OP2   . U   A 1 18 ? -11.645 -9.269  -21.347 1.00 183.78 ? 18  U   A OP2   1 
ATOM   369  O  "O5'" . U   A 1 18 ? -12.239 -9.163  -18.958 1.00 178.77 ? 18  U   A "O5'" 1 
ATOM   370  C  "C5'" . U   A 1 18 ? -13.216 -8.118  -18.743 1.00 177.42 ? 18  U   A "C5'" 1 
ATOM   371  C  "C4'" . U   A 1 18 ? -12.813 -7.170  -17.627 1.00 160.76 ? 18  U   A "C4'" 1 
ATOM   372  O  "O4'" . U   A 1 18 ? -12.934 -7.865  -16.368 1.00 160.09 ? 18  U   A "O4'" 1 
ATOM   373  C  "C3'" . U   A 1 18 ? -11.385 -6.635  -17.680 1.00 153.63 ? 18  U   A "C3'" 1 
ATOM   374  O  "O3'" . U   A 1 18 ? -11.464 -5.308  -17.153 1.00 142.24 ? 18  U   A "O3'" 1 
ATOM   375  C  "C2'" . U   A 1 18 ? -10.639 -7.544  -16.715 1.00 150.02 ? 18  U   A "C2'" 1 
ATOM   376  O  "O2'" . U   A 1 18 ? -9.470  -6.969  -16.162 1.00 147.32 ? 18  U   A "O2'" 1 
ATOM   377  C  "C1'" . U   A 1 18 ? -11.709 -7.812  -15.667 1.00 150.24 ? 18  U   A "C1'" 1 
ATOM   378  N  N1    . U   A 1 18 ? -11.635 -9.136  -15.053 1.00 155.56 ? 18  U   A N1    1 
ATOM   379  C  C2    . U   A 1 18 ? -12.836 -9.598  -14.516 1.00 162.57 ? 18  U   A C2    1 
ATOM   380  O  O2    . U   A 1 18 ? -13.842 -8.926  -14.331 1.00 168.23 ? 18  U   A O2    1 
ATOM   381  N  N3    . U   A 1 18 ? -12.779 -10.874 -14.025 1.00 157.30 ? 18  U   A N3    1 
ATOM   382  C  C4    . U   A 1 18 ? -11.716 -11.737 -14.121 1.00 159.64 ? 18  U   A C4    1 
ATOM   383  O  O4    . U   A 1 18 ? -11.831 -12.866 -13.647 1.00 161.97 ? 18  U   A O4    1 
ATOM   384  C  C5    . U   A 1 18 ? -10.560 -11.205 -14.781 1.00 159.28 ? 18  U   A C5    1 
ATOM   385  C  C6    . U   A 1 18 ? -10.563 -9.958  -15.252 1.00 155.88 ? 18  U   A C6    1 
ATOM   386  P  P     . A   A 1 19 ? -10.541 -4.084  -17.623 1.00 150.45 ? 19  A   A P     1 
ATOM   387  O  OP1   . A   A 1 19 ? -11.410 -3.100  -18.326 1.00 143.90 ? 19  A   A OP1   1 
ATOM   388  O  OP2   . A   A 1 19 ? -9.346  -4.636  -18.313 1.00 158.04 ? 19  A   A OP2   1 
ATOM   389  O  "O5'" . A   A 1 19 ? -10.042 -3.405  -16.267 1.00 146.41 ? 19  A   A "O5'" 1 
ATOM   390  C  "C5'" . A   A 1 19 ? -10.912 -2.684  -15.400 1.00 151.75 ? 19  A   A "C5'" 1 
ATOM   391  C  "C4'" . A   A 1 19 ? -10.433 -2.788  -13.965 1.00 146.10 ? 19  A   A "C4'" 1 
ATOM   392  O  "O4'" . A   A 1 19 ? -10.643 -4.140  -13.426 1.00 138.25 ? 19  A   A "O4'" 1 
ATOM   393  C  "C3'" . A   A 1 19 ? -8.918  -2.536  -13.870 1.00 141.17 ? 19  A   A "C3'" 1 
ATOM   394  O  "O3'" . A   A 1 19 ? -8.589  -1.820  -12.677 1.00 136.50 ? 19  A   A "O3'" 1 
ATOM   395  C  "C2'" . A   A 1 19 ? -8.345  -3.939  -13.746 1.00 137.72 ? 19  A   A "C2'" 1 
ATOM   396  O  "O2'" . A   A 1 19 ? -7.072  -3.996  -13.140 1.00 142.36 ? 19  A   A "O2'" 1 
ATOM   397  C  "C1'" . A   A 1 19 ? -9.409  -4.583  -12.885 1.00 136.34 ? 19  A   A "C1'" 1 
ATOM   398  N  N9    . A   A 1 19 ? -9.293  -6.041  -12.696 1.00 136.26 ? 19  A   A N9    1 
ATOM   399  C  C8    . A   A 1 19 ? -8.224  -6.751  -13.197 1.00 138.09 ? 19  A   A C8    1 
ATOM   400  N  N7    . A   A 1 19 ? -8.259  -8.036  -12.977 1.00 139.22 ? 19  A   A N7    1 
ATOM   401  C  C5    . A   A 1 19 ? -9.449  -8.209  -12.296 1.00 140.27 ? 19  A   A C5    1 
ATOM   402  C  C6    . A   A 1 19 ? -10.051 -9.370  -11.783 1.00 145.63 ? 19  A   A C6    1 
ATOM   403  N  N6    . A   A 1 19 ? -9.513  -10.590 -11.889 1.00 148.56 ? 19  A   A N6    1 
ATOM   404  N  N1    . A   A 1 19 ? -11.236 -9.230  -11.153 1.00 145.94 ? 19  A   A N1    1 
ATOM   405  C  C2    . A   A 1 19 ? -11.764 -8.003  -11.054 1.00 142.35 ? 19  A   A C2    1 
ATOM   406  N  N3    . A   A 1 19 ? -11.292 -6.836  -11.497 1.00 142.51 ? 19  A   A N3    1 
ATOM   407  C  C4    . A   A 1 19 ? -10.127 -7.003  -12.152 1.00 138.52 ? 19  A   A C4    1 
ATOM   408  P  P     . A   A 1 20 ? -9.030  -0.288  -12.441 1.00 145.06 ? 20  A   A P     1 
ATOM   409  O  OP1   . A   A 1 20 ? -9.275  0.335   -13.766 1.00 133.46 ? 20  A   A OP1   1 
ATOM   410  O  OP2   . A   A 1 20 ? -8.013  0.291   -11.527 1.00 153.57 ? 20  A   A OP2   1 
ATOM   411  O  "O5'" . A   A 1 20 ? -10.414 -0.335  -11.645 1.00 137.22 ? 20  A   A "O5'" 1 
ATOM   412  C  "C5'" . A   A 1 20 ? -10.385 -0.466  -10.229 1.00 134.25 ? 20  A   A "C5'" 1 
ATOM   413  C  "C4'" . A   A 1 20 ? -11.585 -1.202  -9.688  1.00 135.03 ? 20  A   A "C4'" 1 
ATOM   414  O  "O4'" . A   A 1 20 ? -11.530 -2.575  -10.108 1.00 134.06 ? 20  A   A "O4'" 1 
ATOM   415  C  "C3'" . A   A 1 20 ? -11.679 -1.272  -8.168  1.00 134.12 ? 20  A   A "C3'" 1 
ATOM   416  O  "O3'" . A   A 1 20 ? -12.243 -0.107  -7.580  1.00 128.74 ? 20  A   A "O3'" 1 
ATOM   417  C  "C2'" . A   A 1 20 ? -12.517 -2.527  -7.939  1.00 131.24 ? 20  A   A "C2'" 1 
ATOM   418  O  "O2'" . A   A 1 20 ? -13.900 -2.232  -8.078  1.00 133.77 ? 20  A   A "O2'" 1 
ATOM   419  C  "C1'" . A   A 1 20 ? -12.103 -3.404  -9.126  1.00 129.70 ? 20  A   A "C1'" 1 
ATOM   420  N  N9    . A   A 1 20 ? -11.145 -4.490  -8.843  1.00 128.94 ? 20  A   A N9    1 
ATOM   421  C  C8    . A   A 1 20 ? -9.836  -4.531  -9.256  1.00 124.82 ? 20  A   A C8    1 
ATOM   422  N  N7    . A   A 1 20 ? -9.208  -5.632  -8.935  1.00 116.24 ? 20  A   A N7    1 
ATOM   423  C  C5    . A   A 1 20 ? -10.177 -6.380  -8.285  1.00 120.20 ? 20  A   A C5    1 
ATOM   424  C  C6    . A   A 1 20 ? -10.140 -7.657  -7.702  1.00 126.60 ? 20  A   A C6    1 
ATOM   425  N  N6    . A   A 1 20 ? -9.050  -8.424  -7.680  1.00 130.28 ? 20  A   A N6    1 
ATOM   426  N  N1    . A   A 1 20 ? -11.273 -8.119  -7.133  1.00 124.79 ? 20  A   A N1    1 
ATOM   427  C  C2    . A   A 1 20 ? -12.362 -7.342  -7.156  1.00 134.70 ? 20  A   A C2    1 
ATOM   428  N  N3    . A   A 1 20 ? -12.524 -6.125  -7.674  1.00 134.52 ? 20  A   A N3    1 
ATOM   429  C  C4    . A   A 1 20 ? -11.376 -5.693  -8.222  1.00 126.25 ? 20  A   A C4    1 
ATOM   430  P  P     . A   A 1 21 ? -11.419 0.648   -6.428  1.00 130.31 ? 21  A   A P     1 
ATOM   431  O  OP1   . A   A 1 21 ? -11.858 2.066   -6.430  1.00 131.14 ? 21  A   A OP1   1 
ATOM   432  O  OP2   . A   A 1 21 ? -9.981  0.322   -6.605  1.00 145.35 ? 21  A   A OP2   1 
ATOM   433  O  "O5'" . A   A 1 21 ? -11.896 0.006   -5.050  1.00 121.81 ? 21  A   A "O5'" 1 
ATOM   434  C  "C5'" . A   A 1 21 ? -13.227 0.090   -4.559  1.00 122.70 ? 21  A   A "C5'" 1 
ATOM   435  C  "C4'" . A   A 1 21 ? -13.583 -1.154  -3.787  1.00 120.40 ? 21  A   A "C4'" 1 
ATOM   436  O  "O4'" . A   A 1 21 ? -13.235 -2.297  -4.606  1.00 116.36 ? 21  A   A "O4'" 1 
ATOM   437  C  "C3'" . A   A 1 21 ? -12.778 -1.339  -2.500  1.00 126.82 ? 21  A   A "C3'" 1 
ATOM   438  O  "O3'" . A   A 1 21 ? -13.303 -0.739  -1.314  1.00 119.64 ? 21  A   A "O3'" 1 
ATOM   439  C  "C2'" . A   A 1 21 ? -12.680 -2.856  -2.356  1.00 126.72 ? 21  A   A "C2'" 1 
ATOM   440  O  "O2'" . A   A 1 21 ? -13.807 -3.370  -1.663  1.00 120.26 ? 21  A   A "O2'" 1 
ATOM   441  C  "C1'" . A   A 1 21 ? -12.744 -3.341  -3.805  1.00 124.78 ? 21  A   A "C1'" 1 
ATOM   442  N  N9    . A   A 1 21 ? -11.413 -3.705  -4.322  1.00 128.25 ? 21  A   A N9    1 
ATOM   443  C  C8    . A   A 1 21 ? -10.522 -2.841  -4.906  1.00 130.10 ? 21  A   A C8    1 
ATOM   444  N  N7    . A   A 1 21 ? -9.425  -3.415  -5.325  1.00 132.94 ? 21  A   A N7    1 
ATOM   445  C  C5    . A   A 1 21 ? -9.624  -4.753  -5.022  1.00 128.13 ? 21  A   A C5    1 
ATOM   446  C  C6    . A   A 1 21 ? -8.818  -5.882  -5.219  1.00 124.22 ? 21  A   A C6    1 
ATOM   447  N  N6    . A   A 1 21 ? -7.611  -5.825  -5.788  1.00 124.69 ? 21  A   A N6    1 
ATOM   448  N  N1    . A   A 1 21 ? -9.299  -7.076  -4.807  1.00 120.92 ? 21  A   A N1    1 
ATOM   449  C  C2    . A   A 1 21 ? -10.512 -7.116  -4.240  1.00 120.56 ? 21  A   A C2    1 
ATOM   450  N  N3    . A   A 1 21 ? -11.364 -6.123  -4.002  1.00 120.17 ? 21  A   A N3    1 
ATOM   451  C  C4    . A   A 1 21 ? -10.862 -4.956  -4.441  1.00 123.79 ? 21  A   A C4    1 
ATOM   452  P  P     . U   A 1 22 ? -14.775 -0.099  -1.187  1.00 141.12 ? 22  U   A P     1 
ATOM   453  O  OP1   . U   A 1 22 ? -15.792 -0.864  -1.946  1.00 140.20 ? 22  U   A OP1   1 
ATOM   454  O  OP2   . U   A 1 22 ? -14.629 1.360   -1.405  1.00 135.94 ? 22  U   A OP2   1 
ATOM   455  O  "O5'" . U   A 1 22 ? -15.127 -0.296  0.358   1.00 123.64 ? 22  U   A "O5'" 1 
ATOM   456  C  "C5'" . U   A 1 22 ? -14.415 -1.238  1.155   1.00 116.76 ? 22  U   A "C5'" 1 
ATOM   457  C  "C4'" . U   A 1 22 ? -15.289 -1.909  2.193   1.00 125.51 ? 22  U   A "C4'" 1 
ATOM   458  O  "O4'" . U   A 1 22 ? -16.684 -1.666  1.851   1.00 129.66 ? 22  U   A "O4'" 1 
ATOM   459  C  "C3'" . U   A 1 22 ? -15.131 -3.427  2.251   1.00 123.11 ? 22  U   A "C3'" 1 
ATOM   460  O  "O3'" . U   A 1 22 ? -15.396 -3.931  3.564   1.00 121.97 ? 22  U   A "O3'" 1 
ATOM   461  C  "C2'" . U   A 1 22 ? -16.237 -3.900  1.312   1.00 128.29 ? 22  U   A "C2'" 1 
ATOM   462  O  "O2'" . U   A 1 22 ? -16.654 -5.234  1.515   1.00 128.13 ? 22  U   A "O2'" 1 
ATOM   463  C  "C1'" . U   A 1 22 ? -17.345 -2.902  1.638   1.00 125.34 ? 22  U   A "C1'" 1 
ATOM   464  N  N1    . U   A 1 22 ? -18.322 -2.724  0.550   1.00 114.66 ? 22  U   A N1    1 
ATOM   465  C  C2    . U   A 1 22 ? -19.670 -2.827  0.838   1.00 119.23 ? 22  U   A C2    1 
ATOM   466  O  O2    . U   A 1 22 ? -20.093 -3.044  1.958   1.00 125.32 ? 22  U   A O2    1 
ATOM   467  N  N3    . U   A 1 22 ? -20.510 -2.653  -0.236  1.00 116.18 ? 22  U   A N3    1 
ATOM   468  C  C4    . U   A 1 22 ? -20.153 -2.400  -1.545  1.00 111.71 ? 22  U   A C4    1 
ATOM   469  O  O4    . U   A 1 22 ? -21.025 -2.268  -2.406  1.00 104.09 ? 22  U   A O4    1 
ATOM   470  C  C5    . U   A 1 22 ? -18.744 -2.314  -1.763  1.00 121.55 ? 22  U   A C5    1 
ATOM   471  C  C6    . U   A 1 22 ? -17.907 -2.481  -0.735  1.00 120.56 ? 22  U   A C6    1 
ATOM   472  P  P     . A   A 1 23 ? -14.165 -4.254  4.548   1.00 132.52 ? 23  A   A P     1 
ATOM   473  O  OP1   . A   A 1 23 ? -14.734 -4.647  5.863   1.00 141.53 ? 23  A   A OP1   1 
ATOM   474  O  OP2   . A   A 1 23 ? -13.199 -3.127  4.480   1.00 133.07 ? 23  A   A OP2   1 
ATOM   475  O  "O5'" . A   A 1 23 ? -13.509 -5.549  3.888   1.00 132.75 ? 23  A   A "O5'" 1 
ATOM   476  C  "C5'" . A   A 1 23 ? -14.229 -6.761  3.724   1.00 131.98 ? 23  A   A "C5'" 1 
ATOM   477  C  "C4'" . A   A 1 23 ? -13.314 -7.881  3.286   1.00 125.79 ? 23  A   A "C4'" 1 
ATOM   478  O  "O4'" . A   A 1 23 ? -13.120 -7.774  1.853   1.00 117.01 ? 23  A   A "O4'" 1 
ATOM   479  C  "C3'" . A   A 1 23 ? -11.904 -7.915  3.873   1.00 122.36 ? 23  A   A "C3'" 1 
ATOM   480  O  "O3'" . A   A 1 23 ? -11.860 -8.665  5.076   1.00 131.07 ? 23  A   A "O3'" 1 
ATOM   481  C  "C2'" . A   A 1 23 ? -11.072 -8.550  2.766   1.00 123.11 ? 23  A   A "C2'" 1 
ATOM   482  O  "O2'" . A   A 1 23 ? -11.160 -9.967  2.824   1.00 124.56 ? 23  A   A "O2'" 1 
ATOM   483  C  "C1'" . A   A 1 23 ? -11.788 -8.072  1.511   1.00 123.29 ? 23  A   A "C1'" 1 
ATOM   484  N  N9    . A   A 1 23 ? -11.198 -6.873  0.885   1.00 124.78 ? 23  A   A N9    1 
ATOM   485  C  C8    . A   A 1 23 ? -11.595 -5.567  1.043   1.00 125.67 ? 23  A   A C8    1 
ATOM   486  N  N7    . A   A 1 23 ? -10.914 -4.715  0.316   1.00 125.89 ? 23  A   A N7    1 
ATOM   487  C  C5    . A   A 1 23 ? -10.020 -5.512  -0.386  1.00 121.40 ? 23  A   A C5    1 
ATOM   488  C  C6    . A   A 1 23 ? -9.021  -5.215  -1.331  1.00 115.41 ? 23  A   A C6    1 
ATOM   489  N  N6    . A   A 1 23 ? -8.735  -3.981  -1.753  1.00 113.97 ? 23  A   A N6    1 
ATOM   490  N  N1    . A   A 1 23 ? -8.309  -6.245  -1.837  1.00 112.70 ? 23  A   A N1    1 
ATOM   491  C  C2    . A   A 1 23 ? -8.590  -7.485  -1.416  1.00 123.83 ? 23  A   A C2    1 
ATOM   492  N  N3    . A   A 1 23 ? -9.504  -7.890  -0.536  1.00 127.05 ? 23  A   A N3    1 
ATOM   493  C  C4    . A   A 1 23 ? -10.193 -6.844  -0.052  1.00 123.59 ? 23  A   A C4    1 
ATOM   494  P  P     . G   A 1 24 ? -11.030 -8.218  6.378   1.00 136.80 ? 24  G   A P     1 
ATOM   495  O  OP1   . G   A 1 24 ? -11.409 -9.109  7.504   1.00 133.16 ? 24  G   A OP1   1 
ATOM   496  O  OP2   . G   A 1 24 ? -11.136 -6.739  6.491   1.00 132.23 ? 24  G   A OP2   1 
ATOM   497  O  "O5'" . G   A 1 24 ? -9.523  -8.575  6.009   1.00 132.53 ? 24  G   A "O5'" 1 
ATOM   498  C  "C5'" . G   A 1 24 ? -9.206  -9.816  5.397   1.00 123.28 ? 24  G   A "C5'" 1 
ATOM   499  C  "C4'" . G   A 1 24 ? -7.899  -9.724  4.651   1.00 126.48 ? 24  G   A "C4'" 1 
ATOM   500  O  "O4'" . G   A 1 24 ? -8.122  -9.065  3.376   1.00 125.75 ? 24  G   A "O4'" 1 
ATOM   501  C  "C3'" . G   A 1 24 ? -6.830  -8.878  5.321   1.00 120.69 ? 24  G   A "C3'" 1 
ATOM   502  O  "O3'" . G   A 1 24 ? -6.122  -9.642  6.274   1.00 123.00 ? 24  G   A "O3'" 1 
ATOM   503  C  "C2'" . G   A 1 24 ? -5.987  -8.404  4.147   1.00 117.89 ? 24  G   A "C2'" 1 
ATOM   504  O  "O2'" . G   A 1 24 ? -5.141  -9.448  3.691   1.00 117.84 ? 24  G   A "O2'" 1 
ATOM   505  C  "C1'" . G   A 1 24 ? -7.067  -8.167  3.095   1.00 123.68 ? 24  G   A "C1'" 1 
ATOM   506  N  N9    . G   A 1 24 ? -7.590  -6.783  3.143   1.00 122.97 ? 24  G   A N9    1 
ATOM   507  C  C8    . G   A 1 24 ? -8.494  -6.263  4.040   1.00 123.35 ? 24  G   A C8    1 
ATOM   508  N  N7    . G   A 1 24 ? -8.742  -4.994  3.858   1.00 126.72 ? 24  G   A N7    1 
ATOM   509  C  C5    . G   A 1 24 ? -7.943  -4.636  2.781   1.00 116.86 ? 24  G   A C5    1 
ATOM   510  C  C6    . G   A 1 24 ? -7.786  -3.383  2.128   1.00 114.61 ? 24  G   A C6    1 
ATOM   511  O  O6    . G   A 1 24 ? -8.342  -2.303  2.376   1.00 112.29 ? 24  G   A O6    1 
ATOM   512  N  N1    . G   A 1 24 ? -6.871  -3.469  1.084   1.00 109.59 ? 24  G   A N1    1 
ATOM   513  C  C2    . G   A 1 24 ? -6.198  -4.608  0.714   1.00 109.66 ? 24  G   A C2    1 
ATOM   514  N  N2    . G   A 1 24 ? -5.351  -4.492  -0.319  1.00 104.18 ? 24  G   A N2    1 
ATOM   515  N  N3    . G   A 1 24 ? -6.334  -5.777  1.318   1.00 117.07 ? 24  G   A N3    1 
ATOM   516  C  C4    . G   A 1 24 ? -7.207  -5.721  2.346   1.00 118.07 ? 24  G   A C4    1 
ATOM   517  P  P     . U   A 1 25 ? -5.502  -8.955  7.578   1.00 137.71 ? 25  U   A P     1 
ATOM   518  O  OP1   . U   A 1 25 ? -5.965  -7.548  7.644   1.00 119.00 ? 25  U   A OP1   1 
ATOM   519  O  OP2   . U   A 1 25 ? -4.049  -9.295  7.629   1.00 152.06 ? 25  U   A OP2   1 
ATOM   520  O  "O5'" . U   A 1 25 ? -6.233  -9.723  8.765   1.00 148.86 ? 25  U   A "O5'" 1 
ATOM   521  C  "C5'" . U   A 1 25 ? -7.651  -9.800  8.864   1.00 147.98 ? 25  U   A "C5'" 1 
ATOM   522  C  "C4'" . U   A 1 25 ? -8.044  -9.787  10.316  1.00 154.08 ? 25  U   A "C4'" 1 
ATOM   523  O  "O4'" . U   A 1 25 ? -6.871  -10.037 11.136  1.00 157.89 ? 25  U   A "O4'" 1 
ATOM   524  C  "C3'" . U   A 1 25 ? -8.556  -8.452  10.826  1.00 150.45 ? 25  U   A "C3'" 1 
ATOM   525  O  "O3'" . U   A 1 25 ? -9.925  -8.208  10.456  1.00 135.34 ? 25  U   A "O3'" 1 
ATOM   526  C  "C2'" . U   A 1 25 ? -8.295  -8.558  12.315  1.00 152.69 ? 25  U   A "C2'" 1 
ATOM   527  O  "O2'" . U   A 1 25 ? -9.241  -9.426  12.915  1.00 160.67 ? 25  U   A "O2'" 1 
ATOM   528  C  "C1'" . U   A 1 25 ? -6.941  -9.253  12.314  1.00 154.25 ? 25  U   A "C1'" 1 
ATOM   529  N  N1    . U   A 1 25 ? -5.755  -8.368  12.355  1.00 151.56 ? 25  U   A N1    1 
ATOM   530  C  C2    . U   A 1 25 ? -5.218  -8.041  13.580  1.00 154.99 ? 25  U   A C2    1 
ATOM   531  O  O2    . U   A 1 25 ? -5.711  -8.390  14.638  1.00 156.84 ? 25  U   A O2    1 
ATOM   532  N  N3    . U   A 1 25 ? -4.071  -7.283  13.523  1.00 156.02 ? 25  U   A N3    1 
ATOM   533  C  C4    . U   A 1 25 ? -3.413  -6.829  12.399  1.00 152.54 ? 25  U   A C4    1 
ATOM   534  O  O4    . U   A 1 25 ? -2.389  -6.148  12.519  1.00 153.59 ? 25  U   A O4    1 
ATOM   535  C  C5    . U   A 1 25 ? -4.031  -7.227  11.175  1.00 152.72 ? 25  U   A C5    1 
ATOM   536  C  C6    . U   A 1 25 ? -5.142  -7.969  11.195  1.00 152.43 ? 25  U   A C6    1 
ATOM   537  P  P     . U   A 1 26 ? -10.443 -6.696  10.191  1.00 151.09 ? 26  U   A P     1 
ATOM   538  O  OP1   . U   A 1 26 ? -11.380 -6.820  9.056   1.00 146.59 ? 26  U   A OP1   1 
ATOM   539  O  OP2   . U   A 1 26 ? -9.389  -5.682  10.133  1.00 158.87 ? 26  U   A OP2   1 
ATOM   540  O  "O5'" . U   A 1 26 ? -11.339 -6.319  11.456  1.00 157.33 ? 26  U   A "O5'" 1 
ATOM   541  C  "C5'" . U   A 1 26 ? -11.075 -6.948  12.702  1.00 157.58 ? 26  U   A "C5'" 1 
ATOM   542  C  "C4'" . U   A 1 26 ? -10.777 -6.063  13.899  1.00 160.44 ? 26  U   A "C4'" 1 
ATOM   543  O  "O4'" . U   A 1 26 ? -9.413  -6.274  14.352  1.00 160.26 ? 26  U   A "O4'" 1 
ATOM   544  C  "C3'" . U   A 1 26 ? -10.899 -4.553  13.819  1.00 159.04 ? 26  U   A "C3'" 1 
ATOM   545  O  "O3'" . U   A 1 26 ? -12.233 -4.086  13.864  1.00 164.41 ? 26  U   A "O3'" 1 
ATOM   546  C  "C2'" . U   A 1 26 ? -10.113 -4.126  15.046  1.00 155.83 ? 26  U   A "C2'" 1 
ATOM   547  O  "O2'" . U   A 1 26 ? -10.898 -4.360  16.206  1.00 152.44 ? 26  U   A "O2'" 1 
ATOM   548  C  "C1'" . U   A 1 26 ? -8.965  -5.131  15.044  1.00 159.60 ? 26  U   A "C1'" 1 
ATOM   549  N  N1    . U   A 1 26 ? -7.751  -4.637  14.351  1.00 165.98 ? 26  U   A N1    1 
ATOM   550  C  C2    . U   A 1 26 ? -6.705  -4.300  15.174  1.00 166.42 ? 26  U   A C2    1 
ATOM   551  O  O2    . U   A 1 26 ? -6.795  -4.413  16.386  1.00 169.97 ? 26  U   A O2    1 
ATOM   552  N  N3    . U   A 1 26 ? -5.565  -3.893  14.518  1.00 160.78 ? 26  U   A N3    1 
ATOM   553  C  C4    . U   A 1 26 ? -5.418  -3.767  13.150  1.00 159.03 ? 26  U   A C4    1 
ATOM   554  O  O4    . U   A 1 26 ? -4.343  -3.379  12.713  1.00 150.85 ? 26  U   A O4    1 
ATOM   555  C  C5    . U   A 1 26 ? -6.559  -4.109  12.357  1.00 163.40 ? 26  U   A C5    1 
ATOM   556  C  C6    . U   A 1 26 ? -7.669  -4.522  12.978  1.00 162.99 ? 26  U   A C6    1 
ATOM   557  P  P     . G   A 1 27 ? -12.652 -2.732  13.099  1.00 163.66 ? 27  G   A P     1 
ATOM   558  O  OP1   . G   A 1 27 ? -13.913 -2.964  12.369  1.00 152.86 ? 27  G   A OP1   1 
ATOM   559  O  OP2   . G   A 1 27 ? -11.495 -2.169  12.380  1.00 172.37 ? 27  G   A OP2   1 
ATOM   560  O  "O5'" . G   A 1 27 ? -13.018 -1.669  14.233  1.00 153.17 ? 27  G   A "O5'" 1 
ATOM   561  C  "C5'" . G   A 1 27 ? -12.911 -1.945  15.625  1.00 155.77 ? 27  G   A "C5'" 1 
ATOM   562  C  "C4'" . G   A 1 27 ? -12.178 -0.841  16.354  1.00 159.75 ? 27  G   A "C4'" 1 
ATOM   563  O  "O4'" . G   A 1 27 ? -10.857 -1.266  16.764  1.00 158.37 ? 27  G   A "O4'" 1 
ATOM   564  C  "C3'" . G   A 1 27 ? -11.904 0.418   15.551  1.00 155.05 ? 27  G   A "C3'" 1 
ATOM   565  O  "O3'" . G   A 1 27 ? -13.044 1.229   15.362  1.00 158.44 ? 27  G   A "O3'" 1 
ATOM   566  C  "C2'" . G   A 1 27 ? -10.799 1.080   16.355  1.00 155.15 ? 27  G   A "C2'" 1 
ATOM   567  O  "O2'" . G   A 1 27 ? -11.332 1.740   17.494  1.00 158.85 ? 27  G   A "O2'" 1 
ATOM   568  C  "C1'" . G   A 1 27 ? -10.002 -0.135  16.823  1.00 154.45 ? 27  G   A "C1'" 1 
ATOM   569  N  N9    . G   A 1 27 ? -8.806  -0.386  15.997  1.00 155.53 ? 27  G   A N9    1 
ATOM   570  C  C8    . G   A 1 27 ? -8.676  -1.323  15.007  1.00 154.79 ? 27  G   A C8    1 
ATOM   571  N  N7    . G   A 1 27 ? -7.491  -1.377  14.474  1.00 149.15 ? 27  G   A N7    1 
ATOM   572  C  C5    . G   A 1 27 ? -6.774  -0.422  15.173  1.00 148.64 ? 27  G   A C5    1 
ATOM   573  C  C6    . G   A 1 27 ? -5.424  -0.020  15.035  1.00 147.18 ? 27  G   A C6    1 
ATOM   574  O  O6    . G   A 1 27 ? -4.575  -0.446  14.243  1.00 141.46 ? 27  G   A O6    1 
ATOM   575  N  N1    . G   A 1 27 ? -5.104  0.983   15.944  1.00 152.77 ? 27  G   A N1    1 
ATOM   576  C  C2    . G   A 1 27 ? -5.969  1.527   16.863  1.00 148.98 ? 27  G   A C2    1 
ATOM   577  N  N2    . G   A 1 27 ? -5.474  2.486   17.656  1.00 144.41 ? 27  G   A N2    1 
ATOM   578  N  N3    . G   A 1 27 ? -7.232  1.159   16.999  1.00 155.99 ? 27  G   A N3    1 
ATOM   579  C  C4    . G   A 1 27 ? -7.558  0.171   16.142  1.00 156.96 ? 27  G   A C4    1 
ATOM   580  P  P     . C   A 1 28 ? -13.135 2.192   14.080  1.00 173.19 ? 28  C   A P     1 
ATOM   581  O  OP1   . C   A 1 28 ? -14.529 2.692   13.978  1.00 175.69 ? 28  C   A OP1   1 
ATOM   582  O  OP2   . C   A 1 28 ? -12.544 1.459   12.932  1.00 163.54 ? 28  C   A OP2   1 
ATOM   583  O  "O5'" . C   A 1 28 ? -12.194 3.437   14.420  1.00 154.24 ? 28  C   A "O5'" 1 
ATOM   584  C  "C5'" . C   A 1 28 ? -12.372 4.176   15.622  1.00 147.02 ? 28  C   A "C5'" 1 
ATOM   585  C  "C4'" . C   A 1 28 ? -11.158 4.995   16.007  1.00 147.51 ? 28  C   A "C4'" 1 
ATOM   586  O  "O4'" . C   A 1 28 ? -10.034 4.136   16.340  1.00 146.19 ? 28  C   A "O4'" 1 
ATOM   587  C  "C3'" . C   A 1 28 ? -10.614 5.919   14.927  1.00 146.67 ? 28  C   A "C3'" 1 
ATOM   588  O  "O3'" . C   A 1 28 ? -11.350 7.123   14.800  1.00 149.80 ? 28  C   A "O3'" 1 
ATOM   589  C  "C2'" . C   A 1 28 ? -9.164  6.115   15.344  1.00 149.90 ? 28  C   A "C2'" 1 
ATOM   590  O  "O2'" . C   A 1 28 ? -9.065  7.090   16.373  1.00 153.61 ? 28  C   A "O2'" 1 
ATOM   591  C  "C1'" . C   A 1 28 ? -8.825  4.749   15.938  1.00 149.42 ? 28  C   A "C1'" 1 
ATOM   592  N  N1    . C   A 1 28 ? -8.143  3.884   14.948  1.00 142.30 ? 28  C   A N1    1 
ATOM   593  C  C2    . C   A 1 28 ? -6.797  4.128   14.666  1.00 149.04 ? 28  C   A C2    1 
ATOM   594  O  O2    . C   A 1 28 ? -6.226  5.076   15.225  1.00 159.38 ? 28  C   A O2    1 
ATOM   595  N  N3    . C   A 1 28 ? -6.156  3.358   13.758  1.00 147.72 ? 28  C   A N3    1 
ATOM   596  C  C4    . C   A 1 28 ? -6.799  2.356   13.162  1.00 150.40 ? 28  C   A C4    1 
ATOM   597  N  N4    . C   A 1 28 ? -6.120  1.615   12.282  1.00 154.29 ? 28  C   A N4    1 
ATOM   598  C  C5    . C   A 1 28 ? -8.165  2.068   13.444  1.00 142.62 ? 28  C   A C5    1 
ATOM   599  C  C6    . C   A 1 28 ? -8.788  2.848   14.335  1.00 137.33 ? 28  C   A C6    1 
ATOM   600  P  P     . U   A 1 29 ? -11.517 7.781   13.343  1.00 158.59 ? 29  U   A P     1 
ATOM   601  O  OP1   . U   A 1 29 ? -12.536 8.854   13.450  1.00 156.43 ? 29  U   A OP1   1 
ATOM   602  O  OP2   . U   A 1 29 ? -11.723 6.663   12.386  1.00 137.39 ? 29  U   A OP2   1 
ATOM   603  O  "O5'" . U   A 1 29 ? -10.124 8.477   12.990  1.00 158.59 ? 29  U   A "O5'" 1 
ATOM   604  C  "C5'" . U   A 1 29 ? -9.457  9.321   13.922  1.00 145.76 ? 29  U   A "C5'" 1 
ATOM   605  C  "C4'" . U   A 1 29 ? -7.972  9.443   13.659  1.00 142.98 ? 29  U   A "C4'" 1 
ATOM   606  O  "O4'" . U   A 1 29 ? -7.290  8.176   13.841  1.00 136.99 ? 29  U   A "O4'" 1 
ATOM   607  C  "C3'" . U   A 1 29 ? -7.585  9.889   12.258  1.00 143.47 ? 29  U   A "C3'" 1 
ATOM   608  O  "O3'" . U   A 1 29 ? -7.677  11.287  12.060  1.00 138.72 ? 29  U   A "O3'" 1 
ATOM   609  C  "C2'" . U   A 1 29 ? -6.159  9.362   12.114  1.00 140.43 ? 29  U   A "C2'" 1 
ATOM   610  O  "O2'" . U   A 1 29 ? -5.229  10.246  12.723  1.00 135.89 ? 29  U   A "O2'" 1 
ATOM   611  C  "C1'" . U   A 1 29 ? -6.215  8.069   12.932  1.00 138.87 ? 29  U   A "C1'" 1 
ATOM   612  N  N1    . U   A 1 29 ? -6.425  6.881   12.075  1.00 137.54 ? 29  U   A N1    1 
ATOM   613  C  C2    . U   A 1 29 ? -5.407  6.508   11.214  1.00 139.20 ? 29  U   A C2    1 
ATOM   614  O  O2    . U   A 1 29 ? -4.335  7.088   11.141  1.00 138.22 ? 29  U   A O2    1 
ATOM   615  N  N3    . U   A 1 29 ? -5.679  5.401   10.449  1.00 139.67 ? 29  U   A N3    1 
ATOM   616  C  C4    . U   A 1 29 ? -6.841  4.656   10.445  1.00 136.72 ? 29  U   A C4    1 
ATOM   617  O  O4    . U   A 1 29 ? -6.935  3.686   9.692   1.00 128.03 ? 29  U   A O4    1 
ATOM   618  C  C5    . U   A 1 29 ? -7.846  5.116   11.352  1.00 140.47 ? 29  U   A C5    1 
ATOM   619  C  C6    . U   A 1 29 ? -7.610  6.187   12.113  1.00 140.66 ? 29  U   A C6    1 
ATOM   620  P  P     . U   A 1 30 ? -7.885  11.850  10.569  1.00 140.51 ? 30  U   A P     1 
ATOM   621  O  OP1   . U   A 1 30 ? -7.946  13.334  10.618  1.00 135.22 ? 30  U   A OP1   1 
ATOM   622  O  OP2   . U   A 1 30 ? -9.001  11.087  9.956   1.00 136.72 ? 30  U   A OP2   1 
ATOM   623  O  "O5'" . U   A 1 30 ? -6.556  11.433  9.799   1.00 148.79 ? 30  U   A "O5'" 1 
ATOM   624  C  "C5'" . U   A 1 30 ? -5.605  12.422  9.459   1.00 137.87 ? 30  U   A "C5'" 1 
ATOM   625  C  "C4'" . U   A 1 30 ? -4.381  11.868  8.774   1.00 139.21 ? 30  U   A "C4'" 1 
ATOM   626  O  "O4'" . U   A 1 30 ? -4.186  10.470  9.118   1.00 146.64 ? 30  U   A "O4'" 1 
ATOM   627  C  "C3'" . U   A 1 30 ? -4.400  11.851  7.259   1.00 131.90 ? 30  U   A "C3'" 1 
ATOM   628  O  "O3'" . U   A 1 30 ? -4.211  13.135  6.692   1.00 136.04 ? 30  U   A "O3'" 1 
ATOM   629  C  "C2'" . U   A 1 30 ? -3.320  10.829  6.931   1.00 132.28 ? 30  U   A "C2'" 1 
ATOM   630  O  "O2'" . U   A 1 30 ? -2.027  11.393  7.091   1.00 123.11 ? 30  U   A "O2'" 1 
ATOM   631  C  "C1'" . U   A 1 30 ? -3.533  9.803   8.049   1.00 138.29 ? 30  U   A "C1'" 1 
ATOM   632  N  N1    . U   A 1 30 ? -4.397  8.692   7.580   1.00 132.20 ? 30  U   A N1    1 
ATOM   633  C  C2    . U   A 1 30 ? -3.931  7.862   6.568   1.00 126.94 ? 30  U   A C2    1 
ATOM   634  O  O2    . U   A 1 30 ? -2.835  7.959   6.047   1.00 128.34 ? 30  U   A O2    1 
ATOM   635  N  N3    . U   A 1 30 ? -4.804  6.881   6.173   1.00 120.92 ? 30  U   A N3    1 
ATOM   636  C  C4    . U   A 1 30 ? -6.069  6.641   6.659   1.00 129.76 ? 30  U   A C4    1 
ATOM   637  O  O4    . U   A 1 30 ? -6.726  5.708   6.193   1.00 134.12 ? 30  U   A O4    1 
ATOM   638  C  C5    . U   A 1 30 ? -6.483  7.541   7.691   1.00 135.54 ? 30  U   A C5    1 
ATOM   639  C  C6    . U   A 1 30 ? -5.657  8.511   8.099   1.00 134.21 ? 30  U   A C6    1 
ATOM   640  P  P     . A   A 1 31 ? -5.428  13.809  5.882   1.00 155.56 ? 31  A   A P     1 
ATOM   641  O  OP1   . A   A 1 31 ? -4.920  14.995  5.146   1.00 145.89 ? 31  A   A OP1   1 
ATOM   642  O  OP2   . A   A 1 31 ? -6.568  13.977  6.822   1.00 155.10 ? 31  A   A OP2   1 
ATOM   643  O  "O5'" . A   A 1 31 ? -5.835  12.668  4.842   1.00 139.36 ? 31  A   A "O5'" 1 
ATOM   644  C  "C5'" . A   A 1 31 ? -6.547  12.972  3.650   1.00 130.25 ? 31  A   A "C5'" 1 
ATOM   645  C  "C4'" . A   A 1 31 ? -5.762  12.536  2.434   1.00 131.42 ? 31  A   A "C4'" 1 
ATOM   646  O  "O4'" . A   A 1 31 ? -4.757  13.534  2.112   1.00 130.28 ? 31  A   A "O4'" 1 
ATOM   647  C  "C3'" . A   A 1 31 ? -4.969  11.238  2.552   1.00 124.71 ? 31  A   A "C3'" 1 
ATOM   648  O  "O3'" . A   A 1 31 ? -5.762  10.081  2.370   1.00 115.80 ? 31  A   A "O3'" 1 
ATOM   649  C  "C2'" . A   A 1 31 ? -3.894  11.413  1.495   1.00 116.07 ? 31  A   A "C2'" 1 
ATOM   650  O  "O2'" . A   A 1 31 ? -4.426  11.207  0.195   1.00 98.50  ? 31  A   A "O2'" 1 
ATOM   651  C  "C1'" . A   A 1 31 ? -3.578  12.896  1.663   1.00 120.18 ? 31  A   A "C1'" 1 
ATOM   652  N  N9    . A   A 1 31 ? -2.500  13.193  2.623   1.00 120.19 ? 31  A   A N9    1 
ATOM   653  C  C8    . A   A 1 31 ? -2.623  13.858  3.818   1.00 123.78 ? 31  A   A C8    1 
ATOM   654  N  N7    . A   A 1 31 ? -1.492  14.044  4.451   1.00 128.91 ? 31  A   A N7    1 
ATOM   655  C  C5    . A   A 1 31 ? -0.554  13.480  3.597   1.00 127.45 ? 31  A   A C5    1 
ATOM   656  C  C6    . A   A 1 31 ? 0.840   13.349  3.689   1.00 123.51 ? 31  A   A C6    1 
ATOM   657  N  N6    . A   A 1 31 ? 1.556   13.796  4.724   1.00 122.30 ? 31  A   A N6    1 
ATOM   658  N  N1    . A   A 1 31 ? 1.477   12.734  2.668   1.00 122.69 ? 31  A   A N1    1 
ATOM   659  C  C2    . A   A 1 31 ? 0.754   12.283  1.635   1.00 114.20 ? 31  A   A C2    1 
ATOM   660  N  N3    . A   A 1 31 ? -0.557  12.353  1.430   1.00 112.71 ? 31  A   A N3    1 
ATOM   661  C  C4    . A   A 1 31 ? -1.158  12.971  2.459   1.00 121.49 ? 31  A   A C4    1 
ATOM   662  P  P     . A   A 1 32 ? -5.504  8.753   3.231   1.00 122.96 ? 32  A   A P     1 
ATOM   663  O  OP1   . A   A 1 32 ? -6.439  7.716   2.722   1.00 127.03 ? 32  A   A OP1   1 
ATOM   664  O  OP2   . A   A 1 32 ? -5.539  9.138   4.663   1.00 126.56 ? 32  A   A OP2   1 
ATOM   665  O  "O5'" . A   A 1 32 ? -4.020  8.311   2.836   1.00 124.13 ? 32  A   A "O5'" 1 
ATOM   666  C  "C5'" . A   A 1 32 ? -3.765  7.619   1.620   1.00 121.76 ? 32  A   A "C5'" 1 
ATOM   667  C  "C4'" . A   A 1 32 ? -2.294  7.323   1.426   1.00 111.37 ? 32  A   A "C4'" 1 
ATOM   668  O  "O4'" . A   A 1 32 ? -1.528  8.548   1.539   1.00 111.17 ? 32  A   A "O4'" 1 
ATOM   669  C  "C3'" . A   A 1 32 ? -1.666  6.406   2.461   1.00 110.22 ? 32  A   A "C3'" 1 
ATOM   670  O  "O3'" . A   A 1 32 ? -1.906  5.047   2.162   1.00 117.24 ? 32  A   A "O3'" 1 
ATOM   671  C  "C2'" . A   A 1 32 ? -0.189  6.769   2.366   1.00 104.21 ? 32  A   A "C2'" 1 
ATOM   672  O  "O2'" . A   A 1 32 ? 0.411   6.137   1.245   1.00 106.36 ? 32  A   A "O2'" 1 
ATOM   673  C  "C1'" . A   A 1 32 ? -0.258  8.268   2.087   1.00 101.71 ? 32  A   A "C1'" 1 
ATOM   674  N  N9    . A   A 1 32 ? -0.101  9.053   3.321   1.00 108.03 ? 32  A   A N9    1 
ATOM   675  C  C8    . A   A 1 32 ? -1.089  9.459   4.178   1.00 117.03 ? 32  A   A C8    1 
ATOM   676  N  N7    . A   A 1 32 ? -0.646  10.146  5.201   1.00 123.69 ? 32  A   A N7    1 
ATOM   677  C  C5    . A   A 1 32 ? 0.724   10.195  4.997   1.00 122.51 ? 32  A   A C5    1 
ATOM   678  C  C6    . A   A 1 32 ? 1.765   10.784  5.735   1.00 128.15 ? 32  A   A C6    1 
ATOM   679  N  N6    . A   A 1 32 ? 1.572   11.461  6.870   1.00 136.09 ? 32  A   A N6    1 
ATOM   680  N  N1    . A   A 1 32 ? 3.024   10.650  5.260   1.00 121.99 ? 32  A   A N1    1 
ATOM   681  C  C2    . A   A 1 32 ? 3.209   9.968   4.120   1.00 116.76 ? 32  A   A C2    1 
ATOM   682  N  N3    . A   A 1 32 ? 2.312   9.370   3.339   1.00 106.47 ? 32  A   A N3    1 
ATOM   683  C  C4    . A   A 1 32 ? 1.076   9.527   3.841   1.00 110.04 ? 32  A   A C4    1 
ATOM   684  P  P     . G   A 1 33 ? -2.557  4.051   3.241   1.00 106.86 ? 33  G   A P     1 
ATOM   685  O  OP1   . G   A 1 33 ? -3.663  4.752   3.948   1.00 101.38 ? 33  G   A OP1   1 
ATOM   686  O  OP2   . G   A 1 33 ? -1.458  3.422   4.021   1.00 114.69 ? 33  G   A OP2   1 
ATOM   687  O  "O5'" . G   A 1 33 ? -3.213  2.949   2.300   1.00 113.98 ? 33  G   A "O5'" 1 
ATOM   688  C  "C5'" . G   A 1 33 ? -4.313  3.301   1.479   1.00 111.66 ? 33  G   A "C5'" 1 
ATOM   689  C  "C4'" . G   A 1 33 ? -4.030  2.995   0.030   1.00 102.55 ? 33  G   A "C4'" 1 
ATOM   690  O  "O4'" . G   A 1 33 ? -3.026  3.898   -0.500  1.00 110.25 ? 33  G   A "O4'" 1 
ATOM   691  C  "C3'" . G   A 1 33 ? -3.475  1.620   -0.290  1.00 90.77  ? 33  G   A "C3'" 1 
ATOM   692  O  "O3'" . G   A 1 33 ? -4.483  0.624   -0.224  1.00 90.02  ? 33  G   A "O3'" 1 
ATOM   693  C  "C2'" . G   A 1 33 ? -2.889  1.842   -1.677  1.00 90.94  ? 33  G   A "C2'" 1 
ATOM   694  O  "O2'" . G   A 1 33 ? -3.919  1.909   -2.651  1.00 80.90  ? 33  G   A "O2'" 1 
ATOM   695  C  "C1'" . G   A 1 33 ? -2.289  3.241   -1.513  1.00 94.00  ? 33  G   A "C1'" 1 
ATOM   696  N  N9    . G   A 1 33 ? -0.861  3.231   -1.137  1.00 88.09  ? 33  G   A N9    1 
ATOM   697  C  C8    . G   A 1 33 ? -0.301  3.105   0.114   1.00 100.11 ? 33  G   A C8    1 
ATOM   698  N  N7    . G   A 1 33 ? 1.007   3.149   0.093   1.00 112.30 ? 33  G   A N7    1 
ATOM   699  C  C5    . G   A 1 33 ? 1.330   3.319   -1.250  1.00 105.20 ? 33  G   A C5    1 
ATOM   700  C  C6    . G   A 1 33 ? 2.588   3.438   -1.901  1.00 104.35 ? 33  G   A C6    1 
ATOM   701  O  O6    . G   A 1 33 ? 3.717   3.413   -1.403  1.00 113.41 ? 33  G   A O6    1 
ATOM   702  N  N1    . G   A 1 33 ? 2.448   3.592   -3.278  1.00 100.63 ? 33  G   A N1    1 
ATOM   703  C  C2    . G   A 1 33 ? 1.249   3.632   -3.944  1.00 101.87 ? 33  G   A C2    1 
ATOM   704  N  N2    . G   A 1 33 ? 1.287   3.790   -5.275  1.00 111.45 ? 33  G   A N2    1 
ATOM   705  N  N3    . G   A 1 33 ? 0.073   3.524   -3.349  1.00 97.32  ? 33  G   A N3    1 
ATOM   706  C  C4    . G   A 1 33 ? 0.189   3.369   -2.015  1.00 96.38  ? 33  G   A C4    1 
ATOM   707  P  P     . C   A 1 34 ? -4.153  -0.938  -0.421  1.00 92.07  ? 34  C   A P     1 
ATOM   708  O  OP1   . C   A 1 34 ? -3.112  -1.139  -1.459  1.00 94.79  ? 34  C   A OP1   1 
ATOM   709  O  OP2   . C   A 1 34 ? -5.455  -1.628  -0.550  1.00 105.08 ? 34  C   A OP2   1 
ATOM   710  O  "O5'" . C   A 1 34 ? -3.513  -1.396  0.958   1.00 95.49  ? 34  C   A "O5'" 1 
ATOM   711  C  "C5'" . C   A 1 34 ? -4.106  -1.056  2.200   1.00 100.43 ? 34  C   A "C5'" 1 
ATOM   712  C  "C4'" . C   A 1 34 ? -3.909  -2.179  3.180   1.00 106.59 ? 34  C   A "C4'" 1 
ATOM   713  O  "O4'" . C   A 1 34 ? -4.276  -3.427  2.539   1.00 108.28 ? 34  C   A "O4'" 1 
ATOM   714  C  "C3'" . C   A 1 34 ? -2.475  -2.417  3.607   1.00 102.79 ? 34  C   A "C3'" 1 
ATOM   715  O  "O3'" . C   A 1 34 ? -1.998  -1.483  4.561   1.00 108.31 ? 34  C   A "O3'" 1 
ATOM   716  C  "C2'" . C   A 1 34 ? -2.522  -3.863  4.072   1.00 98.44  ? 34  C   A "C2'" 1 
ATOM   717  O  "O2'" . C   A 1 34 ? -3.180  -3.967  5.325   1.00 94.49  ? 34  C   A "O2'" 1 
ATOM   718  C  "C1'" . C   A 1 34 ? -3.433  -4.464  3.002   1.00 98.25  ? 34  C   A "C1'" 1 
ATOM   719  N  N1    . C   A 1 34 ? -2.676  -4.988  1.839   1.00 98.57  ? 34  C   A N1    1 
ATOM   720  C  C2    . C   A 1 34 ? -2.286  -6.321  1.836   1.00 101.84 ? 34  C   A C2    1 
ATOM   721  O  O2    . C   A 1 34 ? -2.527  -7.024  2.821   1.00 106.07 ? 34  C   A O2    1 
ATOM   722  N  N3    . C   A 1 34 ? -1.598  -6.824  0.785   1.00 102.19 ? 34  C   A N3    1 
ATOM   723  C  C4    . C   A 1 34 ? -1.323  -6.056  -0.268  1.00 99.59  ? 34  C   A C4    1 
ATOM   724  N  N4    . C   A 1 34 ? -0.651  -6.608  -1.284  1.00 99.76  ? 34  C   A N4    1 
ATOM   725  C  C5    . C   A 1 34 ? -1.729  -4.692  -0.316  1.00 104.07 ? 34  C   A C5    1 
ATOM   726  C  C6    . C   A 1 34 ? -2.399  -4.214  0.743   1.00 102.07 ? 34  C   A C6    1 
ATOM   727  P  P     . C   A 1 35 ? -0.416  -1.292  4.737   1.00 101.55 ? 35  C   A P     1 
ATOM   728  O  OP1   . C   A 1 35 ? -0.179  -0.266  5.784   1.00 95.97  ? 35  C   A OP1   1 
ATOM   729  O  OP2   . C   A 1 35 ? 0.177   -1.130  3.384   1.00 96.54  ? 35  C   A OP2   1 
ATOM   730  O  "O5'" . C   A 1 35 ? 0.062   -2.689  5.329   1.00 97.16  ? 35  C   A "O5'" 1 
ATOM   731  C  "C5'" . C   A 1 35 ? -0.015  -2.929  6.725   1.00 95.92  ? 35  C   A "C5'" 1 
ATOM   732  C  "C4'" . C   A 1 35 ? 0.630   -4.238  7.093   1.00 93.42  ? 35  C   A "C4'" 1 
ATOM   733  O  "O4'" . C   A 1 35 ? 0.166   -5.277  6.204   1.00 87.88  ? 35  C   A "O4'" 1 
ATOM   734  C  "C3'" . C   A 1 35 ? 2.136   -4.289  6.951   1.00 97.21  ? 35  C   A "C3'" 1 
ATOM   735  O  "O3'" . C   A 1 35 ? 2.814   -3.651  8.020   1.00 112.61 ? 35  C   A "O3'" 1 
ATOM   736  C  "C2'" . C   A 1 35 ? 2.406   -5.788  6.830   1.00 90.84  ? 35  C   A "C2'" 1 
ATOM   737  O  "O2'" . C   A 1 35 ? 2.399   -6.399  8.111   1.00 82.74  ? 35  C   A "O2'" 1 
ATOM   738  C  "C1'" . C   A 1 35 ? 1.165   -6.264  6.056   1.00 95.91  ? 35  C   A "C1'" 1 
ATOM   739  N  N1    . C   A 1 35 ? 1.407   -6.424  4.600   1.00 91.77  ? 35  C   A N1    1 
ATOM   740  C  C2    . C   A 1 35 ? 2.154   -7.483  4.058   1.00 86.79  ? 35  C   A C2    1 
ATOM   741  O  O2    . C   A 1 35 ? 2.652   -8.337  4.803   1.00 79.46  ? 35  C   A O2    1 
ATOM   742  N  N3    . C   A 1 35 ? 2.313   -7.544  2.708   1.00 91.13  ? 35  C   A N3    1 
ATOM   743  C  C4    . C   A 1 35 ? 1.775   -6.615  1.917   1.00 92.56  ? 35  C   A C4    1 
ATOM   744  N  N4    . C   A 1 35 ? 1.950   -6.703  0.597   1.00 93.32  ? 35  C   A N4    1 
ATOM   745  C  C5    . C   A 1 35 ? 1.013   -5.537  2.444   1.00 96.32  ? 35  C   A C5    1 
ATOM   746  C  C6    . C   A 1 35 ? 0.861   -5.487  3.769   1.00 94.14  ? 35  C   A C6    1 
ATOM   747  P  P     . C   A 1 36 ? 4.240   -2.968  7.741   1.00 112.90 ? 36  C   A P     1 
ATOM   748  O  OP1   . C   A 1 36 ? 4.658   -2.226  8.961   1.00 104.89 ? 36  C   A OP1   1 
ATOM   749  O  OP2   . C   A 1 36 ? 4.157   -2.250  6.444   1.00 102.77 ? 36  C   A OP2   1 
ATOM   750  O  "O5'" . C   A 1 36 ? 5.195   -4.227  7.552   1.00 97.59  ? 36  C   A "O5'" 1 
ATOM   751  C  "C5'" . C   A 1 36 ? 5.835   -4.820  8.670   1.00 100.75 ? 36  C   A "C5'" 1 
ATOM   752  C  "C4'" . C   A 1 36 ? 6.686   -5.989  8.250   1.00 93.41  ? 36  C   A "C4'" 1 
ATOM   753  O  "O4'" . C   A 1 36 ? 5.931   -6.847  7.354   1.00 101.18 ? 36  C   A "O4'" 1 
ATOM   754  C  "C3'" . C   A 1 36 ? 7.921   -5.638  7.446   1.00 96.35  ? 36  C   A "C3'" 1 
ATOM   755  O  "O3'" . C   A 1 36 ? 9.007   -5.210  8.238   1.00 96.52  ? 36  C   A "O3'" 1 
ATOM   756  C  "C2'" . C   A 1 36 ? 8.221   -6.958  6.761   1.00 99.34  ? 36  C   A "C2'" 1 
ATOM   757  O  "O2'" . C   A 1 36 ? 8.767   -7.883  7.688   1.00 107.57 ? 36  C   A "O2'" 1 
ATOM   758  C  "C1'" . C   A 1 36 ? 6.811   -7.428  6.415   1.00 91.24  ? 36  C   A "C1'" 1 
ATOM   759  N  N1    . C   A 1 36 ? 6.370   -7.073  5.046   1.00 97.74  ? 36  C   A N1    1 
ATOM   760  C  C2    . C   A 1 36 ? 7.016   -7.621  3.932   1.00 98.12  ? 36  C   A C2    1 
ATOM   761  O  O2    . C   A 1 36 ? 8.025   -8.316  4.109   1.00 105.37 ? 36  C   A O2    1 
ATOM   762  N  N3    . C   A 1 36 ? 6.576   -7.308  2.693   1.00 89.91  ? 36  C   A N3    1 
ATOM   763  C  C4    . C   A 1 36 ? 5.499   -6.537  2.539   1.00 96.27  ? 36  C   A C4    1 
ATOM   764  N  N4    . C   A 1 36 ? 5.081   -6.264  1.301   1.00 94.61  ? 36  C   A N4    1 
ATOM   765  C  C5    . C   A 1 36 ? 4.803   -6.003  3.656   1.00 102.50 ? 36  C   A C5    1 
ATOM   766  C  C6    . C   A 1 36 ? 5.251   -6.313  4.876   1.00 101.50 ? 36  C   A C6    1 
ATOM   767  P  P     . U   A 1 37 ? 9.691   -3.791  7.955   1.00 98.39  ? 37  U   A P     1 
ATOM   768  O  OP1   . U   A 1 37 ? 10.038  -3.201  9.271   1.00 98.89  ? 37  U   A OP1   1 
ATOM   769  O  OP2   . U   A 1 37 ? 8.815   -3.029  7.026   1.00 115.26 ? 37  U   A OP2   1 
ATOM   770  O  "O5'" . U   A 1 37 ? 11.030  -4.176  7.183   1.00 95.93  ? 37  U   A "O5'" 1 
ATOM   771  C  "C5'" . U   A 1 37 ? 11.792  -5.317  7.545   1.00 83.43  ? 37  U   A "C5'" 1 
ATOM   772  C  "C4'" . U   A 1 37 ? 12.590  -5.827  6.370   1.00 90.48  ? 37  U   A "C4'" 1 
ATOM   773  O  "O4'" . U   A 1 37 ? 11.757  -6.672  5.527   1.00 89.88  ? 37  U   A "O4'" 1 
ATOM   774  C  "C3'" . U   A 1 37 ? 13.093  -4.754  5.415   1.00 99.80  ? 37  U   A "C3'" 1 
ATOM   775  O  "O3'" . U   A 1 37 ? 14.260  -4.108  5.884   1.00 99.17  ? 37  U   A "O3'" 1 
ATOM   776  C  "C2'" . U   A 1 37 ? 13.298  -5.526  4.119   1.00 101.61 ? 37  U   A "C2'" 1 
ATOM   777  O  "O2'" . U   A 1 37 ? 14.509  -6.270  4.160   1.00 82.33  ? 37  U   A "O2'" 1 
ATOM   778  C  "C1'" . U   A 1 37 ? 12.127  -6.506  4.168   1.00 94.05  ? 37  U   A "C1'" 1 
ATOM   779  N  N1    . U   A 1 37 ? 10.951  -6.030  3.407   1.00 97.14  ? 37  U   A N1    1 
ATOM   780  C  C2    . U   A 1 37 ? 10.967  -6.165  2.030   1.00 97.92  ? 37  U   A C2    1 
ATOM   781  O  O2    . U   A 1 37 ? 11.923  -6.603  1.415   1.00 98.38  ? 37  U   A O2    1 
ATOM   782  N  N3    . U   A 1 37 ? 9.841   -5.718  1.387   1.00 99.14  ? 37  U   A N3    1 
ATOM   783  C  C4    . U   A 1 37 ? 8.705   -5.191  1.965   1.00 105.44 ? 37  U   A C4    1 
ATOM   784  O  O4    . U   A 1 37 ? 7.759   -4.839  1.257   1.00 111.90 ? 37  U   A O4    1 
ATOM   785  C  C5    . U   A 1 37 ? 8.756   -5.104  3.392   1.00 104.93 ? 37  U   A C5    1 
ATOM   786  C  C6    . U   A 1 37 ? 9.840   -5.528  4.048   1.00 101.67 ? 37  U   A C6    1 
ATOM   787  P  P     . A   A 1 38 ? 14.542  -2.581  5.478   1.00 107.07 ? 38  A   A P     1 
ATOM   788  O  OP1   . A   A 1 38 ? 15.769  -2.141  6.192   1.00 104.68 ? 38  A   A OP1   1 
ATOM   789  O  OP2   . A   A 1 38 ? 13.272  -1.826  5.647   1.00 98.92  ? 38  A   A OP2   1 
ATOM   790  O  "O5'" . A   A 1 38 ? 14.869  -2.627  3.919   1.00 100.50 ? 38  A   A "O5'" 1 
ATOM   791  C  "C5'" . A   A 1 38 ? 15.999  -3.340  3.439   1.00 103.59 ? 38  A   A "C5'" 1 
ATOM   792  C  "C4'" . A   A 1 38 ? 16.060  -3.343  1.932   1.00 103.73 ? 38  A   A "C4'" 1 
ATOM   793  O  "O4'" . A   A 1 38 ? 14.979  -4.151  1.393   1.00 105.07 ? 38  A   A "O4'" 1 
ATOM   794  C  "C3'" . A   A 1 38 ? 15.848  -1.986  1.288   1.00 104.09 ? 38  A   A "C3'" 1 
ATOM   795  O  "O3'" . A   A 1 38 ? 17.017  -1.180  1.310   1.00 116.87 ? 38  A   A "O3'" 1 
ATOM   796  C  "C2'" . A   A 1 38 ? 15.394  -2.363  -0.117  1.00 101.07 ? 38  A   A "C2'" 1 
ATOM   797  O  "O2'" . A   A 1 38 ? 16.501  -2.747  -0.916  1.00 122.12 ? 38  A   A "O2'" 1 
ATOM   798  C  "C1'" . A   A 1 38 ? 14.544  -3.604  0.166   1.00 97.17  ? 38  A   A "C1'" 1 
ATOM   799  N  N9    . A   A 1 38 ? 13.108  -3.285  0.274   1.00 100.86 ? 38  A   A N9    1 
ATOM   800  C  C8    . A   A 1 38 ? 12.368  -3.105  1.417   1.00 102.14 ? 38  A   A C8    1 
ATOM   801  N  N7    . A   A 1 38 ? 11.103  -2.843  1.194   1.00 97.32  ? 38  A   A N7    1 
ATOM   802  C  C5    . A   A 1 38 ? 11.004  -2.861  -0.188  1.00 90.11  ? 38  A   A C5    1 
ATOM   803  C  C6    . A   A 1 38 ? 9.921   -2.656  -1.054  1.00 99.27  ? 38  A   A C6    1 
ATOM   804  N  N6    . A   A 1 38 ? 8.686   -2.383  -0.629  1.00 105.72 ? 38  A   A N6    1 
ATOM   805  N  N1    . A   A 1 38 ? 10.154  -2.740  -2.383  1.00 109.43 ? 38  A   A N1    1 
ATOM   806  C  C2    . A   A 1 38 ? 11.398  -3.014  -2.799  1.00 105.25 ? 38  A   A C2    1 
ATOM   807  N  N3    . A   A 1 38 ? 12.496  -3.228  -2.081  1.00 99.44  ? 38  A   A N3    1 
ATOM   808  C  C4    . A   A 1 38 ? 12.226  -3.141  -0.768  1.00 95.21  ? 38  A   A C4    1 
ATOM   809  P  P     . A   A 1 39 ? 16.893  0.407   1.085   1.00 114.83 ? 39  A   A P     1 
ATOM   810  O  OP1   . A   A 1 39 ? 18.248  0.999   1.229   1.00 106.27 ? 39  A   A OP1   1 
ATOM   811  O  OP2   . A   A 1 39 ? 15.778  0.921   1.925   1.00 101.79 ? 39  A   A OP2   1 
ATOM   812  O  "O5'" . A   A 1 39 ? 16.455  0.549   -0.438  1.00 103.27 ? 39  A   A "O5'" 1 
ATOM   813  C  "C5'" . A   A 1 39 ? 15.562  1.573   -0.833  1.00 115.21 ? 39  A   A "C5'" 1 
ATOM   814  C  "C4'" . A   A 1 39 ? 14.876  1.210   -2.123  1.00 113.01 ? 39  A   A "C4'" 1 
ATOM   815  O  "O4'" . A   A 1 39 ? 13.815  0.263   -1.864  1.00 113.02 ? 39  A   A "O4'" 1 
ATOM   816  C  "C3'" . A   A 1 39 ? 14.200  2.351   -2.869  1.00 113.90 ? 39  A   A "C3'" 1 
ATOM   817  O  "O3'" . A   A 1 39 ? 15.110  3.060   -3.693  1.00 114.08 ? 39  A   A "O3'" 1 
ATOM   818  C  "C2'" . A   A 1 39 ? 13.119  1.643   -3.677  1.00 109.58 ? 39  A   A "C2'" 1 
ATOM   819  O  "O2'" . A   A 1 39 ? 13.666  1.124   -4.880  1.00 101.40 ? 39  A   A "O2'" 1 
ATOM   820  C  "C1'" . A   A 1 39 ? 12.755  0.471   -2.768  1.00 111.57 ? 39  A   A "C1'" 1 
ATOM   821  N  N9    . A   A 1 39 ? 11.494  0.590   -2.009  1.00 113.36 ? 39  A   A N9    1 
ATOM   822  C  C8    . A   A 1 39 ? 11.385  0.438   -0.646  1.00 109.17 ? 39  A   A C8    1 
ATOM   823  N  N7    . A   A 1 39 ? 10.162  0.496   -0.188  1.00 106.72 ? 39  A   A N7    1 
ATOM   824  C  C5    . A   A 1 39 ? 9.394   0.653   -1.331  1.00 104.43 ? 39  A   A C5    1 
ATOM   825  C  C6    . A   A 1 39 ? 8.006   0.778   -1.513  1.00 105.77 ? 39  A   A C6    1 
ATOM   826  N  N6    . A   A 1 39 ? 7.127   0.762   -0.512  1.00 112.28 ? 39  A   A N6    1 
ATOM   827  N  N1    . A   A 1 39 ? 7.547   0.917   -2.771  1.00 103.73 ? 39  A   A N1    1 
ATOM   828  C  C2    . A   A 1 39 ? 8.434   0.932   -3.774  1.00 107.47 ? 39  A   A C2    1 
ATOM   829  N  N3    . A   A 1 39 ? 9.764   0.823   -3.729  1.00 110.70 ? 39  A   A N3    1 
ATOM   830  C  C4    . A   A 1 39 ? 10.191  0.668   -2.464  1.00 106.21 ? 39  A   A C4    1 
ATOM   831  P  P     . G   A 1 40 ? 15.018  4.659   -3.848  1.00 122.38 ? 40  G   A P     1 
ATOM   832  O  OP1   . G   A 1 40 ? 15.791  5.051   -5.057  1.00 135.64 ? 40  G   A OP1   1 
ATOM   833  O  OP2   . G   A 1 40 ? 15.362  5.262   -2.532  1.00 106.86 ? 40  G   A OP2   1 
ATOM   834  O  "O5'" . G   A 1 40 ? 13.468  4.930   -4.116  1.00 118.89 ? 40  G   A "O5'" 1 
ATOM   835  C  "C5'" . G   A 1 40 ? 12.868  4.635   -5.381  1.00 122.33 ? 40  G   A "C5'" 1 
ATOM   836  C  "C4'" . G   A 1 40 ? 11.415  5.054   -5.427  1.00 121.22 ? 40  G   A "C4'" 1 
ATOM   837  O  "O4'" . G   A 1 40 ? 10.750  4.473   -4.270  1.00 114.66 ? 40  G   A "O4'" 1 
ATOM   838  C  "C3'" . G   A 1 40 ? 11.190  6.559   -5.317  1.00 121.55 ? 40  G   A "C3'" 1 
ATOM   839  O  "O3'" . G   A 1 40 ? 9.948   6.950   -5.905  1.00 109.74 ? 40  G   A "O3'" 1 
ATOM   840  C  "C2'" . G   A 1 40 ? 11.064  6.754   -3.816  1.00 120.99 ? 40  G   A "C2'" 1 
ATOM   841  O  "O2'" . G   A 1 40 ? 10.393  7.938   -3.436  1.00 129.94 ? 40  G   A "O2'" 1 
ATOM   842  C  "C1'" . G   A 1 40 ? 10.275  5.506   -3.425  1.00 112.42 ? 40  G   A "C1'" 1 
ATOM   843  N  N9    . G   A 1 40 ? 10.489  5.114   -2.033  1.00 111.83 ? 40  G   A N9    1 
ATOM   844  C  C8    . G   A 1 40 ? 11.704  5.012   -1.400  1.00 114.14 ? 40  G   A C8    1 
ATOM   845  N  N7    . G   A 1 40 ? 11.601  4.663   -0.148  1.00 110.87 ? 40  G   A N7    1 
ATOM   846  C  C5    . G   A 1 40 ? 10.236  4.539   0.063   1.00 114.83 ? 40  G   A C5    1 
ATOM   847  C  C6    . G   A 1 40 ? 9.519   4.185   1.234   1.00 123.65 ? 40  G   A C6    1 
ATOM   848  O  O6    . G   A 1 40 ? 9.956   3.898   2.355   1.00 129.66 ? 40  G   A O6    1 
ATOM   849  N  N1    . G   A 1 40 ? 8.149   4.181   1.009   1.00 124.44 ? 40  G   A N1    1 
ATOM   850  C  C2    . G   A 1 40 ? 7.542   4.479   -0.185  1.00 116.93 ? 40  G   A C2    1 
ATOM   851  N  N2    . G   A 1 40 ? 6.203   4.418   -0.183  1.00 119.16 ? 40  G   A N2    1 
ATOM   852  N  N3    . G   A 1 40 ? 8.195   4.812   -1.286  1.00 114.98 ? 40  G   A N3    1 
ATOM   853  C  C4    . G   A 1 40 ? 9.532   4.826   -1.089  1.00 115.84 ? 40  G   A C4    1 
ATOM   854  P  P     . C   A 1 41 ? 9.806   7.208   -7.485  1.00 117.51 ? 41  C   A P     1 
ATOM   855  O  OP1   . C   A 1 41 ? 11.182  7.200   -8.051  1.00 125.50 ? 41  C   A OP1   1 
ATOM   856  O  OP2   . C   A 1 41 ? 8.932   8.383   -7.694  1.00 115.95 ? 41  C   A OP2   1 
ATOM   857  O  "O5'" . C   A 1 41 ? 9.107   5.889   -8.046  1.00 117.49 ? 41  C   A "O5'" 1 
ATOM   858  C  "C5'" . C   A 1 41 ? 8.870   5.721   -9.438  1.00 119.36 ? 41  C   A "C5'" 1 
ATOM   859  C  "C4'" . C   A 1 41 ? 7.417   5.394   -9.696  1.00 117.53 ? 41  C   A "C4'" 1 
ATOM   860  O  "O4'" . C   A 1 41 ? 7.062   4.152   -9.023  1.00 120.35 ? 41  C   A "O4'" 1 
ATOM   861  C  "C3'" . C   A 1 41 ? 6.420   6.424   -9.168  1.00 117.92 ? 41  C   A "C3'" 1 
ATOM   862  O  "O3'" . C   A 1 41 ? 6.164   7.477   -10.086 1.00 121.70 ? 41  C   A "O3'" 1 
ATOM   863  C  "C2'" . C   A 1 41 ? 5.177   5.592   -8.880  1.00 120.22 ? 41  C   A "C2'" 1 
ATOM   864  O  "O2'" . C   A 1 41 ? 4.433   5.384   -10.073 1.00 125.11 ? 41  C   A "O2'" 1 
ATOM   865  C  "C1'" . C   A 1 41 ? 5.776   4.256   -8.454  1.00 122.94 ? 41  C   A "C1'" 1 
ATOM   866  N  N1    . C   A 1 41 ? 5.887   4.125   -6.982  1.00 122.93 ? 41  C   A N1    1 
ATOM   867  C  C2    . C   A 1 41 ? 4.744   3.878   -6.208  1.00 117.45 ? 41  C   A C2    1 
ATOM   868  O  O2    . C   A 1 41 ? 3.637   3.837   -6.763  1.00 114.85 ? 41  C   A O2    1 
ATOM   869  N  N3    . C   A 1 41 ? 4.874   3.753   -4.865  1.00 112.36 ? 41  C   A N3    1 
ATOM   870  C  C4    . C   A 1 41 ? 6.080   3.815   -4.303  1.00 111.61 ? 41  C   A C4    1 
ATOM   871  N  N4    . C   A 1 41 ? 6.179   3.673   -2.981  1.00 109.42 ? 41  C   A N4    1 
ATOM   872  C  C5    . C   A 1 41 ? 7.260   4.028   -5.068  1.00 119.69 ? 41  C   A C5    1 
ATOM   873  C  C6    . C   A 1 41 ? 7.118   4.165   -6.389  1.00 122.38 ? 41  C   A C6    1 
ATOM   874  P  P     . G   A 1 42 ? 5.783   8.963   -9.582  1.00 141.42 ? 42  G   A P     1 
ATOM   875  O  OP1   . G   A 1 42 ? 5.673   9.833   -10.779 1.00 142.69 ? 42  G   A OP1   1 
ATOM   876  O  OP2   . G   A 1 42 ? 6.700   9.360   -8.492  1.00 124.82 ? 42  G   A OP2   1 
ATOM   877  O  "O5'" . G   A 1 42 ? 4.335   8.846   -8.923  1.00 127.83 ? 42  G   A "O5'" 1 
ATOM   878  C  "C5'" . G   A 1 42 ? 3.222   8.300   -9.613  1.00 122.85 ? 42  G   A "C5'" 1 
ATOM   879  C  "C4'" . G   A 1 42 ? 2.074   8.061   -8.663  1.00 123.69 ? 42  G   A "C4'" 1 
ATOM   880  O  "O4'" . G   A 1 42 ? 2.388   6.946   -7.786  1.00 113.45 ? 42  G   A "O4'" 1 
ATOM   881  C  "C3'" . G   A 1 42 ? 1.733   9.207   -7.712  1.00 122.34 ? 42  G   A "C3'" 1 
ATOM   882  O  "O3'" . G   A 1 42 ? 0.864   10.177  -8.254  1.00 125.53 ? 42  G   A "O3'" 1 
ATOM   883  C  "C2'" . G   A 1 42 ? 1.130   8.515   -6.503  1.00 121.29 ? 42  G   A "C2'" 1 
ATOM   884  O  "O2'" . G   A 1 42 ? -0.259  8.296   -6.699  1.00 115.64 ? 42  G   A "O2'" 1 
ATOM   885  C  "C1'" . G   A 1 42 ? 1.839   7.168   -6.505  1.00 114.38 ? 42  G   A "C1'" 1 
ATOM   886  N  N9    . G   A 1 42 ? 2.918   7.145   -5.502  1.00 113.55 ? 42  G   A N9    1 
ATOM   887  C  C8    . G   A 1 42 ? 4.278   7.178   -5.692  1.00 116.01 ? 42  G   A C8    1 
ATOM   888  N  N7    . G   A 1 42 ? 4.946   7.099   -4.573  1.00 113.12 ? 42  G   A N7    1 
ATOM   889  C  C5    . G   A 1 42 ? 3.970   6.984   -3.591  1.00 112.15 ? 42  G   A C5    1 
ATOM   890  C  C6    . G   A 1 42 ? 4.072   6.864   -2.179  1.00 111.55 ? 42  G   A C6    1 
ATOM   891  O  O6    . G   A 1 42 ? 5.091   6.834   -1.476  1.00 106.12 ? 42  G   A O6    1 
ATOM   892  N  N1    . G   A 1 42 ? 2.817   6.776   -1.580  1.00 114.74 ? 42  G   A N1    1 
ATOM   893  C  C2    . G   A 1 42 ? 1.616   6.798   -2.246  1.00 115.44 ? 42  G   A C2    1 
ATOM   894  N  N2    . G   A 1 42 ? 0.507   6.699   -1.496  1.00 112.20 ? 42  G   A N2    1 
ATOM   895  N  N3    . G   A 1 42 ? 1.510   6.910   -3.558  1.00 113.14 ? 42  G   A N3    1 
ATOM   896  C  C4    . G   A 1 42 ? 2.716   6.971   -4.159  1.00 112.28 ? 42  G   A C4    1 
ATOM   897  P  P     . U   A 1 43 ? 1.060   11.733  -7.909  1.00 141.43 ? 43  U   A P     1 
ATOM   898  O  OP1   . U   A 1 43 ? 0.109   12.518  -8.736  1.00 138.87 ? 43  U   A OP1   1 
ATOM   899  O  OP2   . U   A 1 43 ? 2.516   12.016  -7.963  1.00 134.53 ? 43  U   A OP2   1 
ATOM   900  O  "O5'" . U   A 1 43 ? 0.590   11.893  -6.389  1.00 127.79 ? 43  U   A "O5'" 1 
ATOM   901  C  "C5'" . U   A 1 43 ? -0.761  11.670  -6.000  1.00 118.55 ? 43  U   A "C5'" 1 
ATOM   902  C  "C4'" . U   A 1 43 ? -0.886  11.388  -4.519  1.00 115.09 ? 43  U   A "C4'" 1 
ATOM   903  O  "O4'" . U   A 1 43 ? -0.072  10.245  -4.126  1.00 106.65 ? 43  U   A "O4'" 1 
ATOM   904  C  "C3'" . U   A 1 43 ? -0.381  12.503  -3.620  1.00 122.79 ? 43  U   A "C3'" 1 
ATOM   905  O  "O3'" . U   A 1 43 ? -1.284  13.590  -3.516  1.00 130.54 ? 43  U   A "O3'" 1 
ATOM   906  C  "C2'" . U   A 1 43 ? -0.107  11.782  -2.310  1.00 113.61 ? 43  U   A "C2'" 1 
ATOM   907  O  "O2'" . U   A 1 43 ? -1.316  11.527  -1.610  1.00 98.79  ? 43  U   A "O2'" 1 
ATOM   908  C  "C1'" . U   A 1 43 ? 0.447   10.456  -2.822  1.00 105.23 ? 43  U   A "C1'" 1 
ATOM   909  N  N1    . U   A 1 43 ? 1.931   10.428  -2.880  1.00 108.86 ? 43  U   A N1    1 
ATOM   910  C  C2    . U   A 1 43 ? 2.662   10.308  -1.710  1.00 106.34 ? 43  U   A C2    1 
ATOM   911  O  O2    . U   A 1 43 ? 2.156   10.311  -0.602  1.00 113.72 ? 43  U   A O2    1 
ATOM   912  N  N3    . U   A 1 43 ? 4.029   10.266  -1.873  1.00 106.47 ? 43  U   A N3    1 
ATOM   913  C  C4    . U   A 1 43 ? 4.730   10.274  -3.061  1.00 108.97 ? 43  U   A C4    1 
ATOM   914  O  O4    . U   A 1 43 ? 5.962   10.215  -3.046  1.00 109.50 ? 43  U   A O4    1 
ATOM   915  C  C5    . U   A 1 43 ? 3.909   10.352  -4.226  1.00 118.09 ? 43  U   A C5    1 
ATOM   916  C  C6    . U   A 1 43 ? 2.579   10.414  -4.092  1.00 120.48 ? 43  U   A C6    1 
ATOM   917  P  P     . U   A 1 44 ? -0.718  15.081  -3.687  1.00 135.86 ? 44  U   A P     1 
ATOM   918  O  OP1   . U   A 1 44 ? -1.868  16.022  -3.676  1.00 130.77 ? 44  U   A OP1   1 
ATOM   919  O  OP2   . U   A 1 44 ? 0.259   15.082  -4.808  1.00 124.45 ? 44  U   A OP2   1 
ATOM   920  O  "O5'" . U   A 1 44 ? 0.083   15.288  -2.328  1.00 133.92 ? 44  U   A "O5'" 1 
ATOM   921  C  "C5'" . U   A 1 44 ? -0.613  15.627  -1.140  1.00 119.55 ? 44  U   A "C5'" 1 
ATOM   922  C  "C4'" . U   A 1 44 ? 0.319   15.699  0.039   1.00 119.44 ? 44  U   A "C4'" 1 
ATOM   923  O  "O4'" . U   A 1 44 ? 1.299   14.637  -0.033  1.00 119.86 ? 44  U   A "O4'" 1 
ATOM   924  C  "C3'" . U   A 1 44 ? 1.157   16.954  0.185   1.00 125.92 ? 44  U   A "C3'" 1 
ATOM   925  O  "O3'" . U   A 1 44 ? 0.446   18.037  0.741   1.00 136.45 ? 44  U   A "O3'" 1 
ATOM   926  C  "C2'" . U   A 1 44 ? 2.285   16.478  1.092   1.00 119.79 ? 44  U   A "C2'" 1 
ATOM   927  O  "O2'" . U   A 1 44 ? 1.852   16.445  2.444   1.00 115.06 ? 44  U   A "O2'" 1 
ATOM   928  C  "C1'" . U   A 1 44 ? 2.483   15.039  0.618   1.00 117.17 ? 44  U   A "C1'" 1 
ATOM   929  N  N1    . U   A 1 44 ? 3.632   14.878  -0.300  1.00 119.65 ? 44  U   A N1    1 
ATOM   930  C  C2    . U   A 1 44 ? 4.880   14.777  0.286   1.00 126.06 ? 44  U   A C2    1 
ATOM   931  O  O2    . U   A 1 44 ? 5.046   14.824  1.494   1.00 124.13 ? 44  U   A O2    1 
ATOM   932  N  N3    . U   A 1 44 ? 5.922   14.619  -0.593  1.00 131.03 ? 44  U   A N3    1 
ATOM   933  C  C4    . U   A 1 44 ? 5.843   14.551  -1.969  1.00 127.79 ? 44  U   A C4    1 
ATOM   934  O  O4    . U   A 1 44 ? 6.875   14.406  -2.629  1.00 112.85 ? 44  U   A O4    1 
ATOM   935  C  C5    . U   A 1 44 ? 4.516   14.659  -2.497  1.00 127.38 ? 44  U   A C5    1 
ATOM   936  C  C6    . U   A 1 44 ? 3.478   14.814  -1.665  1.00 119.19 ? 44  U   A C6    1 
ATOM   937  P  P     . G   A 1 45 ? 0.544   19.503  0.092   1.00 129.18 ? 45  G   A P     1 
ATOM   938  O  OP1   . G   A 1 45 ? -0.812  20.109  0.085   1.00 130.15 ? 45  G   A OP1   1 
ATOM   939  O  OP2   . G   A 1 45 ? 1.314   19.417  -1.176  1.00 128.49 ? 45  G   A OP2   1 
ATOM   940  O  "O5'" . G   A 1 45 ? 1.444   20.273  1.151   1.00 118.02 ? 45  G   A "O5'" 1 
ATOM   941  C  "C5'" . G   A 1 45 ? 1.239   20.084  2.542   1.00 126.01 ? 45  G   A "C5'" 1 
ATOM   942  C  "C4'" . G   A 1 45 ? 2.520   20.325  3.294   1.00 129.97 ? 45  G   A "C4'" 1 
ATOM   943  O  "O4'" . G   A 1 45 ? 3.403   19.187  3.116   1.00 127.45 ? 45  G   A "O4'" 1 
ATOM   944  C  "C3'" . G   A 1 45 ? 3.340   21.501  2.799   1.00 127.55 ? 45  G   A "C3'" 1 
ATOM   945  O  "O3'" . G   A 1 45 ? 2.852   22.734  3.302   1.00 120.04 ? 45  G   A "O3'" 1 
ATOM   946  C  "C2'" . G   A 1 45 ? 4.748   21.137  3.245   1.00 128.02 ? 45  G   A "C2'" 1 
ATOM   947  O  "O2'" . G   A 1 45 ? 4.909   21.374  4.636   1.00 118.31 ? 45  G   A "O2'" 1 
ATOM   948  C  "C1'" . G   A 1 45 ? 4.745   19.625  3.014   1.00 124.23 ? 45  G   A "C1'" 1 
ATOM   949  N  N9    . G   A 1 45 ? 5.265   19.210  1.690   1.00 132.16 ? 45  G   A N9    1 
ATOM   950  C  C8    . G   A 1 45 ? 4.496   18.770  0.643   1.00 128.93 ? 45  G   A C8    1 
ATOM   951  N  N7    . G   A 1 45 ? 5.171   18.422  -0.415  1.00 126.78 ? 45  G   A N7    1 
ATOM   952  C  C5    . G   A 1 45 ? 6.487   18.641  -0.050  1.00 130.09 ? 45  G   A C5    1 
ATOM   953  C  C6    . G   A 1 45 ? 7.674   18.445  -0.802  1.00 138.56 ? 45  G   A C6    1 
ATOM   954  O  O6    . G   A 1 45 ? 7.793   18.028  -1.963  1.00 143.39 ? 45  G   A O6    1 
ATOM   955  N  N1    . G   A 1 45 ? 8.801   18.790  -0.066  1.00 136.65 ? 45  G   A N1    1 
ATOM   956  C  C2    . G   A 1 45 ? 8.783   19.261  1.223   1.00 135.37 ? 45  G   A C2    1 
ATOM   957  N  N2    . G   A 1 45 ? 9.980   19.538  1.758   1.00 140.17 ? 45  G   A N2    1 
ATOM   958  N  N3    . G   A 1 45 ? 7.682   19.447  1.936   1.00 130.82 ? 45  G   A N3    1 
ATOM   959  C  C4    . G   A 1 45 ? 6.569   19.123  1.244   1.00 130.88 ? 45  G   A C4    1 
ATOM   960  P  P     . A   A 1 46 ? 2.983   24.067  2.424   1.00 127.49 ? 46  A   A P     1 
ATOM   961  O  OP1   . A   A 1 46 ? 2.292   25.156  3.165   1.00 137.50 ? 46  A   A OP1   1 
ATOM   962  O  OP2   . A   A 1 46 ? 2.583   23.764  1.025   1.00 127.03 ? 46  A   A OP2   1 
ATOM   963  O  "O5'" . A   A 1 46 ? 4.550   24.333  2.468   1.00 130.84 ? 46  A   A "O5'" 1 
ATOM   964  C  "C5'" . A   A 1 46 ? 5.189   24.645  3.699   1.00 132.29 ? 46  A   A "C5'" 1 
ATOM   965  C  "C4'" . A   A 1 46 ? 6.682   24.696  3.534   1.00 133.40 ? 46  A   A "C4'" 1 
ATOM   966  O  "O4'" . A   A 1 46 ? 7.152   23.388  3.131   1.00 131.38 ? 46  A   A "O4'" 1 
ATOM   967  C  "C3'" . A   A 1 46 ? 7.215   25.611  2.450   1.00 137.45 ? 46  A   A "C3'" 1 
ATOM   968  O  "O3'" . A   A 1 46 ? 7.216   26.980  2.832   1.00 133.64 ? 46  A   A "O3'" 1 
ATOM   969  C  "C2'" . A   A 1 46 ? 8.592   25.019  2.183   1.00 142.54 ? 46  A   A "C2'" 1 
ATOM   970  O  "O2'" . A   A 1 46 ? 9.505   25.382  3.209   1.00 143.61 ? 46  A   A "O2'" 1 
ATOM   971  C  "C1'" . A   A 1 46 ? 8.294   23.523  2.311   1.00 134.66 ? 46  A   A "C1'" 1 
ATOM   972  N  N9    . A   A 1 46 ? 7.989   22.863  1.028   1.00 133.92 ? 46  A   A N9    1 
ATOM   973  C  C8    . A   A 1 46 ? 6.737   22.509  0.584   1.00 131.97 ? 46  A   A C8    1 
ATOM   974  N  N7    . A   A 1 46 ? 6.731   21.902  -0.575  1.00 136.76 ? 46  A   A N7    1 
ATOM   975  C  C5    . A   A 1 46 ? 8.075   21.838  -0.915  1.00 143.22 ? 46  A   A C5    1 
ATOM   976  C  C6    . A   A 1 46 ? 8.735   21.307  -2.037  1.00 151.14 ? 46  A   A C6    1 
ATOM   977  N  N6    . A   A 1 46 ? 8.101   20.719  -3.055  1.00 158.91 ? 46  A   A N6    1 
ATOM   978  N  N1    . A   A 1 46 ? 10.083  21.402  -2.074  1.00 144.80 ? 46  A   A N1    1 
ATOM   979  C  C2    . A   A 1 46 ? 10.714  21.991  -1.051  1.00 135.82 ? 46  A   A C2    1 
ATOM   980  N  N3    . A   A 1 46 ? 10.205  22.528  0.056   1.00 136.91 ? 46  A   A N3    1 
ATOM   981  C  C4    . A   A 1 46 ? 8.864   22.420  0.064   1.00 138.49 ? 46  A   A C4    1 
ATOM   982  P  P     . U   A 1 47 ? 6.872   28.120  1.753   1.00 136.76 ? 47  U   A P     1 
ATOM   983  O  OP1   . U   A 1 47 ? 6.785   29.422  2.462   1.00 148.12 ? 47  U   A OP1   1 
ATOM   984  O  OP2   . U   A 1 47 ? 5.719   27.664  0.933   1.00 141.98 ? 47  U   A OP2   1 
ATOM   985  O  "O5'" . U   A 1 47 ? 8.180   28.108  0.843   1.00 135.77 ? 47  U   A "O5'" 1 
ATOM   986  C  "C5'" . U   A 1 47 ? 9.463   28.233  1.446   1.00 140.78 ? 47  U   A "C5'" 1 
ATOM   987  C  "C4'" . U   A 1 47 ? 10.573  28.033  0.451   1.00 135.14 ? 47  U   A "C4'" 1 
ATOM   988  O  "O4'" . U   A 1 47 ? 10.662  26.617  0.141   1.00 129.73 ? 47  U   A "O4'" 1 
ATOM   989  C  "C3'" . U   A 1 47 ? 10.393  28.695  -0.906  1.00 142.28 ? 47  U   A "C3'" 1 
ATOM   990  O  "O3'" . U   A 1 47 ? 10.756  30.065  -0.907  1.00 133.72 ? 47  U   A "O3'" 1 
ATOM   991  C  "C2'" . U   A 1 47 ? 11.248  27.822  -1.814  1.00 149.88 ? 47  U   A "C2'" 1 
ATOM   992  O  "O2'" . U   A 1 47 ? 12.626  28.124  -1.644  1.00 137.39 ? 47  U   A "O2'" 1 
ATOM   993  C  "C1'" . U   A 1 47 ? 10.986  26.438  -1.220  1.00 142.09 ? 47  U   A "C1'" 1 
ATOM   994  N  N1    . U   A 1 47 ? 9.844   25.759  -1.875  1.00 146.27 ? 47  U   A N1    1 
ATOM   995  C  C2    . U   A 1 47 ? 10.110  24.993  -2.992  1.00 146.46 ? 47  U   A C2    1 
ATOM   996  O  O2    . U   A 1 47 ? 11.235  24.869  -3.440  1.00 143.25 ? 47  U   A O2    1 
ATOM   997  N  N3    . U   A 1 47 ? 9.013   24.386  -3.556  1.00 150.45 ? 47  U   A N3    1 
ATOM   998  C  C4    . U   A 1 47 ? 7.702   24.464  -3.125  1.00 151.82 ? 47  U   A C4    1 
ATOM   999  O  O4    . U   A 1 47 ? 6.821   23.860  -3.738  1.00 151.26 ? 47  U   A O4    1 
ATOM   1000 C  C5    . U   A 1 47 ? 7.506   25.274  -1.962  1.00 149.29 ? 47  U   A C5    1 
ATOM   1001 C  C6    . U   A 1 47 ? 8.557   25.873  -1.394  1.00 144.82 ? 47  U   A C6    1 
ATOM   1002 P  P     . A   B 2 1  ? 14.826  19.283  -12.907 1.00 183.31 ? 48  A   B P     1 
ATOM   1003 O  OP1   . A   B 2 1  ? 14.278  18.040  -12.302 1.00 176.59 ? 48  A   B OP1   1 
ATOM   1004 O  OP2   . A   B 2 1  ? 14.828  19.454  -14.382 1.00 172.21 ? 48  A   B OP2   1 
ATOM   1005 O  "O5'" . A   B 2 1  ? 16.311  19.490  -12.363 1.00 170.66 ? 48  A   B "O5'" 1 
ATOM   1006 C  "C5'" . A   B 2 1  ? 16.562  19.472  -10.965 1.00 161.77 ? 48  A   B "C5'" 1 
ATOM   1007 C  "C4'" . A   B 2 1  ? 17.611  18.464  -10.556 1.00 158.48 ? 48  A   B "C4'" 1 
ATOM   1008 O  "O4'" . A   B 2 1  ? 18.744  18.527  -11.463 1.00 155.70 ? 48  A   B "O4'" 1 
ATOM   1009 C  "C3'" . A   B 2 1  ? 18.159  18.704  -9.147  1.00 155.38 ? 48  A   B "C3'" 1 
ATOM   1010 O  "O3'" . A   B 2 1  ? 18.297  17.444  -8.489  1.00 159.40 ? 48  A   B "O3'" 1 
ATOM   1011 C  "C2'" . A   B 2 1  ? 19.528  19.343  -9.414  1.00 158.65 ? 48  A   B "C2'" 1 
ATOM   1012 O  "O2'" . A   B 2 1  ? 20.493  19.119  -8.410  1.00 162.71 ? 48  A   B "O2'" 1 
ATOM   1013 C  "C1'" . A   B 2 1  ? 19.932  18.675  -10.721 1.00 154.30 ? 48  A   B "C1'" 1 
ATOM   1014 N  N9    . A   B 2 1  ? 20.888  19.435  -11.538 1.00 152.31 ? 48  A   B N9    1 
ATOM   1015 C  C8    . A   B 2 1  ? 22.240  19.575  -11.333 1.00 145.90 ? 48  A   B C8    1 
ATOM   1016 N  N7    . A   B 2 1  ? 22.834  20.366  -12.196 1.00 150.26 ? 48  A   B N7    1 
ATOM   1017 C  C5    . A   B 2 1  ? 21.799  20.807  -13.008 1.00 151.58 ? 48  A   B C5    1 
ATOM   1018 C  C6    . A   B 2 1  ? 21.768  21.673  -14.115 1.00 153.13 ? 48  A   B C6    1 
ATOM   1019 N  N6    . A   B 2 1  ? 22.852  22.271  -14.614 1.00 156.66 ? 48  A   B N6    1 
ATOM   1020 N  N1    . A   B 2 1  ? 20.575  21.908  -14.705 1.00 155.12 ? 48  A   B N1    1 
ATOM   1021 C  C2    . A   B 2 1  ? 19.492  21.298  -14.211 1.00 154.55 ? 48  A   B C2    1 
ATOM   1022 N  N3    . A   B 2 1  ? 19.393  20.478  -13.172 1.00 156.56 ? 48  A   B N3    1 
ATOM   1023 C  C4    . A   B 2 1  ? 20.591  20.278  -12.590 1.00 155.31 ? 48  A   B C4    1 
ATOM   1024 P  P     . U   B 2 2  ? 18.276  17.338  -6.881  1.00 163.82 ? 49  U   B P     1 
ATOM   1025 O  OP1   . U   B 2 2  ? 19.651  16.985  -6.432  1.00 147.70 ? 49  U   B OP1   1 
ATOM   1026 O  OP2   . U   B 2 2  ? 17.130  16.480  -6.491  1.00 169.61 ? 49  U   B OP2   1 
ATOM   1027 O  "O5'" . U   B 2 2  ? 17.973  18.823  -6.384  1.00 159.19 ? 49  U   B "O5'" 1 
ATOM   1028 C  "C5'" . U   B 2 2  ? 18.990  19.608  -5.787  1.00 157.25 ? 49  U   B "C5'" 1 
ATOM   1029 C  "C4'" . U   B 2 2  ? 18.453  20.331  -4.578  1.00 149.28 ? 49  U   B "C4'" 1 
ATOM   1030 O  "O4'" . U   B 2 2  ? 17.286  21.100  -4.953  1.00 143.60 ? 49  U   B "O4'" 1 
ATOM   1031 C  "C3'" . U   B 2 2  ? 17.976  19.474  -3.415  1.00 142.37 ? 49  U   B "C3'" 1 
ATOM   1032 O  "O3'" . U   B 2 2  ? 19.032  19.026  -2.590  1.00 144.53 ? 49  U   B "O3'" 1 
ATOM   1033 C  "C2'" . U   B 2 2  ? 16.999  20.398  -2.700  1.00 141.75 ? 49  U   B "C2'" 1 
ATOM   1034 O  "O2'" . U   B 2 2  ? 17.694  21.329  -1.883  1.00 147.29 ? 49  U   B "O2'" 1 
ATOM   1035 C  "C1'" . U   B 2 2  ? 16.378  21.156  -3.877  1.00 142.39 ? 49  U   B "C1'" 1 
ATOM   1036 N  N1    . U   B 2 2  ? 15.071  20.626  -4.330  1.00 147.44 ? 49  U   B N1    1 
ATOM   1037 C  C2    . U   B 2 2  ? 13.958  20.931  -3.571  1.00 148.31 ? 49  U   B C2    1 
ATOM   1038 O  O2    . U   B 2 2  ? 14.011  21.591  -2.550  1.00 148.02 ? 49  U   B O2    1 
ATOM   1039 N  N3    . U   B 2 2  ? 12.773  20.441  -4.057  1.00 146.04 ? 49  U   B N3    1 
ATOM   1040 C  C4    . U   B 2 2  ? 12.592  19.689  -5.195  1.00 150.04 ? 49  U   B C4    1 
ATOM   1041 O  O4    . U   B 2 2  ? 11.458  19.324  -5.491  1.00 152.63 ? 49  U   B O4    1 
ATOM   1042 C  C5    . U   B 2 2  ? 13.789  19.417  -5.931  1.00 160.30 ? 49  U   B C5    1 
ATOM   1043 C  C6    . U   B 2 2  ? 14.958  19.890  -5.487  1.00 156.86 ? 49  U   B C6    1 
ATOM   1044 P  P     . C   B 2 3  ? 18.925  17.592  -1.874  1.00 150.01 ? 50  C   B P     1 
ATOM   1045 O  OP1   . C   B 2 3  ? 20.291  17.195  -1.447  1.00 140.51 ? 50  C   B OP1   1 
ATOM   1046 O  OP2   . C   B 2 3  ? 18.138  16.709  -2.772  1.00 151.12 ? 50  C   B OP2   1 
ATOM   1047 O  "O5'" . C   B 2 3  ? 18.060  17.855  -0.560  1.00 141.97 ? 50  C   B "O5'" 1 
ATOM   1048 C  "C5'" . C   B 2 3  ? 18.512  18.798  0.404   1.00 144.77 ? 50  C   B "C5'" 1 
ATOM   1049 C  "C4'" . C   B 2 3  ? 17.446  19.211  1.391   1.00 143.83 ? 50  C   B "C4'" 1 
ATOM   1050 O  "O4'" . C   B 2 3  ? 16.426  20.007  0.732   1.00 143.55 ? 50  C   B "O4'" 1 
ATOM   1051 C  "C3'" . C   B 2 3  ? 16.654  18.090  2.042   1.00 141.61 ? 50  C   B "C3'" 1 
ATOM   1052 O  "O3'" . C   B 2 3  ? 17.397  17.422  3.059   1.00 147.34 ? 50  C   B "O3'" 1 
ATOM   1053 C  "C2'" . C   B 2 3  ? 15.411  18.825  2.524   1.00 136.34 ? 50  C   B "C2'" 1 
ATOM   1054 O  "O2'" . C   B 2 3  ? 15.704  19.601  3.676   1.00 132.42 ? 50  C   B "O2'" 1 
ATOM   1055 C  "C1'" . C   B 2 3  ? 15.172  19.780  1.349   1.00 141.26 ? 50  C   B "C1'" 1 
ATOM   1056 N  N1    . C   B 2 3  ? 14.221  19.256  0.335   1.00 147.81 ? 50  C   B N1    1 
ATOM   1057 C  C2    . C   B 2 3  ? 12.841  19.396  0.545   1.00 143.01 ? 50  C   B C2    1 
ATOM   1058 O  O2    . C   B 2 3  ? 12.439  19.944  1.583   1.00 139.99 ? 50  C   B O2    1 
ATOM   1059 N  N3    . C   B 2 3  ? 11.970  18.933  -0.385  1.00 137.10 ? 50  C   B N3    1 
ATOM   1060 C  C4    . C   B 2 3  ? 12.423  18.348  -1.496  1.00 141.20 ? 50  C   B C4    1 
ATOM   1061 N  N4    . C   B 2 3  ? 11.530  17.903  -2.384  1.00 137.70 ? 50  C   B N4    1 
ATOM   1062 C  C5    . C   B 2 3  ? 13.819  18.193  -1.740  1.00 144.50 ? 50  C   B C5    1 
ATOM   1063 C  C6    . C   B 2 3  ? 14.667  18.659  -0.813  1.00 143.91 ? 50  C   B C6    1 
ATOM   1064 P  P     . A   B 2 4  ? 17.279  15.822  3.173   1.00 144.14 ? 51  A   B P     1 
ATOM   1065 O  OP1   . A   B 2 4  ? 18.494  15.311  3.858   1.00 132.48 ? 51  A   B OP1   1 
ATOM   1066 O  OP2   . A   B 2 4  ? 16.922  15.301  1.828   1.00 133.94 ? 51  A   B OP2   1 
ATOM   1067 O  "O5'" . A   B 2 4  ? 16.029  15.576  4.129   1.00 136.60 ? 51  A   B "O5'" 1 
ATOM   1068 C  "C5'" . A   B 2 4  ? 15.755  16.431  5.233   1.00 119.63 ? 51  A   B "C5'" 1 
ATOM   1069 C  "C4'" . A   B 2 4  ? 14.282  16.481  5.540   1.00 122.56 ? 51  A   B "C4'" 1 
ATOM   1070 O  "O4'" . A   B 2 4  ? 13.570  17.179  4.498   1.00 132.84 ? 51  A   B "O4'" 1 
ATOM   1071 C  "C3'" . A   B 2 4  ? 13.565  15.145  5.641   1.00 122.65 ? 51  A   B "C3'" 1 
ATOM   1072 O  "O3'" . A   B 2 4  ? 13.795  14.450  6.858   1.00 126.94 ? 51  A   B "O3'" 1 
ATOM   1073 C  "C2'" . A   B 2 4  ? 12.112  15.554  5.443   1.00 121.30 ? 51  A   B "C2'" 1 
ATOM   1074 O  "O2'" . A   B 2 4  ? 11.580  16.083  6.649   1.00 121.76 ? 51  A   B "O2'" 1 
ATOM   1075 C  "C1'" . A   B 2 4  ? 12.249  16.697  4.434   1.00 127.62 ? 51  A   B "C1'" 1 
ATOM   1076 N  N9    . A   B 2 4  ? 11.988  16.314  3.040   1.00 127.35 ? 51  A   B N9    1 
ATOM   1077 C  C8    . A   B 2 4  ? 12.939  16.209  2.057   1.00 134.59 ? 51  A   B C8    1 
ATOM   1078 N  N7    . A   B 2 4  ? 12.450  15.928  0.878   1.00 136.33 ? 51  A   B N7    1 
ATOM   1079 C  C5    . A   B 2 4  ? 11.081  15.885  1.100   1.00 133.60 ? 51  A   B C5    1 
ATOM   1080 C  C6    . A   B 2 4  ? 10.002  15.633  0.243   1.00 133.00 ? 51  A   B C6    1 
ATOM   1081 N  N6    . A   B 2 4  ? 10.146  15.367  -1.057  1.00 135.30 ? 51  A   B N6    1 
ATOM   1082 N  N1    . A   B 2 4  ? 8.760   15.663  0.775   1.00 133.59 ? 51  A   B N1    1 
ATOM   1083 C  C2    . A   B 2 4  ? 8.623   15.930  2.081   1.00 129.78 ? 51  A   B C2    1 
ATOM   1084 N  N3    . A   B 2 4  ? 9.561   16.184  2.990   1.00 126.07 ? 51  A   B N3    1 
ATOM   1085 C  C4    . A   B 2 4  ? 10.778  16.162  2.421   1.00 128.01 ? 51  A   B C4    1 
ATOM   1086 P  P     . G   B 2 5  ? 13.852  12.840  6.871   1.00 131.45 ? 52  G   B P     1 
ATOM   1087 O  OP1   . G   B 2 5  ? 14.260  12.403  8.233   1.00 119.12 ? 52  G   B OP1   1 
ATOM   1088 O  OP2   . G   B 2 5  ? 14.633  12.396  5.690   1.00 118.54 ? 52  G   B OP2   1 
ATOM   1089 O  "O5'" . G   B 2 5  ? 12.339  12.394  6.635   1.00 122.65 ? 52  G   B "O5'" 1 
ATOM   1090 C  "C5'" . G   B 2 5  ? 11.249  12.976  7.340   1.00 125.95 ? 52  G   B "C5'" 1 
ATOM   1091 C  "C4'" . G   B 2 5  ? 9.945   12.486  6.767   1.00 123.23 ? 52  G   B "C4'" 1 
ATOM   1092 O  "O4'" . G   B 2 5  ? 9.643   13.219  5.550   1.00 123.95 ? 52  G   B "O4'" 1 
ATOM   1093 C  "C3'" . G   B 2 5  ? 9.936   11.034  6.322   1.00 119.89 ? 52  G   B "C3'" 1 
ATOM   1094 O  "O3'" . G   B 2 5  ? 9.844   10.147  7.428   1.00 113.98 ? 52  G   B "O3'" 1 
ATOM   1095 C  "C2'" . G   B 2 5  ? 8.799   11.015  5.321   1.00 124.26 ? 52  G   B "C2'" 1 
ATOM   1096 O  "O2'" . G   B 2 5  ? 7.549   11.089  5.990   1.00 116.26 ? 52  G   B "O2'" 1 
ATOM   1097 C  "C1'" . G   B 2 5  ? 9.039   12.352  4.609   1.00 124.55 ? 52  G   B "C1'" 1 
ATOM   1098 N  N9    . G   B 2 5  ? 9.979   12.277  3.466   1.00 124.84 ? 52  G   B N9    1 
ATOM   1099 C  C8    . G   B 2 5  ? 11.338  12.456  3.602   1.00 124.55 ? 52  G   B C8    1 
ATOM   1100 N  N7    . G   B 2 5  ? 12.001  12.423  2.483   1.00 123.45 ? 52  G   B N7    1 
ATOM   1101 C  C5    . G   B 2 5  ? 11.021  12.246  1.522   1.00 127.59 ? 52  G   B C5    1 
ATOM   1102 C  C6    . G   B 2 5  ? 11.156  12.139  0.112   1.00 131.26 ? 52  G   B C6    1 
ATOM   1103 O  O6    . G   B 2 5  ? 12.187  12.181  -0.571  1.00 133.34 ? 52  G   B O6    1 
ATOM   1104 N  N1    . G   B 2 5  ? 9.924   11.968  -0.504  1.00 118.44 ? 52  G   B N1    1 
ATOM   1105 C  C2    . G   B 2 5  ? 8.721   11.909  0.154   1.00 119.81 ? 52  G   B C2    1 
ATOM   1106 N  N2    . G   B 2 5  ? 7.645   11.739  -0.627  1.00 118.82 ? 52  G   B N2    1 
ATOM   1107 N  N3    . G   B 2 5  ? 8.579   12.008  1.470   1.00 124.62 ? 52  G   B N3    1 
ATOM   1108 C  C4    . G   B 2 5  ? 9.762   12.182  2.100   1.00 125.13 ? 52  G   B C4    1 
ATOM   1109 P  P     . DG  B 2 6  ? 9.292   8.639   7.313   1.00 125.43 ? 53  DG  B P     1 
ATOM   1110 O  OP1   . DG  B 2 6  ? 9.572   7.964   8.598   1.00 129.80 ? 53  DG  B OP1   1 
ATOM   1111 O  OP2   . DG  B 2 6  ? 9.804   8.055   6.056   1.00 119.99 ? 53  DG  B OP2   1 
ATOM   1112 O  "O5'" . DG  B 2 6  ? 7.702   8.818   7.181   1.00 119.66 ? 53  DG  B "O5'" 1 
ATOM   1113 C  "C5'" . DG  B 2 6  ? 6.874   7.706   6.821   1.00 117.86 ? 53  DG  B "C5'" 1 
ATOM   1114 C  "C4'" . DG  B 2 6  ? 6.423   7.763   5.377   1.00 114.17 ? 53  DG  B "C4'" 1 
ATOM   1115 O  "O4'" . DG  B 2 6  ? 7.448   8.350   4.575   1.00 119.61 ? 53  DG  B "O4'" 1 
ATOM   1116 C  "C3'" . DG  B 2 6  ? 6.159   6.395   4.747   1.00 108.90 ? 53  DG  B "C3'" 1 
ATOM   1117 O  "O3'" . DG  B 2 6  ? 4.759   6.234   4.572   1.00 95.75  ? 53  DG  B "O3'" 1 
ATOM   1118 C  "C2'" . DG  B 2 6  ? 6.900   6.450   3.385   1.00 114.95 ? 53  DG  B "C2'" 1 
ATOM   1119 C  "C1'" . DG  B 2 6  ? 7.255   7.920   3.262   1.00 117.31 ? 53  DG  B "C1'" 1 
ATOM   1120 N  N9    . DG  B 2 6  ? 8.472   8.191   2.514   1.00 114.14 ? 53  DG  B N9    1 
ATOM   1121 C  C8    . DG  B 2 6  ? 9.724   8.415   3.033   1.00 115.28 ? 53  DG  B C8    1 
ATOM   1122 N  N7    . DG  B 2 6  ? 10.628  8.639   2.124   1.00 117.44 ? 53  DG  B N7    1 
ATOM   1123 C  C5    . DG  B 2 6  ? 9.934   8.545   0.926   1.00 120.66 ? 53  DG  B C5    1 
ATOM   1124 C  C6    . DG  B 2 6  ? 10.393  8.688   -0.402  1.00 125.83 ? 53  DG  B C6    1 
ATOM   1125 O  O6    . DG  B 2 6  ? 11.543  8.935   -0.795  1.00 135.04 ? 53  DG  B O6    1 
ATOM   1126 N  N1    . DG  B 2 6  ? 9.362   8.517   -1.324  1.00 120.67 ? 53  DG  B N1    1 
ATOM   1127 C  C2    . DG  B 2 6  ? 8.054   8.241   -1.000  1.00 115.06 ? 53  DG  B C2    1 
ATOM   1128 N  N2    . DG  B 2 6  ? 7.203   8.110   -2.026  1.00 118.84 ? 53  DG  B N2    1 
ATOM   1129 N  N3    . DG  B 2 6  ? 7.611   8.102   0.243   1.00 112.18 ? 53  DG  B N3    1 
ATOM   1130 C  C4    . DG  B 2 6  ? 8.605   8.268   1.150   1.00 117.60 ? 53  DG  B C4    1 
ATOM   1131 P  P     . U   B 2 7  ? 4.167   4.880   3.941   1.00 100.02 ? 54  U   B P     1 
ATOM   1132 O  OP1   . U   B 2 7  ? 5.258   3.885   3.748   1.00 101.04 ? 54  U   B OP1   1 
ATOM   1133 O  OP2   . U   B 2 7  ? 3.309   5.236   2.782   1.00 101.02 ? 54  U   B OP2   1 
ATOM   1134 O  "O5'" . U   B 2 7  ? 3.236   4.337   5.115   1.00 132.17 ? 54  U   B "O5'" 1 
ATOM   1135 C  "C5'" . U   B 2 7  ? 1.942   4.888   5.340   1.00 129.73 ? 54  U   B "C5'" 1 
ATOM   1136 C  "C4'" . U   B 2 7  ? 1.962   6.168   6.149   1.00 123.25 ? 54  U   B "C4'" 1 
ATOM   1137 O  "O4'" . U   B 2 7  ? 0.662   6.805   6.028   1.00 120.19 ? 54  U   B "O4'" 1 
ATOM   1138 C  "C3'" . U   B 2 7  ? 2.183   6.009   7.656   1.00 125.76 ? 54  U   B "C3'" 1 
ATOM   1139 O  "O3'" . U   B 2 7  ? 3.555   6.052   8.012   1.00 132.22 ? 54  U   B "O3'" 1 
ATOM   1140 C  "C2'" . U   B 2 7  ? 1.402   7.177   8.247   1.00 120.00 ? 54  U   B "C2'" 1 
ATOM   1141 O  "O2'" . U   B 2 7  ? 2.148   8.381   8.155   1.00 110.25 ? 54  U   B "O2'" 1 
ATOM   1142 C  "C1'" . U   B 2 7  ? 0.221   7.268   7.285   1.00 120.06 ? 54  U   B "C1'" 1 
ATOM   1143 N  N1    . U   B 2 7  ? -0.942  6.449   7.709   1.00 119.41 ? 54  U   B N1    1 
ATOM   1144 C  C2    . U   B 2 7  ? -1.698  6.882   8.780   1.00 124.47 ? 54  U   B C2    1 
ATOM   1145 O  O2    . U   B 2 7  ? -1.444  7.889   9.417   1.00 135.11 ? 54  U   B O2    1 
ATOM   1146 N  N3    . U   B 2 7  ? -2.762  6.077   9.096   1.00 127.51 ? 54  U   B N3    1 
ATOM   1147 C  C4    . U   B 2 7  ? -3.150  4.915   8.461   1.00 130.48 ? 54  U   B C4    1 
ATOM   1148 O  O4    . U   B 2 7  ? -4.139  4.299   8.868   1.00 130.56 ? 54  U   B O4    1 
ATOM   1149 C  C5    . U   B 2 7  ? -2.324  4.539   7.356   1.00 124.51 ? 54  U   B C5    1 
ATOM   1150 C  C6    . U   B 2 7  ? -1.280  5.305   7.025   1.00 119.93 ? 54  U   B C6    1 
ATOM   1151 P  P     . G   B 2 8  ? 4.119   5.202   9.256   1.00 143.88 ? 55  G   B P     1 
ATOM   1152 O  OP1   . G   B 2 8  ? 5.542   5.600   9.438   1.00 116.94 ? 55  G   B OP1   1 
ATOM   1153 O  OP2   . G   B 2 8  ? 3.767   3.771   9.049   1.00 128.27 ? 55  G   B OP2   1 
ATOM   1154 O  "O5'" . G   B 2 8  ? 3.302   5.742   10.514  1.00 128.38 ? 55  G   B "O5'" 1 
ATOM   1155 C  "C5'" . G   B 2 8  ? 3.842   6.696   11.418  1.00 124.32 ? 55  G   B "C5'" 1 
ATOM   1156 C  "C4'" . G   B 2 8  ? 2.753   7.253   12.299  1.00 134.70 ? 55  G   B "C4'" 1 
ATOM   1157 O  "O4'" . G   B 2 8  ? 1.511   7.310   11.557  1.00 129.13 ? 55  G   B "O4'" 1 
ATOM   1158 C  "C3'" . G   B 2 8  ? 2.407   6.399   13.508  1.00 150.47 ? 55  G   B "C3'" 1 
ATOM   1159 O  "O3'" . G   B 2 8  ? 3.304   6.559   14.588  1.00 153.90 ? 55  G   B "O3'" 1 
ATOM   1160 C  "C2'" . G   B 2 8  ? 0.990   6.841   13.832  1.00 149.03 ? 55  G   B "C2'" 1 
ATOM   1161 O  "O2'" . G   B 2 8  ? 0.999   8.079   14.527  1.00 137.38 ? 55  G   B "O2'" 1 
ATOM   1162 C  "C1'" . G   B 2 8  ? 0.427   7.088   12.434  1.00 138.35 ? 55  G   B "C1'" 1 
ATOM   1163 N  N9    . G   B 2 8  ? -0.352  5.944   11.928  1.00 135.20 ? 55  G   B N9    1 
ATOM   1164 C  C8    . G   B 2 8  ? -0.069  5.187   10.819  1.00 134.38 ? 55  G   B C8    1 
ATOM   1165 N  N7    . G   B 2 8  ? -0.972  4.278   10.577  1.00 137.41 ? 55  G   B N7    1 
ATOM   1166 C  C5    . G   B 2 8  ? -1.920  4.465   11.572  1.00 139.77 ? 55  G   B C5    1 
ATOM   1167 C  C6    . G   B 2 8  ? -3.133  3.777   11.832  1.00 144.18 ? 55  G   B C6    1 
ATOM   1168 O  O6    . G   B 2 8  ? -3.630  2.826   11.215  1.00 140.69 ? 55  G   B O6    1 
ATOM   1169 N  N1    . G   B 2 8  ? -3.784  4.299   12.946  1.00 148.89 ? 55  G   B N1    1 
ATOM   1170 C  C2    . G   B 2 8  ? -3.329  5.349   13.708  1.00 150.98 ? 55  G   B C2    1 
ATOM   1171 N  N2    . G   B 2 8  ? -4.092  5.717   14.746  1.00 155.10 ? 55  G   B N2    1 
ATOM   1172 N  N3    . G   B 2 8  ? -2.204  5.998   13.473  1.00 145.99 ? 55  G   B N3    1 
ATOM   1173 C  C4    . G   B 2 8  ? -1.569  5.520   12.386  1.00 139.02 ? 55  G   B C4    1 
ATOM   1174 P  P     . C   B 2 9  ? 3.709   5.308   15.510  1.00 166.81 ? 56  C   B P     1 
ATOM   1175 O  OP1   . C   B 2 9  ? 4.933   5.682   16.257  1.00 172.60 ? 56  C   B OP1   1 
ATOM   1176 O  OP2   . C   B 2 9  ? 3.704   4.085   14.665  1.00 152.39 ? 56  C   B OP2   1 
ATOM   1177 O  "O5'" . C   B 2 9  ? 2.523   5.180   16.569  1.00 150.33 ? 56  C   B "O5'" 1 
ATOM   1178 C  "C5'" . C   B 2 9  ? 2.270   6.218   17.501  1.00 143.43 ? 56  C   B "C5'" 1 
ATOM   1179 C  "C4'" . C   B 2 9  ? 1.019   5.972   18.308  1.00 156.43 ? 56  C   B "C4'" 1 
ATOM   1180 O  "O4'" . C   B 2 9  ? -0.146  5.961   17.440  1.00 155.73 ? 56  C   B "O4'" 1 
ATOM   1181 C  "C3'" . C   B 2 9  ? 0.982   4.623   19.005  1.00 164.76 ? 56  C   B "C3'" 1 
ATOM   1182 O  "O3'" . C   B 2 9  ? 1.695   4.692   20.229  1.00 159.92 ? 56  C   B "O3'" 1 
ATOM   1183 C  "C2'" . C   B 2 9  ? -0.509  4.340   19.145  1.00 160.83 ? 56  C   B "C2'" 1 
ATOM   1184 O  "O2'" . C   B 2 9  ? -1.052  5.035   20.255  1.00 154.85 ? 56  C   B "O2'" 1 
ATOM   1185 C  "C1'" . C   B 2 9  ? -1.059  4.968   17.862  1.00 161.54 ? 56  C   B "C1'" 1 
ATOM   1186 N  N1    . C   B 2 9  ? -1.289  4.024   16.740  1.00 152.31 ? 56  C   B N1    1 
ATOM   1187 C  C2    . C   B 2 9  ? -2.475  3.278   16.707  1.00 151.52 ? 56  C   B C2    1 
ATOM   1188 O  O2    . C   B 2 9  ? -3.270  3.371   17.653  1.00 154.34 ? 56  C   B O2    1 
ATOM   1189 N  N3    . C   B 2 9  ? -2.708  2.445   15.667  1.00 151.00 ? 56  C   B N3    1 
ATOM   1190 C  C4    . C   B 2 9  ? -1.833  2.361   14.664  1.00 150.52 ? 56  C   B C4    1 
ATOM   1191 N  N4    . C   B 2 9  ? -2.110  1.526   13.658  1.00 147.46 ? 56  C   B N4    1 
ATOM   1192 C  C5    . C   B 2 9  ? -0.636  3.132   14.654  1.00 149.10 ? 56  C   B C5    1 
ATOM   1193 C  C6    . C   B 2 9  ? -0.414  3.951   15.691  1.00 146.68 ? 56  C   B C6    1 
ATOM   1194 P  P     . A   B 2 10 ? 2.411   3.387   20.829  1.00 160.09 ? 57  A   B P     1 
ATOM   1195 O  OP1   . A   B 2 10 ? 2.951   3.748   22.160  1.00 173.95 ? 57  A   B OP1   1 
ATOM   1196 O  OP2   . A   B 2 10 ? 3.324   2.845   19.794  1.00 161.50 ? 57  A   B OP2   1 
ATOM   1197 O  "O5'" . A   B 2 10 ? 1.237   2.333   21.009  1.00 155.69 ? 57  A   B "O5'" 1 
ATOM   1198 C  "C5'" . A   B 2 10 ? 0.781   2.051   22.328  1.00 161.90 ? 57  A   B "C5'" 1 
ATOM   1199 C  "C4'" . A   B 2 10 ? -0.570  1.386   22.353  1.00 171.26 ? 57  A   B "C4'" 1 
ATOM   1200 O  "O4'" . A   B 2 10 ? -1.332  1.700   21.172  1.00 171.03 ? 57  A   B "O4'" 1 
ATOM   1201 C  "C3'" . A   B 2 10 ? -0.556  -0.126  22.411  1.00 169.75 ? 57  A   B "C3'" 1 
ATOM   1202 O  "O3'" . A   B 2 10 ? -0.252  -0.565  23.724  1.00 178.00 ? 57  A   B "O3'" 1 
ATOM   1203 C  "C2'" . A   B 2 10 ? -1.955  -0.478  21.897  1.00 162.43 ? 57  A   B "C2'" 1 
ATOM   1204 O  "O2'" . A   B 2 10 ? -2.923  -0.323  22.921  1.00 154.81 ? 57  A   B "O2'" 1 
ATOM   1205 C  "C1'" . A   B 2 10 ? -2.170  0.618   20.834  1.00 160.32 ? 57  A   B "C1'" 1 
ATOM   1206 N  N9    . A   B 2 10 ? -1.809  0.214   19.459  1.00 160.03 ? 57  A   B N9    1 
ATOM   1207 C  C8    . A   B 2 10 ? -0.636  0.588   18.852  1.00 159.30 ? 57  A   B C8    1 
ATOM   1208 N  N7    . A   B 2 10 ? -0.483  0.124   17.641  1.00 153.53 ? 57  A   B N7    1 
ATOM   1209 C  C5    . A   B 2 10 ? -1.630  -0.627  17.438  1.00 154.66 ? 57  A   B C5    1 
ATOM   1210 C  C6    . A   B 2 10 ? -2.059  -1.378  16.333  1.00 152.55 ? 57  A   B C6    1 
ATOM   1211 N  N6    . A   B 2 10 ? -1.355  -1.489  15.202  1.00 150.28 ? 57  A   B N6    1 
ATOM   1212 N  N1    . A   B 2 10 ? -3.245  -2.015  16.430  1.00 154.24 ? 57  A   B N1    1 
ATOM   1213 C  C2    . A   B 2 10 ? -3.943  -1.891  17.568  1.00 155.89 ? 57  A   B C2    1 
ATOM   1214 N  N3    . A   B 2 10 ? -3.642  -1.218  18.679  1.00 157.47 ? 57  A   B N3    1 
ATOM   1215 C  C4    . A   B 2 10 ? -2.444  -0.618  18.561  1.00 158.62 ? 57  A   B C4    1 
ATOM   1216 P  P     . A   B 2 11 ? 0.216   -2.070  24.021  1.00 191.97 ? 58  A   B P     1 
ATOM   1217 O  OP1   . A   B 2 11 ? 0.600   -2.144  25.457  1.00 185.12 ? 58  A   B OP1   1 
ATOM   1218 O  OP2   . A   B 2 11 ? 1.191   -2.494  22.980  1.00 172.58 ? 58  A   B OP2   1 
ATOM   1219 O  "O5'" . A   B 2 11 ? -1.125  -2.896  23.822  1.00 183.57 ? 58  A   B "O5'" 1 
ATOM   1220 C  "C5'" . A   B 2 11 ? -1.140  -4.303  23.672  1.00 177.23 ? 58  A   B "C5'" 1 
ATOM   1221 C  "C4'" . A   B 2 11 ? -2.434  -4.703  23.020  1.00 173.66 ? 58  A   B "C4'" 1 
ATOM   1222 O  "O4'" . A   B 2 11 ? -2.737  -3.768  21.959  1.00 166.53 ? 58  A   B "O4'" 1 
ATOM   1223 C  "C3'" . A   B 2 11 ? -2.477  -6.052  22.333  1.00 168.93 ? 58  A   B "C3'" 1 
ATOM   1224 O  "O3'" . A   B 2 11 ? -2.619  -7.134  23.236  1.00 174.51 ? 58  A   B "O3'" 1 
ATOM   1225 C  "C2'" . A   B 2 11 ? -3.640  -5.881  21.362  1.00 168.65 ? 58  A   B "C2'" 1 
ATOM   1226 O  "O2'" . A   B 2 11 ? -4.881  -6.003  22.041  1.00 174.07 ? 58  A   B "O2'" 1 
ATOM   1227 C  "C1'" . A   B 2 11 ? -3.465  -4.417  20.940  1.00 165.01 ? 58  A   B "C1'" 1 
ATOM   1228 N  N9    . A   B 2 11 ? -2.680  -4.319  19.696  1.00 160.48 ? 58  A   B N9    1 
ATOM   1229 C  C8    . A   B 2 11 ? -1.432  -3.766  19.540  1.00 160.46 ? 58  A   B C8    1 
ATOM   1230 N  N7    . A   B 2 11 ? -0.963  -3.859  18.320  1.00 159.86 ? 58  A   B N7    1 
ATOM   1231 C  C5    . A   B 2 11 ? -1.959  -4.541  17.634  1.00 163.18 ? 58  A   B C5    1 
ATOM   1232 C  C6    . A   B 2 11 ? -2.076  -4.957  16.295  1.00 162.98 ? 58  A   B C6    1 
ATOM   1233 N  N6    . A   B 2 11 ? -1.142  -4.738  15.367  1.00 159.02 ? 58  A   B N6    1 
ATOM   1234 N  N1    . A   B 2 11 ? -3.200  -5.614  15.934  1.00 161.54 ? 58  A   B N1    1 
ATOM   1235 C  C2    . A   B 2 11 ? -4.139  -5.830  16.861  1.00 158.66 ? 58  A   B C2    1 
ATOM   1236 N  N3    . A   B 2 11 ? -4.147  -5.492  18.148  1.00 157.08 ? 58  A   B N3    1 
ATOM   1237 C  C4    . A   B 2 11 ? -3.011  -4.853  18.477  1.00 159.83 ? 58  A   B C4    1 
HETATM 1238 MN MN    . MN  C 3 .  ? 2.283   2.011   1.669   1.00 94.55  ? 101 MN  A MN    1 
HETATM 1239 MN MN    . MN  D 3 .  ? 8.613   10.630  -7.753  1.00 129.88 ? 102 MN  A MN    1 
HETATM 1240 O  O     . HOH E 4 .  ? -1.049  -10.237 -9.731  1.00 74.10  ? 201 HOH A O     1 
HETATM 1241 O  O     . HOH F 4 .  ? 14.594  11.917  -1.566  1.00 92.10  ? 101 HOH B O     1 
# 
loop_
_pdbx_poly_seq_scheme.asym_id 
_pdbx_poly_seq_scheme.entity_id 
_pdbx_poly_seq_scheme.seq_id 
_pdbx_poly_seq_scheme.mon_id 
_pdbx_poly_seq_scheme.ndb_seq_num 
_pdbx_poly_seq_scheme.pdb_seq_num 
_pdbx_poly_seq_scheme.auth_seq_num 
_pdbx_poly_seq_scheme.pdb_mon_id 
_pdbx_poly_seq_scheme.auth_mon_id 
_pdbx_poly_seq_scheme.pdb_strand_id 
_pdbx_poly_seq_scheme.pdb_ins_code 
_pdbx_poly_seq_scheme.hetero 
A 1 1  C  1  1  1  C  C  A . n 
A 1 2  G  2  2  2  G  G  A . n 
A 1 3  U  3  3  3  U  U  A . n 
A 1 4  G  4  4  4  G  G  A . n 
A 1 5  G  5  5  5  G  G  A . n 
A 1 6  U  6  6  6  U  U  A . n 
A 1 7  U  7  7  7  U  U  A . n 
A 1 8  A  8  8  8  A  A  A . n 
A 1 9  G  9  9  9  G  G  A . n 
A 1 10 G  10 10 10 G  G  A . n 
A 1 11 G  11 11 11 G  G  A . n 
A 1 12 C  12 12 12 C  C  A . n 
A 1 13 C  13 13 13 C  C  A . n 
A 1 14 A  14 14 14 A  A  A . n 
A 1 15 C  15 15 15 C  C  A . n 
A 1 16 G  16 16 16 G  G  A . n 
A 1 17 U  17 17 17 U  U  A . n 
A 1 18 U  18 18 18 U  U  A . n 
A 1 19 A  19 19 19 A  A  A . n 
A 1 20 A  20 20 20 A  A  A . n 
A 1 21 A  21 21 21 A  A  A . n 
A 1 22 U  22 22 22 U  U  A . n 
A 1 23 A  23 23 23 A  A  A . n 
A 1 24 G  24 24 24 G  G  A . n 
A 1 25 U  25 25 25 U  U  A . n 
A 1 26 U  26 26 26 U  U  A . n 
A 1 27 G  27 27 27 G  G  A . n 
A 1 28 C  28 28 28 C  C  A . n 
A 1 29 U  29 29 29 U  U  A . n 
A 1 30 U  30 30 30 U  U  A . n 
A 1 31 A  31 31 31 A  A  A . n 
A 1 32 A  32 32 32 A  A  A . n 
A 1 33 G  33 33 33 G  G  A . n 
A 1 34 C  34 34 34 C  C  A . n 
A 1 35 C  35 35 35 C  C  A . n 
A 1 36 C  36 36 36 C  C  A . n 
A 1 37 U  37 37 37 U  U  A . n 
A 1 38 A  38 38 38 A  A  A . n 
A 1 39 A  39 39 39 A  A  A . n 
A 1 40 G  40 40 40 G  G  A . n 
A 1 41 C  41 41 41 C  C  A . n 
A 1 42 G  42 42 42 G  G  A . n 
A 1 43 U  43 43 43 U  U  A . n 
A 1 44 U  44 44 44 U  U  A . n 
A 1 45 G  45 45 45 G  G  A . n 
A 1 46 A  46 46 46 A  A  A . n 
A 1 47 U  47 47 47 U  U  A . n 
B 2 1  A  1  48 48 A  A  B . n 
B 2 2  U  2  49 49 U  U  B . n 
B 2 3  C  3  50 50 C  C  B . n 
B 2 4  A  4  51 51 A  A  B . n 
B 2 5  G  5  52 52 G  G  B . n 
B 2 6  DG 6  53 53 DG DG B . n 
B 2 7  U  7  54 54 U  U  B . n 
B 2 8  G  8  55 55 G  G  B . n 
B 2 9  C  9  56 56 C  C  B . n 
B 2 10 A  10 57 57 A  A  B . n 
B 2 11 A  11 58 58 A  A  B . n 
# 
loop_
_pdbx_nonpoly_scheme.asym_id 
_pdbx_nonpoly_scheme.entity_id 
_pdbx_nonpoly_scheme.mon_id 
_pdbx_nonpoly_scheme.ndb_seq_num 
_pdbx_nonpoly_scheme.pdb_seq_num 
_pdbx_nonpoly_scheme.auth_seq_num 
_pdbx_nonpoly_scheme.pdb_mon_id 
_pdbx_nonpoly_scheme.auth_mon_id 
_pdbx_nonpoly_scheme.pdb_strand_id 
_pdbx_nonpoly_scheme.pdb_ins_code 
C 3 MN  1 101 1 MN  MN  A . 
D 3 MN  1 102 2 MN  MN  A . 
E 4 HOH 1 201 2 HOH HOH A . 
F 4 HOH 1 101 1 HOH HOH B . 
# 
_pdbx_struct_assembly.id                   1 
_pdbx_struct_assembly.details              author_and_software_defined_assembly 
_pdbx_struct_assembly.method_details       PISA 
_pdbx_struct_assembly.oligomeric_details   dimeric 
_pdbx_struct_assembly.oligomeric_count     2 
# 
_pdbx_struct_assembly_gen.assembly_id       1 
_pdbx_struct_assembly_gen.oper_expression   1 
_pdbx_struct_assembly_gen.asym_id_list      A,B,C,D,E,F 
# 
loop_
_pdbx_struct_assembly_prop.biol_id 
_pdbx_struct_assembly_prop.type 
_pdbx_struct_assembly_prop.value 
_pdbx_struct_assembly_prop.details 
1 'ABSA (A^2)' 1640 ? 
1 MORE         -18  ? 
1 'SSA (A^2)'  9460 ? 
# 
_pdbx_struct_oper_list.id                   1 
_pdbx_struct_oper_list.type                 'identity operation' 
_pdbx_struct_oper_list.name                 1_555 
_pdbx_struct_oper_list.symmetry_operation   x,y,z 
_pdbx_struct_oper_list.matrix[1][1]         1.0000000000 
_pdbx_struct_oper_list.matrix[1][2]         0.0000000000 
_pdbx_struct_oper_list.matrix[1][3]         0.0000000000 
_pdbx_struct_oper_list.vector[1]            0.0000000000 
_pdbx_struct_oper_list.matrix[2][1]         0.0000000000 
_pdbx_struct_oper_list.matrix[2][2]         1.0000000000 
_pdbx_struct_oper_list.matrix[2][3]         0.0000000000 
_pdbx_struct_oper_list.vector[2]            0.0000000000 
_pdbx_struct_oper_list.matrix[3][1]         0.0000000000 
_pdbx_struct_oper_list.matrix[3][2]         0.0000000000 
_pdbx_struct_oper_list.matrix[3][3]         1.0000000000 
_pdbx_struct_oper_list.vector[3]            0.0000000000 
# 
_pdbx_struct_conn_angle.id                    1 
_pdbx_struct_conn_angle.ptnr1_label_atom_id   OP2 
_pdbx_struct_conn_angle.ptnr1_label_alt_id    ? 
_pdbx_struct_conn_angle.ptnr1_label_asym_id   A 
_pdbx_struct_conn_angle.ptnr1_label_comp_id   C 
_pdbx_struct_conn_angle.ptnr1_label_seq_id    41 
_pdbx_struct_conn_angle.ptnr1_auth_atom_id    ? 
_pdbx_struct_conn_angle.ptnr1_auth_asym_id    A 
_pdbx_struct_conn_angle.ptnr1_auth_comp_id    C 
_pdbx_struct_conn_angle.ptnr1_auth_seq_id     41 
_pdbx_struct_conn_angle.ptnr1_PDB_ins_code    ? 
_pdbx_struct_conn_angle.ptnr1_symmetry        1_555 
_pdbx_struct_conn_angle.ptnr2_label_atom_id   MN 
_pdbx_struct_conn_angle.ptnr2_label_alt_id    ? 
_pdbx_struct_conn_angle.ptnr2_label_asym_id   D 
_pdbx_struct_conn_angle.ptnr2_label_comp_id   MN 
_pdbx_struct_conn_angle.ptnr2_label_seq_id    . 
_pdbx_struct_conn_angle.ptnr2_auth_atom_id    ? 
_pdbx_struct_conn_angle.ptnr2_auth_asym_id    A 
_pdbx_struct_conn_angle.ptnr2_auth_comp_id    MN 
_pdbx_struct_conn_angle.ptnr2_auth_seq_id     102 
_pdbx_struct_conn_angle.ptnr2_PDB_ins_code    ? 
_pdbx_struct_conn_angle.ptnr2_symmetry        1_555 
_pdbx_struct_conn_angle.ptnr3_label_atom_id   OP2 
_pdbx_struct_conn_angle.ptnr3_label_alt_id    ? 
_pdbx_struct_conn_angle.ptnr3_label_asym_id   A 
_pdbx_struct_conn_angle.ptnr3_label_comp_id   G 
_pdbx_struct_conn_angle.ptnr3_label_seq_id    42 
_pdbx_struct_conn_angle.ptnr3_auth_atom_id    ? 
_pdbx_struct_conn_angle.ptnr3_auth_asym_id    A 
_pdbx_struct_conn_angle.ptnr3_auth_comp_id    G 
_pdbx_struct_conn_angle.ptnr3_auth_seq_id     42 
_pdbx_struct_conn_angle.ptnr3_PDB_ins_code    ? 
_pdbx_struct_conn_angle.ptnr3_symmetry        1_555 
_pdbx_struct_conn_angle.value                 66.3 
_pdbx_struct_conn_angle.value_esd             ? 
# 
loop_
_pdbx_audit_revision_history.ordinal 
_pdbx_audit_revision_history.data_content_type 
_pdbx_audit_revision_history.major_revision 
_pdbx_audit_revision_history.minor_revision 
_pdbx_audit_revision_history.revision_date 
1 'Structure model' 1 0 2016-07-13 
2 'Structure model' 1 1 2016-07-27 
3 'Structure model' 1 2 2016-08-31 
4 'Structure model' 1 3 2023-09-27 
# 
_pdbx_audit_revision_details.ordinal             1 
_pdbx_audit_revision_details.revision_ordinal    1 
_pdbx_audit_revision_details.data_content_type   'Structure model' 
_pdbx_audit_revision_details.provider            repository 
_pdbx_audit_revision_details.type                'Initial release' 
_pdbx_audit_revision_details.description         ? 
_pdbx_audit_revision_details.details             ? 
# 
loop_
_pdbx_audit_revision_group.ordinal 
_pdbx_audit_revision_group.revision_ordinal 
_pdbx_audit_revision_group.data_content_type 
_pdbx_audit_revision_group.group 
1 2 'Structure model' 'Database references'    
2 3 'Structure model' 'Database references'    
3 4 'Structure model' 'Data collection'        
4 4 'Structure model' 'Database references'    
5 4 'Structure model' 'Derived calculations'   
6 4 'Structure model' 'Refinement description' 
# 
loop_
_pdbx_audit_revision_category.ordinal 
_pdbx_audit_revision_category.revision_ordinal 
_pdbx_audit_revision_category.data_content_type 
_pdbx_audit_revision_category.category 
1 4 'Structure model' chem_comp_atom                
2 4 'Structure model' chem_comp_bond                
3 4 'Structure model' database_2                    
4 4 'Structure model' pdbx_initial_refinement_model 
5 4 'Structure model' pdbx_struct_oper_list         
# 
loop_
_pdbx_audit_revision_item.ordinal 
_pdbx_audit_revision_item.revision_ordinal 
_pdbx_audit_revision_item.data_content_type 
_pdbx_audit_revision_item.item 
1 4 'Structure model' '_database_2.pdbx_DOI'                      
2 4 'Structure model' '_database_2.pdbx_database_accession'       
3 4 'Structure model' '_pdbx_struct_oper_list.symmetry_operation' 
# 
loop_
_software.citation_id 
_software.classification 
_software.compiler_name 
_software.compiler_version 
_software.contact_author 
_software.contact_author_email 
_software.date 
_software.description 
_software.dependencies 
_software.hardware 
_software.language 
_software.location 
_software.mods 
_software.name 
_software.os 
_software.os_version 
_software.type 
_software.version 
_software.pdbx_ordinal 
? refinement       ? ? ? ? ? ? ? ? ? ? ? PHENIX ? ? ? . 1 
? 'data reduction' ? ? ? ? ? ? ? ? ? ? ? XDS    ? ? ? . 2 
? 'data scaling'   ? ? ? ? ? ? ? ? ? ? ? XDS    ? ? ? . 3 
? phasing          ? ? ? ? ? ? ? ? ? ? ? PHASER ? ? ? . 4 
# 
loop_
_pdbx_validate_rmsd_angle.id 
_pdbx_validate_rmsd_angle.PDB_model_num 
_pdbx_validate_rmsd_angle.auth_atom_id_1 
_pdbx_validate_rmsd_angle.auth_asym_id_1 
_pdbx_validate_rmsd_angle.auth_comp_id_1 
_pdbx_validate_rmsd_angle.auth_seq_id_1 
_pdbx_validate_rmsd_angle.PDB_ins_code_1 
_pdbx_validate_rmsd_angle.label_alt_id_1 
_pdbx_validate_rmsd_angle.auth_atom_id_2 
_pdbx_validate_rmsd_angle.auth_asym_id_2 
_pdbx_validate_rmsd_angle.auth_comp_id_2 
_pdbx_validate_rmsd_angle.auth_seq_id_2 
_pdbx_validate_rmsd_angle.PDB_ins_code_2 
_pdbx_validate_rmsd_angle.label_alt_id_2 
_pdbx_validate_rmsd_angle.auth_atom_id_3 
_pdbx_validate_rmsd_angle.auth_asym_id_3 
_pdbx_validate_rmsd_angle.auth_comp_id_3 
_pdbx_validate_rmsd_angle.auth_seq_id_3 
_pdbx_validate_rmsd_angle.PDB_ins_code_3 
_pdbx_validate_rmsd_angle.label_alt_id_3 
_pdbx_validate_rmsd_angle.angle_value 
_pdbx_validate_rmsd_angle.angle_target_value 
_pdbx_validate_rmsd_angle.angle_deviation 
_pdbx_validate_rmsd_angle.angle_standard_deviation 
_pdbx_validate_rmsd_angle.linker_flag 
1 1 "O4'" A U 18 ? ? "C1'" A U 18 ? ? N1 A U 18 ? ? 102.64 108.20 -5.56 0.80 N 
2 1 "O4'" A A 19 ? ? "C1'" A A 19 ? ? N9 A A 19 ? ? 115.23 108.50 6.73  0.70 N 
# 
loop_
_chem_comp_atom.comp_id 
_chem_comp_atom.atom_id 
_chem_comp_atom.type_symbol 
_chem_comp_atom.pdbx_aromatic_flag 
_chem_comp_atom.pdbx_stereo_config 
_chem_comp_atom.pdbx_ordinal 
A   OP3    O  N N 1   
A   P      P  N N 2   
A   OP1    O  N N 3   
A   OP2    O  N N 4   
A   "O5'"  O  N N 5   
A   "C5'"  C  N N 6   
A   "C4'"  C  N R 7   
A   "O4'"  O  N N 8   
A   "C3'"  C  N S 9   
A   "O3'"  O  N N 10  
A   "C2'"  C  N R 11  
A   "O2'"  O  N N 12  
A   "C1'"  C  N R 13  
A   N9     N  Y N 14  
A   C8     C  Y N 15  
A   N7     N  Y N 16  
A   C5     C  Y N 17  
A   C6     C  Y N 18  
A   N6     N  N N 19  
A   N1     N  Y N 20  
A   C2     C  Y N 21  
A   N3     N  Y N 22  
A   C4     C  Y N 23  
A   HOP3   H  N N 24  
A   HOP2   H  N N 25  
A   "H5'"  H  N N 26  
A   "H5''" H  N N 27  
A   "H4'"  H  N N 28  
A   "H3'"  H  N N 29  
A   "HO3'" H  N N 30  
A   "H2'"  H  N N 31  
A   "HO2'" H  N N 32  
A   "H1'"  H  N N 33  
A   H8     H  N N 34  
A   H61    H  N N 35  
A   H62    H  N N 36  
A   H2     H  N N 37  
C   OP3    O  N N 38  
C   P      P  N N 39  
C   OP1    O  N N 40  
C   OP2    O  N N 41  
C   "O5'"  O  N N 42  
C   "C5'"  C  N N 43  
C   "C4'"  C  N R 44  
C   "O4'"  O  N N 45  
C   "C3'"  C  N S 46  
C   "O3'"  O  N N 47  
C   "C2'"  C  N R 48  
C   "O2'"  O  N N 49  
C   "C1'"  C  N R 50  
C   N1     N  N N 51  
C   C2     C  N N 52  
C   O2     O  N N 53  
C   N3     N  N N 54  
C   C4     C  N N 55  
C   N4     N  N N 56  
C   C5     C  N N 57  
C   C6     C  N N 58  
C   HOP3   H  N N 59  
C   HOP2   H  N N 60  
C   "H5'"  H  N N 61  
C   "H5''" H  N N 62  
C   "H4'"  H  N N 63  
C   "H3'"  H  N N 64  
C   "HO3'" H  N N 65  
C   "H2'"  H  N N 66  
C   "HO2'" H  N N 67  
C   "H1'"  H  N N 68  
C   H41    H  N N 69  
C   H42    H  N N 70  
C   H5     H  N N 71  
C   H6     H  N N 72  
DG  OP3    O  N N 73  
DG  P      P  N N 74  
DG  OP1    O  N N 75  
DG  OP2    O  N N 76  
DG  "O5'"  O  N N 77  
DG  "C5'"  C  N N 78  
DG  "C4'"  C  N R 79  
DG  "O4'"  O  N N 80  
DG  "C3'"  C  N S 81  
DG  "O3'"  O  N N 82  
DG  "C2'"  C  N N 83  
DG  "C1'"  C  N R 84  
DG  N9     N  Y N 85  
DG  C8     C  Y N 86  
DG  N7     N  Y N 87  
DG  C5     C  Y N 88  
DG  C6     C  N N 89  
DG  O6     O  N N 90  
DG  N1     N  N N 91  
DG  C2     C  N N 92  
DG  N2     N  N N 93  
DG  N3     N  N N 94  
DG  C4     C  Y N 95  
DG  HOP3   H  N N 96  
DG  HOP2   H  N N 97  
DG  "H5'"  H  N N 98  
DG  "H5''" H  N N 99  
DG  "H4'"  H  N N 100 
DG  "H3'"  H  N N 101 
DG  "HO3'" H  N N 102 
DG  "H2'"  H  N N 103 
DG  "H2''" H  N N 104 
DG  "H1'"  H  N N 105 
DG  H8     H  N N 106 
DG  H1     H  N N 107 
DG  H21    H  N N 108 
DG  H22    H  N N 109 
G   OP3    O  N N 110 
G   P      P  N N 111 
G   OP1    O  N N 112 
G   OP2    O  N N 113 
G   "O5'"  O  N N 114 
G   "C5'"  C  N N 115 
G   "C4'"  C  N R 116 
G   "O4'"  O  N N 117 
G   "C3'"  C  N S 118 
G   "O3'"  O  N N 119 
G   "C2'"  C  N R 120 
G   "O2'"  O  N N 121 
G   "C1'"  C  N R 122 
G   N9     N  Y N 123 
G   C8     C  Y N 124 
G   N7     N  Y N 125 
G   C5     C  Y N 126 
G   C6     C  N N 127 
G   O6     O  N N 128 
G   N1     N  N N 129 
G   C2     C  N N 130 
G   N2     N  N N 131 
G   N3     N  N N 132 
G   C4     C  Y N 133 
G   HOP3   H  N N 134 
G   HOP2   H  N N 135 
G   "H5'"  H  N N 136 
G   "H5''" H  N N 137 
G   "H4'"  H  N N 138 
G   "H3'"  H  N N 139 
G   "HO3'" H  N N 140 
G   "H2'"  H  N N 141 
G   "HO2'" H  N N 142 
G   "H1'"  H  N N 143 
G   H8     H  N N 144 
G   H1     H  N N 145 
G   H21    H  N N 146 
G   H22    H  N N 147 
HOH O      O  N N 148 
HOH H1     H  N N 149 
HOH H2     H  N N 150 
MN  MN     MN N N 151 
U   OP3    O  N N 152 
U   P      P  N N 153 
U   OP1    O  N N 154 
U   OP2    O  N N 155 
U   "O5'"  O  N N 156 
U   "C5'"  C  N N 157 
U   "C4'"  C  N R 158 
U   "O4'"  O  N N 159 
U   "C3'"  C  N S 160 
U   "O3'"  O  N N 161 
U   "C2'"  C  N R 162 
U   "O2'"  O  N N 163 
U   "C1'"  C  N R 164 
U   N1     N  N N 165 
U   C2     C  N N 166 
U   O2     O  N N 167 
U   N3     N  N N 168 
U   C4     C  N N 169 
U   O4     O  N N 170 
U   C5     C  N N 171 
U   C6     C  N N 172 
U   HOP3   H  N N 173 
U   HOP2   H  N N 174 
U   "H5'"  H  N N 175 
U   "H5''" H  N N 176 
U   "H4'"  H  N N 177 
U   "H3'"  H  N N 178 
U   "HO3'" H  N N 179 
U   "H2'"  H  N N 180 
U   "HO2'" H  N N 181 
U   "H1'"  H  N N 182 
U   H3     H  N N 183 
U   H5     H  N N 184 
U   H6     H  N N 185 
# 
loop_
_chem_comp_bond.comp_id 
_chem_comp_bond.atom_id_1 
_chem_comp_bond.atom_id_2 
_chem_comp_bond.value_order 
_chem_comp_bond.pdbx_aromatic_flag 
_chem_comp_bond.pdbx_stereo_config 
_chem_comp_bond.pdbx_ordinal 
A   OP3   P      sing N N 1   
A   OP3   HOP3   sing N N 2   
A   P     OP1    doub N N 3   
A   P     OP2    sing N N 4   
A   P     "O5'"  sing N N 5   
A   OP2   HOP2   sing N N 6   
A   "O5'" "C5'"  sing N N 7   
A   "C5'" "C4'"  sing N N 8   
A   "C5'" "H5'"  sing N N 9   
A   "C5'" "H5''" sing N N 10  
A   "C4'" "O4'"  sing N N 11  
A   "C4'" "C3'"  sing N N 12  
A   "C4'" "H4'"  sing N N 13  
A   "O4'" "C1'"  sing N N 14  
A   "C3'" "O3'"  sing N N 15  
A   "C3'" "C2'"  sing N N 16  
A   "C3'" "H3'"  sing N N 17  
A   "O3'" "HO3'" sing N N 18  
A   "C2'" "O2'"  sing N N 19  
A   "C2'" "C1'"  sing N N 20  
A   "C2'" "H2'"  sing N N 21  
A   "O2'" "HO2'" sing N N 22  
A   "C1'" N9     sing N N 23  
A   "C1'" "H1'"  sing N N 24  
A   N9    C8     sing Y N 25  
A   N9    C4     sing Y N 26  
A   C8    N7     doub Y N 27  
A   C8    H8     sing N N 28  
A   N7    C5     sing Y N 29  
A   C5    C6     sing Y N 30  
A   C5    C4     doub Y N 31  
A   C6    N6     sing N N 32  
A   C6    N1     doub Y N 33  
A   N6    H61    sing N N 34  
A   N6    H62    sing N N 35  
A   N1    C2     sing Y N 36  
A   C2    N3     doub Y N 37  
A   C2    H2     sing N N 38  
A   N3    C4     sing Y N 39  
C   OP3   P      sing N N 40  
C   OP3   HOP3   sing N N 41  
C   P     OP1    doub N N 42  
C   P     OP2    sing N N 43  
C   P     "O5'"  sing N N 44  
C   OP2   HOP2   sing N N 45  
C   "O5'" "C5'"  sing N N 46  
C   "C5'" "C4'"  sing N N 47  
C   "C5'" "H5'"  sing N N 48  
C   "C5'" "H5''" sing N N 49  
C   "C4'" "O4'"  sing N N 50  
C   "C4'" "C3'"  sing N N 51  
C   "C4'" "H4'"  sing N N 52  
C   "O4'" "C1'"  sing N N 53  
C   "C3'" "O3'"  sing N N 54  
C   "C3'" "C2'"  sing N N 55  
C   "C3'" "H3'"  sing N N 56  
C   "O3'" "HO3'" sing N N 57  
C   "C2'" "O2'"  sing N N 58  
C   "C2'" "C1'"  sing N N 59  
C   "C2'" "H2'"  sing N N 60  
C   "O2'" "HO2'" sing N N 61  
C   "C1'" N1     sing N N 62  
C   "C1'" "H1'"  sing N N 63  
C   N1    C2     sing N N 64  
C   N1    C6     sing N N 65  
C   C2    O2     doub N N 66  
C   C2    N3     sing N N 67  
C   N3    C4     doub N N 68  
C   C4    N4     sing N N 69  
C   C4    C5     sing N N 70  
C   N4    H41    sing N N 71  
C   N4    H42    sing N N 72  
C   C5    C6     doub N N 73  
C   C5    H5     sing N N 74  
C   C6    H6     sing N N 75  
DG  OP3   P      sing N N 76  
DG  OP3   HOP3   sing N N 77  
DG  P     OP1    doub N N 78  
DG  P     OP2    sing N N 79  
DG  P     "O5'"  sing N N 80  
DG  OP2   HOP2   sing N N 81  
DG  "O5'" "C5'"  sing N N 82  
DG  "C5'" "C4'"  sing N N 83  
DG  "C5'" "H5'"  sing N N 84  
DG  "C5'" "H5''" sing N N 85  
DG  "C4'" "O4'"  sing N N 86  
DG  "C4'" "C3'"  sing N N 87  
DG  "C4'" "H4'"  sing N N 88  
DG  "O4'" "C1'"  sing N N 89  
DG  "C3'" "O3'"  sing N N 90  
DG  "C3'" "C2'"  sing N N 91  
DG  "C3'" "H3'"  sing N N 92  
DG  "O3'" "HO3'" sing N N 93  
DG  "C2'" "C1'"  sing N N 94  
DG  "C2'" "H2'"  sing N N 95  
DG  "C2'" "H2''" sing N N 96  
DG  "C1'" N9     sing N N 97  
DG  "C1'" "H1'"  sing N N 98  
DG  N9    C8     sing Y N 99  
DG  N9    C4     sing Y N 100 
DG  C8    N7     doub Y N 101 
DG  C8    H8     sing N N 102 
DG  N7    C5     sing Y N 103 
DG  C5    C6     sing N N 104 
DG  C5    C4     doub Y N 105 
DG  C6    O6     doub N N 106 
DG  C6    N1     sing N N 107 
DG  N1    C2     sing N N 108 
DG  N1    H1     sing N N 109 
DG  C2    N2     sing N N 110 
DG  C2    N3     doub N N 111 
DG  N2    H21    sing N N 112 
DG  N2    H22    sing N N 113 
DG  N3    C4     sing N N 114 
G   OP3   P      sing N N 115 
G   OP3   HOP3   sing N N 116 
G   P     OP1    doub N N 117 
G   P     OP2    sing N N 118 
G   P     "O5'"  sing N N 119 
G   OP2   HOP2   sing N N 120 
G   "O5'" "C5'"  sing N N 121 
G   "C5'" "C4'"  sing N N 122 
G   "C5'" "H5'"  sing N N 123 
G   "C5'" "H5''" sing N N 124 
G   "C4'" "O4'"  sing N N 125 
G   "C4'" "C3'"  sing N N 126 
G   "C4'" "H4'"  sing N N 127 
G   "O4'" "C1'"  sing N N 128 
G   "C3'" "O3'"  sing N N 129 
G   "C3'" "C2'"  sing N N 130 
G   "C3'" "H3'"  sing N N 131 
G   "O3'" "HO3'" sing N N 132 
G   "C2'" "O2'"  sing N N 133 
G   "C2'" "C1'"  sing N N 134 
G   "C2'" "H2'"  sing N N 135 
G   "O2'" "HO2'" sing N N 136 
G   "C1'" N9     sing N N 137 
G   "C1'" "H1'"  sing N N 138 
G   N9    C8     sing Y N 139 
G   N9    C4     sing Y N 140 
G   C8    N7     doub Y N 141 
G   C8    H8     sing N N 142 
G   N7    C5     sing Y N 143 
G   C5    C6     sing N N 144 
G   C5    C4     doub Y N 145 
G   C6    O6     doub N N 146 
G   C6    N1     sing N N 147 
G   N1    C2     sing N N 148 
G   N1    H1     sing N N 149 
G   C2    N2     sing N N 150 
G   C2    N3     doub N N 151 
G   N2    H21    sing N N 152 
G   N2    H22    sing N N 153 
G   N3    C4     sing N N 154 
HOH O     H1     sing N N 155 
HOH O     H2     sing N N 156 
U   OP3   P      sing N N 157 
U   OP3   HOP3   sing N N 158 
U   P     OP1    doub N N 159 
U   P     OP2    sing N N 160 
U   P     "O5'"  sing N N 161 
U   OP2   HOP2   sing N N 162 
U   "O5'" "C5'"  sing N N 163 
U   "C5'" "C4'"  sing N N 164 
U   "C5'" "H5'"  sing N N 165 
U   "C5'" "H5''" sing N N 166 
U   "C4'" "O4'"  sing N N 167 
U   "C4'" "C3'"  sing N N 168 
U   "C4'" "H4'"  sing N N 169 
U   "O4'" "C1'"  sing N N 170 
U   "C3'" "O3'"  sing N N 171 
U   "C3'" "C2'"  sing N N 172 
U   "C3'" "H3'"  sing N N 173 
U   "O3'" "HO3'" sing N N 174 
U   "C2'" "O2'"  sing N N 175 
U   "C2'" "C1'"  sing N N 176 
U   "C2'" "H2'"  sing N N 177 
U   "O2'" "HO2'" sing N N 178 
U   "C1'" N1     sing N N 179 
U   "C1'" "H1'"  sing N N 180 
U   N1    C2     sing N N 181 
U   N1    C6     sing N N 182 
U   C2    O2     doub N N 183 
U   C2    N3     sing N N 184 
U   N3    C4     sing N N 185 
U   N3    H3     sing N N 186 
U   C4    O4     doub N N 187 
U   C4    C5     sing N N 188 
U   C5    C6     doub N N 189 
U   C5    H5     sing N N 190 
U   C6    H6     sing N N 191 
# 
loop_
_ndb_struct_conf_na.entry_id 
_ndb_struct_conf_na.feature 
5K7E 'double helix'        
5K7E 'a-form double helix' 
5K7E 'bulge loop'          
5K7E 'triple helix'        
# 
loop_
_ndb_struct_na_base_pair.model_number 
_ndb_struct_na_base_pair.i_label_asym_id 
_ndb_struct_na_base_pair.i_label_comp_id 
_ndb_struct_na_base_pair.i_label_seq_id 
_ndb_struct_na_base_pair.i_symmetry 
_ndb_struct_na_base_pair.j_label_asym_id 
_ndb_struct_na_base_pair.j_label_comp_id 
_ndb_struct_na_base_pair.j_label_seq_id 
_ndb_struct_na_base_pair.j_symmetry 
_ndb_struct_na_base_pair.shear 
_ndb_struct_na_base_pair.stretch 
_ndb_struct_na_base_pair.stagger 
_ndb_struct_na_base_pair.buckle 
_ndb_struct_na_base_pair.propeller 
_ndb_struct_na_base_pair.opening 
_ndb_struct_na_base_pair.pair_number 
_ndb_struct_na_base_pair.pair_name 
_ndb_struct_na_base_pair.i_auth_asym_id 
_ndb_struct_na_base_pair.i_auth_seq_id 
_ndb_struct_na_base_pair.i_PDB_ins_code 
_ndb_struct_na_base_pair.j_auth_asym_id 
_ndb_struct_na_base_pair.j_auth_seq_id 
_ndb_struct_na_base_pair.j_PDB_ins_code 
_ndb_struct_na_base_pair.hbond_type_28 
_ndb_struct_na_base_pair.hbond_type_12 
1 A C 1  1_555 A G  16 1_555 0.178  -0.282 -0.645 -8.818 -1.258  -0.409 1  A_C1:G16_A   A 1  ? A 16 ? 19 1 
1 A G 2  1_555 A C  15 1_555 -0.035 -0.092 -0.120 -7.460 -8.083  0.212  2  A_G2:C15_A   A 2  ? A 15 ? 19 1 
1 A U 3  1_555 A A  14 1_555 -0.104 -0.137 -0.069 -4.375 -5.674  3.588  3  A_U3:A14_A   A 3  ? A 14 ? 20 1 
1 A G 4  1_555 A C  13 1_555 -0.195 -0.140 0.074  -3.110 -6.802  1.662  4  A_G4:C13_A   A 4  ? A 13 ? 19 1 
1 A G 5  1_555 A C  12 1_555 -0.131 -0.164 0.381  5.978  -3.127  -1.560 5  A_G5:C12_A   A 5  ? A 12 ? 19 1 
1 A C 34 1_555 A G  11 1_555 0.286  -0.142 -0.634 16.030 -15.762 5.261  6  A_C34:G11_A  A 34 ? A 11 ? 19 1 
1 A C 35 1_555 A G  10 1_555 0.092  -0.112 -0.297 2.841  -4.530  0.276  7  A_C35:G10_A  A 35 ? A 10 ? 19 1 
1 A C 36 1_555 A G  9  1_555 0.208  -0.193 0.110  -5.722 6.096   1.680  8  A_C36:G9_A   A 36 ? A 9  ? 19 1 
1 A U 37 1_555 A A  8  1_555 -0.015 -0.148 0.117  -2.591 10.223  2.641  9  A_U37:A8_A   A 37 ? A 8  ? 20 1 
1 A A 38 1_555 A U  7  1_555 0.102  -0.131 0.315  -1.495 -2.248  0.884  10 A_A38:U7_A   A 38 ? A 7  ? 20 1 
1 A A 39 1_555 A U  6  1_555 0.000  -0.116 0.431  -6.193 -2.310  0.539  11 A_A39:U6_A   A 39 ? A 6  ? 20 1 
1 A C 41 1_555 A G  33 1_555 0.130  -0.109 -0.224 3.211  -2.796  0.633  12 A_C41:G33_A  A 41 ? A 33 ? 19 1 
1 A U 25 1_555 B A  11 1_555 -0.348 0.133  -0.734 8.956  -12.961 9.714  13 A_U25:A58_B  A 25 ? B 58 ? 20 1 
1 A G 27 1_555 B C  9  1_555 -0.291 -0.148 -0.375 7.423  14.729  7.519  14 A_G27:C56_B  A 27 ? B 56 ? 19 1 
1 A C 28 1_555 B G  8  1_555 0.136  -0.257 -0.499 13.622 5.646   6.799  15 A_C28:G55_B  A 28 ? B 55 ? 19 1 
1 A U 29 1_555 B U  7  1_555 1.965  -2.109 0.177  10.557 -8.373  4.486  16 A_U29:U54_B  A 29 ? B 54 ? 16 1 
1 A U 43 1_555 B DG 6  1_555 -4.507 -0.334 1.794  4.208  13.753  43.628 17 A_U43:DG53_B A 43 ? B 53 ? ?  ? 
1 A U 44 1_555 B A  4  1_555 0.127  0.349  -1.076 12.025 -4.222  9.897  18 A_U44:A51_B  A 44 ? B 51 ? ?  ? 
1 A G 45 1_555 B C  3  1_555 0.426  0.346  -0.201 -5.741 -6.184  14.966 19 A_G45:C50_B  A 45 ? B 50 ? ?  1 
1 A A 46 1_555 B U  2  1_555 0.008  0.767  0.194  -0.175 -5.521  20.750 20 A_A46:U49_B  A 46 ? B 49 ? ?  ? 
# 
loop_
_ndb_struct_na_base_pair_step.model_number 
_ndb_struct_na_base_pair_step.i_label_asym_id_1 
_ndb_struct_na_base_pair_step.i_label_comp_id_1 
_ndb_struct_na_base_pair_step.i_label_seq_id_1 
_ndb_struct_na_base_pair_step.i_symmetry_1 
_ndb_struct_na_base_pair_step.j_label_asym_id_1 
_ndb_struct_na_base_pair_step.j_label_comp_id_1 
_ndb_struct_na_base_pair_step.j_label_seq_id_1 
_ndb_struct_na_base_pair_step.j_symmetry_1 
_ndb_struct_na_base_pair_step.i_label_asym_id_2 
_ndb_struct_na_base_pair_step.i_label_comp_id_2 
_ndb_struct_na_base_pair_step.i_label_seq_id_2 
_ndb_struct_na_base_pair_step.i_symmetry_2 
_ndb_struct_na_base_pair_step.j_label_asym_id_2 
_ndb_struct_na_base_pair_step.j_label_comp_id_2 
_ndb_struct_na_base_pair_step.j_label_seq_id_2 
_ndb_struct_na_base_pair_step.j_symmetry_2 
_ndb_struct_na_base_pair_step.shift 
_ndb_struct_na_base_pair_step.slide 
_ndb_struct_na_base_pair_step.rise 
_ndb_struct_na_base_pair_step.tilt 
_ndb_struct_na_base_pair_step.roll 
_ndb_struct_na_base_pair_step.twist 
_ndb_struct_na_base_pair_step.x_displacement 
_ndb_struct_na_base_pair_step.y_displacement 
_ndb_struct_na_base_pair_step.helical_rise 
_ndb_struct_na_base_pair_step.inclination 
_ndb_struct_na_base_pair_step.tip 
_ndb_struct_na_base_pair_step.helical_twist 
_ndb_struct_na_base_pair_step.step_number 
_ndb_struct_na_base_pair_step.step_name 
_ndb_struct_na_base_pair_step.i_auth_asym_id_1 
_ndb_struct_na_base_pair_step.i_auth_seq_id_1 
_ndb_struct_na_base_pair_step.i_PDB_ins_code_1 
_ndb_struct_na_base_pair_step.j_auth_asym_id_1 
_ndb_struct_na_base_pair_step.j_auth_seq_id_1 
_ndb_struct_na_base_pair_step.j_PDB_ins_code_1 
_ndb_struct_na_base_pair_step.i_auth_asym_id_2 
_ndb_struct_na_base_pair_step.i_auth_seq_id_2 
_ndb_struct_na_base_pair_step.i_PDB_ins_code_2 
_ndb_struct_na_base_pair_step.j_auth_asym_id_2 
_ndb_struct_na_base_pair_step.j_auth_seq_id_2 
_ndb_struct_na_base_pair_step.j_PDB_ins_code_2 
1 A C 1  1_555 A G  16 1_555 A G 2  1_555 A C 15 1_555 -0.155 -1.749 3.396 -4.316  10.578 27.394 -5.534 -0.559 2.554 21.204 8.651  
29.638 1  AA_C1G2:C15G16_AA    A 1  ? A 16 ? A 2  ? A 15 ? 
1 A G 2  1_555 A C  15 1_555 A U 3  1_555 A A 14 1_555 0.057  -1.165 3.353 -2.949  3.250  32.672 -2.610 -0.605 3.208 5.745  5.213  
32.958 2  AA_G2U3:A14C15_AA    A 2  ? A 15 ? A 3  ? A 14 ? 
1 A U 3  1_555 A A  14 1_555 A G 4  1_555 A C 13 1_555 -0.031 -1.590 3.084 -1.951  12.832 30.720 -4.598 -0.222 2.256 22.978 3.494  
33.288 3  AA_U3G4:C13A14_AA    A 3  ? A 14 ? A 4  ? A 13 ? 
1 A G 4  1_555 A C  13 1_555 A G 5  1_555 A C 12 1_555 -1.082 -2.045 3.167 -2.663  3.723  25.294 -5.584 1.728  2.937 8.415  6.019  
25.699 4  AA_G4G5:C12C13_AA    A 4  ? A 13 ? A 5  ? A 12 ? 
1 A G 5  1_555 A C  12 1_555 A C 34 1_555 A G 11 1_555 -1.355 -0.490 3.008 3.905   -1.066 50.830 -0.503 1.820  2.913 -1.240 -4.541 
50.981 5  AA_G5C34:G11C12_AA   A 5  ? A 12 ? A 34 ? A 11 ? 
1 A C 34 1_555 A G  11 1_555 A C 35 1_555 A G 10 1_555 -0.797 -2.041 3.421 -5.254  16.442 31.205 -5.553 0.598  2.208 28.040 8.961  
35.557 6  AA_C34C35:G10G11_AA  A 34 ? A 11 ? A 35 ? A 10 ? 
1 A C 35 1_555 A G  10 1_555 A C 36 1_555 A G 9  1_555 -0.762 -1.748 3.378 -6.387  13.729 29.306 -5.302 0.313  2.448 25.131 11.692 
32.911 7  AA_C35C36:G9G10_AA   A 35 ? A 10 ? A 36 ? A 9  ? 
1 A C 36 1_555 A G  9  1_555 A U 37 1_555 A A 8  1_555 -0.192 -1.376 3.069 0.390   12.197 32.307 -3.962 0.376  2.405 21.008 -0.672 
34.478 8  AA_C36U37:A8G9_AA    A 36 ? A 9  ? A 37 ? A 8  ? 
1 A U 37 1_555 A A  8  1_555 A A 38 1_555 A U 7  1_555 0.414  -1.524 2.929 2.442   17.935 35.459 -3.915 -0.382 1.986 27.360 -3.725 
39.679 9  AA_U37A38:U7A8_AA    A 37 ? A 8  ? A 38 ? A 7  ? 
1 A A 38 1_555 A U  7  1_555 A A 39 1_555 A U 6  1_555 1.579  -2.345 3.177 4.213   10.737 30.691 -5.803 -2.157 2.431 19.445 -7.630 
32.738 10 AA_A38A39:U6U7_AA    A 38 ? A 7  ? A 39 ? A 6  ? 
1 A A 39 1_555 A U  6  1_555 A C 41 1_555 A G 33 1_555 -1.661 -3.141 2.785 5.148   0.931  62.576 -3.050 1.786  2.612 0.895  -4.947 
62.772 11 AA_A39C41:G33U6_AA   A 39 ? A 6  ? A 41 ? A 33 ? 
1 A U 25 1_555 B A  11 1_555 A G 27 1_555 B C 9  1_555 -0.950 -2.951 6.376 -14.074 25.066 54.149 -5.133 -0.306 4.814 25.619 14.384 
60.793 12 AA_U25G27:C56A58_BB  A 25 ? B 58 ? A 27 ? B 56 ? 
1 A G 27 1_555 B C  9  1_555 A C 28 1_555 B G 8  1_555 0.392  -1.477 3.216 -1.789  7.086  32.082 -3.740 -0.977 2.810 12.617 3.186  
32.882 13 AA_G27C28:G55C56_BB  A 27 ? B 56 ? A 28 ? B 55 ? 
1 A C 28 1_555 B G  8  1_555 A U 29 1_555 B U 7  1_555 -0.036 -1.449 3.171 -4.297  5.253  39.117 -2.712 -0.419 2.947 7.774  6.360  
39.678 14 AA_C28U29:U54G55_BB  A 28 ? B 55 ? A 29 ? B 54 ? 
1 A U 43 1_555 B DG 6  1_555 A U 44 1_555 B A 4  1_555 -0.335 -1.324 5.482 -3.498  10.516 51.053 -2.654 -0.001 5.145 12.039 4.004  
52.163 15 AA_U43U44:A51DG53_BB A 43 ? B 53 ? A 44 ? B 51 ? 
1 A U 44 1_555 B A  4  1_555 A G 45 1_555 B C 3  1_555 -0.273 -1.000 3.779 -4.047  15.967 32.573 -4.039 -0.180 2.996 26.462 6.708  
36.400 16 AA_U44G45:C50A51_BB  A 44 ? B 51 ? A 45 ? B 50 ? 
1 A G 45 1_555 B C  3  1_555 A A 46 1_555 B U 2  1_555 0.498  -1.345 2.859 -1.736  7.626  28.853 -3.904 -1.261 2.399 14.961 3.405  
29.872 17 AA_G45A46:U49C50_BB  A 45 ? B 50 ? A 46 ? B 49 ? 
# 
loop_
_pdbx_entity_nonpoly.entity_id 
_pdbx_entity_nonpoly.name 
_pdbx_entity_nonpoly.comp_id 
3 'MANGANESE (II) ION' MN  
4 water                HOH 
# 
_pdbx_initial_refinement_model.id               1 
_pdbx_initial_refinement_model.entity_id_list   ? 
_pdbx_initial_refinement_model.type             'experimental model' 
_pdbx_initial_refinement_model.source_name      PDB 
_pdbx_initial_refinement_model.accession_code   5K7D 
_pdbx_initial_refinement_model.details          ? 
# 
